data_3EUS
# 
_entry.id   3EUS 
# 
_audit_conform.dict_name       mmcif_pdbx.dic 
_audit_conform.dict_version    5.383 
_audit_conform.dict_location   http://mmcif.pdb.org/dictionaries/ascii/mmcif_pdbx.dic 
# 
loop_
_database_2.database_id 
_database_2.database_code 
_database_2.pdbx_database_accession 
_database_2.pdbx_DOI 
PDB   3EUS         pdb_00003eus 10.2210/pdb3eus/pdb 
RCSB  RCSB049792   ?            ?                   
WWPDB D_1000049792 ?            ?                   
# 
loop_
_pdbx_audit_revision_history.ordinal 
_pdbx_audit_revision_history.data_content_type 
_pdbx_audit_revision_history.major_revision 
_pdbx_audit_revision_history.minor_revision 
_pdbx_audit_revision_history.revision_date 
1 'Structure model' 1 0 2008-11-25 
2 'Structure model' 1 1 2011-07-13 
3 'Structure model' 1 2 2017-10-25 
4 'Structure model' 1 3 2023-12-27 
# 
_pdbx_audit_revision_details.ordinal             1 
_pdbx_audit_revision_details.revision_ordinal    1 
_pdbx_audit_revision_details.data_content_type   'Structure model' 
_pdbx_audit_revision_details.provider            repository 
_pdbx_audit_revision_details.type                'Initial release' 
_pdbx_audit_revision_details.description         ? 
_pdbx_audit_revision_details.details             ? 
# 
loop_
_pdbx_audit_revision_group.ordinal 
_pdbx_audit_revision_group.revision_ordinal 
_pdbx_audit_revision_group.data_content_type 
_pdbx_audit_revision_group.group 
1 2 'Structure model' Advisory                    
2 2 'Structure model' 'Refinement description'    
3 2 'Structure model' 'Version format compliance' 
4 3 'Structure model' 'Refinement description'    
5 4 'Structure model' 'Data collection'           
6 4 'Structure model' 'Database references'       
# 
loop_
_pdbx_audit_revision_category.ordinal 
_pdbx_audit_revision_category.revision_ordinal 
_pdbx_audit_revision_category.data_content_type 
_pdbx_audit_revision_category.category 
1 3 'Structure model' software           
2 4 'Structure model' chem_comp_atom     
3 4 'Structure model' chem_comp_bond     
4 4 'Structure model' database_2         
5 4 'Structure model' struct_ref_seq_dif 
# 
loop_
_pdbx_audit_revision_item.ordinal 
_pdbx_audit_revision_item.revision_ordinal 
_pdbx_audit_revision_item.data_content_type 
_pdbx_audit_revision_item.item 
1 4 'Structure model' '_database_2.pdbx_DOI'                
2 4 'Structure model' '_database_2.pdbx_database_accession' 
3 4 'Structure model' '_struct_ref_seq_dif.details'         
# 
_pdbx_database_status.status_code                     REL 
_pdbx_database_status.entry_id                        3EUS 
_pdbx_database_status.recvd_initial_deposition_date   2008-10-10 
_pdbx_database_status.deposit_site                    RCSB 
_pdbx_database_status.process_site                    RCSB 
_pdbx_database_status.status_code_sf                  REL 
_pdbx_database_status.status_code_mr                  ? 
_pdbx_database_status.SG_entry                        Y 
_pdbx_database_status.pdb_format_compatible           Y 
_pdbx_database_status.status_code_cs                  ? 
_pdbx_database_status.methods_development_category    ? 
_pdbx_database_status.status_code_nmr_data            ? 
# 
_pdbx_database_related.db_name        TargetDB 
_pdbx_database_related.db_id          APC88631 
_pdbx_database_related.details        . 
_pdbx_database_related.content_type   unspecified 
# 
loop_
_audit_author.name 
_audit_author.pdbx_ordinal 
'Zhang, R.'                                     1 
'Li, H.'                                        2 
'Freeman, L.'                                   3 
'Joachimiak, A.'                                4 
'Midwest Center for Structural Genomics (MCSG)' 5 
# 
_citation.id                        primary 
_citation.title                     'The crystal structure of the DNA binding protein from Silicibacter pomeroyi' 
_citation.journal_abbrev            'To be Published' 
_citation.journal_volume            ? 
_citation.page_first                ? 
_citation.page_last                 ? 
_citation.year                      ? 
_citation.journal_id_ASTM           ? 
_citation.country                   ? 
_citation.journal_id_ISSN           ? 
_citation.journal_id_CSD            0353 
_citation.book_publisher            ? 
_citation.pdbx_database_id_PubMed   ? 
_citation.pdbx_database_id_DOI      ? 
# 
loop_
_citation_author.citation_id 
_citation_author.name 
_citation_author.ordinal 
_citation_author.identifier_ORCID 
primary 'Zhang, R.'      1 ? 
primary 'Li, H.'         2 ? 
primary 'Freeman, L.'    3 ? 
primary 'Joachimiak, A.' 4 ? 
# 
loop_
_entity.id 
_entity.type 
_entity.src_method 
_entity.pdbx_description 
_entity.formula_weight 
_entity.pdbx_number_of_molecules 
_entity.pdbx_ec 
_entity.pdbx_mutation 
_entity.pdbx_fragment 
_entity.details 
1 polymer man 'DNA-binding protein' 9699.137 2  ? ? ? ? 
2 water   nat water                 18.015   88 ? ? ? ? 
# 
_entity_poly.entity_id                      1 
_entity_poly.type                           'polypeptide(L)' 
_entity_poly.nstd_linkage                   no 
_entity_poly.nstd_monomer                   no 
_entity_poly.pdbx_seq_one_letter_code       
;QAMTKTLRTPEHVYLCQRLRQARLDAGLTQADLAERLDKPQSFVAKVETRERRLDVIEFAKWMAACEGLDVVSEIVATIA
EGRAQA
;
_entity_poly.pdbx_seq_one_letter_code_can   
;QAMTKTLRTPEHVYLCQRLRQARLDAGLTQADLAERLDKPQSFVAKVETRERRLDVIEFAKWMAACEGLDVVSEIVATIA
EGRAQA
;
_entity_poly.pdbx_strand_id                 A,B 
_entity_poly.pdbx_target_identifier         APC88631 
# 
_pdbx_entity_nonpoly.entity_id   2 
_pdbx_entity_nonpoly.name        water 
_pdbx_entity_nonpoly.comp_id     HOH 
# 
loop_
_entity_poly_seq.entity_id 
_entity_poly_seq.num 
_entity_poly_seq.mon_id 
_entity_poly_seq.hetero 
1 1  GLN n 
1 2  ALA n 
1 3  MET n 
1 4  THR n 
1 5  LYS n 
1 6  THR n 
1 7  LEU n 
1 8  ARG n 
1 9  THR n 
1 10 PRO n 
1 11 GLU n 
1 12 HIS n 
1 13 VAL n 
1 14 TYR n 
1 15 LEU n 
1 16 CYS n 
1 17 GLN n 
1 18 ARG n 
1 19 LEU n 
1 20 ARG n 
1 21 GLN n 
1 22 ALA n 
1 23 ARG n 
1 24 LEU n 
1 25 ASP n 
1 26 ALA n 
1 27 GLY n 
1 28 LEU n 
1 29 THR n 
1 30 GLN n 
1 31 ALA n 
1 32 ASP n 
1 33 LEU n 
1 34 ALA n 
1 35 GLU n 
1 36 ARG n 
1 37 LEU n 
1 38 ASP n 
1 39 LYS n 
1 40 PRO n 
1 41 GLN n 
1 42 SER n 
1 43 PHE n 
1 44 VAL n 
1 45 ALA n 
1 46 LYS n 
1 47 VAL n 
1 48 GLU n 
1 49 THR n 
1 50 ARG n 
1 51 GLU n 
1 52 ARG n 
1 53 ARG n 
1 54 LEU n 
1 55 ASP n 
1 56 VAL n 
1 57 ILE n 
1 58 GLU n 
1 59 PHE n 
1 60 ALA n 
1 61 LYS n 
1 62 TRP n 
1 63 MET n 
1 64 ALA n 
1 65 ALA n 
1 66 CYS n 
1 67 GLU n 
1 68 GLY n 
1 69 LEU n 
1 70 ASP n 
1 71 VAL n 
1 72 VAL n 
1 73 SER n 
1 74 GLU n 
1 75 ILE n 
1 76 VAL n 
1 77 ALA n 
1 78 THR n 
1 79 ILE n 
1 80 ALA n 
1 81 GLU n 
1 82 GLY n 
1 83 ARG n 
1 84 ALA n 
1 85 GLN n 
1 86 ALA n 
# 
_entity_src_gen.entity_id                          1 
_entity_src_gen.pdbx_src_id                        1 
_entity_src_gen.pdbx_alt_source_flag               sample 
_entity_src_gen.pdbx_seq_type                      ? 
_entity_src_gen.pdbx_beg_seq_num                   ? 
_entity_src_gen.pdbx_end_seq_num                   ? 
_entity_src_gen.gene_src_common_name               ? 
_entity_src_gen.gene_src_genus                     ? 
_entity_src_gen.pdbx_gene_src_gene                 'GI:56696110, SPO1217' 
_entity_src_gen.gene_src_species                   ? 
_entity_src_gen.gene_src_strain                    DSS-3 
_entity_src_gen.gene_src_tissue                    ? 
_entity_src_gen.gene_src_tissue_fraction           ? 
_entity_src_gen.gene_src_details                   ? 
_entity_src_gen.pdbx_gene_src_fragment             ? 
_entity_src_gen.pdbx_gene_src_scientific_name      'Silicibacter pomeroyi' 
_entity_src_gen.pdbx_gene_src_ncbi_taxonomy_id     89184 
_entity_src_gen.pdbx_gene_src_variant              ? 
_entity_src_gen.pdbx_gene_src_cell_line            ? 
_entity_src_gen.pdbx_gene_src_atcc                 ? 
_entity_src_gen.pdbx_gene_src_organ                ? 
_entity_src_gen.pdbx_gene_src_organelle            ? 
_entity_src_gen.pdbx_gene_src_cell                 ? 
_entity_src_gen.pdbx_gene_src_cellular_location    ? 
_entity_src_gen.host_org_common_name               ? 
_entity_src_gen.pdbx_host_org_scientific_name      'Escherichia coli' 
_entity_src_gen.pdbx_host_org_ncbi_taxonomy_id     562 
_entity_src_gen.host_org_genus                     ? 
_entity_src_gen.pdbx_host_org_gene                 ? 
_entity_src_gen.pdbx_host_org_organ                ? 
_entity_src_gen.host_org_species                   ? 
_entity_src_gen.pdbx_host_org_tissue               ? 
_entity_src_gen.pdbx_host_org_tissue_fraction      ? 
_entity_src_gen.pdbx_host_org_strain               BL21 
_entity_src_gen.pdbx_host_org_variant              ? 
_entity_src_gen.pdbx_host_org_cell_line            ? 
_entity_src_gen.pdbx_host_org_atcc                 ? 
_entity_src_gen.pdbx_host_org_culture_collection   ? 
_entity_src_gen.pdbx_host_org_cell                 ? 
_entity_src_gen.pdbx_host_org_organelle            ? 
_entity_src_gen.pdbx_host_org_cellular_location    ? 
_entity_src_gen.pdbx_host_org_vector_type          plasmid 
_entity_src_gen.pdbx_host_org_vector               ? 
_entity_src_gen.host_org_details                   ? 
_entity_src_gen.expression_system_id               ? 
_entity_src_gen.plasmid_name                       pMCSG7 
_entity_src_gen.plasmid_details                    ? 
_entity_src_gen.pdbx_description                   ? 
# 
loop_
_chem_comp.id 
_chem_comp.type 
_chem_comp.mon_nstd_flag 
_chem_comp.name 
_chem_comp.pdbx_synonyms 
_chem_comp.formula 
_chem_comp.formula_weight 
ALA 'L-peptide linking' y ALANINE         ? 'C3 H7 N O2'     89.093  
ARG 'L-peptide linking' y ARGININE        ? 'C6 H15 N4 O2 1' 175.209 
ASP 'L-peptide linking' y 'ASPARTIC ACID' ? 'C4 H7 N O4'     133.103 
CYS 'L-peptide linking' y CYSTEINE        ? 'C3 H7 N O2 S'   121.158 
GLN 'L-peptide linking' y GLUTAMINE       ? 'C5 H10 N2 O3'   146.144 
GLU 'L-peptide linking' y 'GLUTAMIC ACID' ? 'C5 H9 N O4'     147.129 
GLY 'peptide linking'   y GLYCINE         ? 'C2 H5 N O2'     75.067  
HIS 'L-peptide linking' y HISTIDINE       ? 'C6 H10 N3 O2 1' 156.162 
HOH non-polymer         . WATER           ? 'H2 O'           18.015  
ILE 'L-peptide linking' y ISOLEUCINE      ? 'C6 H13 N O2'    131.173 
LEU 'L-peptide linking' y LEUCINE         ? 'C6 H13 N O2'    131.173 
LYS 'L-peptide linking' y LYSINE          ? 'C6 H15 N2 O2 1' 147.195 
MET 'L-peptide linking' y METHIONINE      ? 'C5 H11 N O2 S'  149.211 
PHE 'L-peptide linking' y PHENYLALANINE   ? 'C9 H11 N O2'    165.189 
PRO 'L-peptide linking' y PROLINE         ? 'C5 H9 N O2'     115.130 
SER 'L-peptide linking' y SERINE          ? 'C3 H7 N O3'     105.093 
THR 'L-peptide linking' y THREONINE       ? 'C4 H9 N O3'     119.119 
TRP 'L-peptide linking' y TRYPTOPHAN      ? 'C11 H12 N2 O2'  204.225 
TYR 'L-peptide linking' y TYROSINE        ? 'C9 H11 N O3'    181.189 
VAL 'L-peptide linking' y VALINE          ? 'C5 H11 N O2'    117.146 
# 
loop_
_pdbx_poly_seq_scheme.asym_id 
_pdbx_poly_seq_scheme.entity_id 
_pdbx_poly_seq_scheme.seq_id 
_pdbx_poly_seq_scheme.mon_id 
_pdbx_poly_seq_scheme.ndb_seq_num 
_pdbx_poly_seq_scheme.pdb_seq_num 
_pdbx_poly_seq_scheme.auth_seq_num 
_pdbx_poly_seq_scheme.pdb_mon_id 
_pdbx_poly_seq_scheme.auth_mon_id 
_pdbx_poly_seq_scheme.pdb_strand_id 
_pdbx_poly_seq_scheme.pdb_ins_code 
_pdbx_poly_seq_scheme.hetero 
A 1 1  GLN 1  -1 -1 GLN GLN A . n 
A 1 2  ALA 2  0  0  ALA ALA A . n 
A 1 3  MET 3  1  1  MET MET A . n 
A 1 4  THR 4  2  2  THR THR A . n 
A 1 5  LYS 5  3  3  LYS LYS A . n 
A 1 6  THR 6  4  4  THR THR A . n 
A 1 7  LEU 7  5  5  LEU LEU A . n 
A 1 8  ARG 8  6  6  ARG ARG A . n 
A 1 9  THR 9  7  7  THR THR A . n 
A 1 10 PRO 10 8  8  PRO PRO A . n 
A 1 11 GLU 11 9  9  GLU GLU A . n 
A 1 12 HIS 12 10 10 HIS HIS A . n 
A 1 13 VAL 13 11 11 VAL VAL A . n 
A 1 14 TYR 14 12 12 TYR TYR A . n 
A 1 15 LEU 15 13 13 LEU LEU A . n 
A 1 16 CYS 16 14 14 CYS CYS A . n 
A 1 17 GLN 17 15 15 GLN GLN A . n 
A 1 18 ARG 18 16 16 ARG ARG A . n 
A 1 19 LEU 19 17 17 LEU LEU A . n 
A 1 20 ARG 20 18 18 ARG ARG A . n 
A 1 21 GLN 21 19 19 GLN GLN A . n 
A 1 22 ALA 22 20 20 ALA ALA A . n 
A 1 23 ARG 23 21 21 ARG ARG A . n 
A 1 24 LEU 24 22 22 LEU LEU A . n 
A 1 25 ASP 25 23 23 ASP ASP A . n 
A 1 26 ALA 26 24 24 ALA ALA A . n 
A 1 27 GLY 27 25 25 GLY GLY A . n 
A 1 28 LEU 28 26 26 LEU LEU A . n 
A 1 29 THR 29 27 27 THR THR A . n 
A 1 30 GLN 30 28 28 GLN GLN A . n 
A 1 31 ALA 31 29 29 ALA ALA A . n 
A 1 32 ASP 32 30 30 ASP ASP A . n 
A 1 33 LEU 33 31 31 LEU LEU A . n 
A 1 34 ALA 34 32 32 ALA ALA A . n 
A 1 35 GLU 35 33 33 GLU GLU A . n 
A 1 36 ARG 36 34 34 ARG ARG A . n 
A 1 37 LEU 37 35 35 LEU LEU A . n 
A 1 38 ASP 38 36 36 ASP ASP A . n 
A 1 39 LYS 39 37 37 LYS LYS A . n 
A 1 40 PRO 40 38 38 PRO PRO A . n 
A 1 41 GLN 41 39 39 GLN GLN A . n 
A 1 42 SER 42 40 40 SER SER A . n 
A 1 43 PHE 43 41 41 PHE PHE A . n 
A 1 44 VAL 44 42 42 VAL VAL A . n 
A 1 45 ALA 45 43 43 ALA ALA A . n 
A 1 46 LYS 46 44 44 LYS LYS A . n 
A 1 47 VAL 47 45 45 VAL VAL A . n 
A 1 48 GLU 48 46 46 GLU GLU A . n 
A 1 49 THR 49 47 47 THR THR A . n 
A 1 50 ARG 50 48 48 ARG ARG A . n 
A 1 51 GLU 51 49 49 GLU GLU A . n 
A 1 52 ARG 52 50 50 ARG ARG A . n 
A 1 53 ARG 53 51 51 ARG ARG A . n 
A 1 54 LEU 54 52 52 LEU LEU A . n 
A 1 55 ASP 55 53 53 ASP ASP A . n 
A 1 56 VAL 56 54 54 VAL VAL A . n 
A 1 57 ILE 57 55 55 ILE ILE A . n 
A 1 58 GLU 58 56 56 GLU GLU A . n 
A 1 59 PHE 59 57 57 PHE PHE A . n 
A 1 60 ALA 60 58 58 ALA ALA A . n 
A 1 61 LYS 61 59 59 LYS LYS A . n 
A 1 62 TRP 62 60 60 TRP TRP A . n 
A 1 63 MET 63 61 61 MET MET A . n 
A 1 64 ALA 64 62 62 ALA ALA A . n 
A 1 65 ALA 65 63 63 ALA ALA A . n 
A 1 66 CYS 66 64 64 CYS CYS A . n 
A 1 67 GLU 67 65 65 GLU GLU A . n 
A 1 68 GLY 68 66 66 GLY GLY A . n 
A 1 69 LEU 69 67 67 LEU LEU A . n 
A 1 70 ASP 70 68 68 ASP ASP A . n 
A 1 71 VAL 71 69 69 VAL VAL A . n 
A 1 72 VAL 72 70 70 VAL VAL A . n 
A 1 73 SER 73 71 71 SER SER A . n 
A 1 74 GLU 74 72 72 GLU GLU A . n 
A 1 75 ILE 75 73 73 ILE ILE A . n 
A 1 76 VAL 76 74 74 VAL VAL A . n 
A 1 77 ALA 77 75 75 ALA ALA A . n 
A 1 78 THR 78 76 76 THR THR A . n 
A 1 79 ILE 79 77 77 ILE ILE A . n 
A 1 80 ALA 80 78 78 ALA ALA A . n 
A 1 81 GLU 81 79 79 GLU GLU A . n 
A 1 82 GLY 82 80 80 GLY GLY A . n 
A 1 83 ARG 83 81 81 ARG ARG A . n 
A 1 84 ALA 84 82 82 ALA ALA A . n 
A 1 85 GLN 85 83 83 GLN GLN A . n 
A 1 86 ALA 86 84 ?  ?   ?   A . n 
B 1 1  GLN 1  -1 ?  ?   ?   B . n 
B 1 2  ALA 2  0  ?  ?   ?   B . n 
B 1 3  MET 3  1  ?  ?   ?   B . n 
B 1 4  THR 4  2  ?  ?   ?   B . n 
B 1 5  LYS 5  3  ?  ?   ?   B . n 
B 1 6  THR 6  4  ?  ?   ?   B . n 
B 1 7  LEU 7  5  ?  ?   ?   B . n 
B 1 8  ARG 8  6  6  ARG ARG B . n 
B 1 9  THR 9  7  7  THR THR B . n 
B 1 10 PRO 10 8  8  PRO PRO B . n 
B 1 11 GLU 11 9  9  GLU GLU B . n 
B 1 12 HIS 12 10 10 HIS HIS B . n 
B 1 13 VAL 13 11 11 VAL VAL B . n 
B 1 14 TYR 14 12 12 TYR TYR B . n 
B 1 15 LEU 15 13 13 LEU LEU B . n 
B 1 16 CYS 16 14 14 CYS CYS B . n 
B 1 17 GLN 17 15 15 GLN GLN B . n 
B 1 18 ARG 18 16 16 ARG ARG B . n 
B 1 19 LEU 19 17 17 LEU LEU B . n 
B 1 20 ARG 20 18 18 ARG ARG B . n 
B 1 21 GLN 21 19 19 GLN GLN B . n 
B 1 22 ALA 22 20 20 ALA ALA B . n 
B 1 23 ARG 23 21 21 ARG ARG B . n 
B 1 24 LEU 24 22 22 LEU LEU B . n 
B 1 25 ASP 25 23 23 ASP ASP B . n 
B 1 26 ALA 26 24 24 ALA ALA B . n 
B 1 27 GLY 27 25 25 GLY GLY B . n 
B 1 28 LEU 28 26 26 LEU LEU B . n 
B 1 29 THR 29 27 27 THR THR B . n 
B 1 30 GLN 30 28 28 GLN GLN B . n 
B 1 31 ALA 31 29 29 ALA ALA B . n 
B 1 32 ASP 32 30 30 ASP ASP B . n 
B 1 33 LEU 33 31 31 LEU LEU B . n 
B 1 34 ALA 34 32 32 ALA ALA B . n 
B 1 35 GLU 35 33 33 GLU GLU B . n 
B 1 36 ARG 36 34 34 ARG ARG B . n 
B 1 37 LEU 37 35 35 LEU LEU B . n 
B 1 38 ASP 38 36 36 ASP ASP B . n 
B 1 39 LYS 39 37 37 LYS LYS B . n 
B 1 40 PRO 40 38 38 PRO PRO B . n 
B 1 41 GLN 41 39 39 GLN GLN B . n 
B 1 42 SER 42 40 40 SER SER B . n 
B 1 43 PHE 43 41 41 PHE PHE B . n 
B 1 44 VAL 44 42 42 VAL VAL B . n 
B 1 45 ALA 45 43 43 ALA ALA B . n 
B 1 46 LYS 46 44 44 LYS LYS B . n 
B 1 47 VAL 47 45 45 VAL VAL B . n 
B 1 48 GLU 48 46 46 GLU GLU B . n 
B 1 49 THR 49 47 47 THR THR B . n 
B 1 50 ARG 50 48 48 ARG ARG B . n 
B 1 51 GLU 51 49 49 GLU GLU B . n 
B 1 52 ARG 52 50 50 ARG ARG B . n 
B 1 53 ARG 53 51 51 ARG ARG B . n 
B 1 54 LEU 54 52 52 LEU LEU B . n 
B 1 55 ASP 55 53 53 ASP ASP B . n 
B 1 56 VAL 56 54 54 VAL VAL B . n 
B 1 57 ILE 57 55 55 ILE ILE B . n 
B 1 58 GLU 58 56 56 GLU GLU B . n 
B 1 59 PHE 59 57 57 PHE PHE B . n 
B 1 60 ALA 60 58 58 ALA ALA B . n 
B 1 61 LYS 61 59 59 LYS LYS B . n 
B 1 62 TRP 62 60 60 TRP TRP B . n 
B 1 63 MET 63 61 61 MET MET B . n 
B 1 64 ALA 64 62 62 ALA ALA B . n 
B 1 65 ALA 65 63 63 ALA ALA B . n 
B 1 66 CYS 66 64 64 CYS CYS B . n 
B 1 67 GLU 67 65 65 GLU GLU B . n 
B 1 68 GLY 68 66 66 GLY GLY B . n 
B 1 69 LEU 69 67 67 LEU LEU B . n 
B 1 70 ASP 70 68 68 ASP ASP B . n 
B 1 71 VAL 71 69 69 VAL VAL B . n 
B 1 72 VAL 72 70 70 VAL VAL B . n 
B 1 73 SER 73 71 71 SER SER B . n 
B 1 74 GLU 74 72 72 GLU GLU B . n 
B 1 75 ILE 75 73 73 ILE ILE B . n 
B 1 76 VAL 76 74 74 VAL VAL B . n 
B 1 77 ALA 77 75 75 ALA ALA B . n 
B 1 78 THR 78 76 76 THR THR B . n 
B 1 79 ILE 79 77 77 ILE ILE B . n 
B 1 80 ALA 80 78 78 ALA ALA B . n 
B 1 81 GLU 81 79 79 GLU GLU B . n 
B 1 82 GLY 82 80 80 GLY GLY B . n 
B 1 83 ARG 83 81 81 ARG ARG B . n 
B 1 84 ALA 84 82 82 ALA ALA B . n 
B 1 85 GLN 85 83 ?  ?   ?   B . n 
B 1 86 ALA 86 84 ?  ?   ?   B . n 
# 
loop_
_pdbx_nonpoly_scheme.asym_id 
_pdbx_nonpoly_scheme.entity_id 
_pdbx_nonpoly_scheme.mon_id 
_pdbx_nonpoly_scheme.ndb_seq_num 
_pdbx_nonpoly_scheme.pdb_seq_num 
_pdbx_nonpoly_scheme.auth_seq_num 
_pdbx_nonpoly_scheme.pdb_mon_id 
_pdbx_nonpoly_scheme.auth_mon_id 
_pdbx_nonpoly_scheme.pdb_strand_id 
_pdbx_nonpoly_scheme.pdb_ins_code 
C 2 HOH 1  85  1  HOH HOH A . 
C 2 HOH 2  86  2  HOH HOH A . 
C 2 HOH 3  87  3  HOH HOH A . 
C 2 HOH 4  88  7  HOH HOH A . 
C 2 HOH 5  89  8  HOH HOH A . 
C 2 HOH 6  90  11 HOH HOH A . 
C 2 HOH 7  91  12 HOH HOH A . 
C 2 HOH 8  92  17 HOH HOH A . 
C 2 HOH 9  93  18 HOH HOH A . 
C 2 HOH 10 94  20 HOH HOH A . 
C 2 HOH 11 95  21 HOH HOH A . 
C 2 HOH 12 96  22 HOH HOH A . 
C 2 HOH 13 97  24 HOH HOH A . 
C 2 HOH 14 98  26 HOH HOH A . 
C 2 HOH 15 99  28 HOH HOH A . 
C 2 HOH 16 100 29 HOH HOH A . 
C 2 HOH 17 101 30 HOH HOH A . 
C 2 HOH 18 102 31 HOH HOH A . 
C 2 HOH 19 103 32 HOH HOH A . 
C 2 HOH 20 104 33 HOH HOH A . 
C 2 HOH 21 105 34 HOH HOH A . 
C 2 HOH 22 106 36 HOH HOH A . 
C 2 HOH 23 107 37 HOH HOH A . 
C 2 HOH 24 108 38 HOH HOH A . 
C 2 HOH 25 109 39 HOH HOH A . 
C 2 HOH 26 110 40 HOH HOH A . 
C 2 HOH 27 111 42 HOH HOH A . 
C 2 HOH 28 112 43 HOH HOH A . 
C 2 HOH 29 113 44 HOH HOH A . 
C 2 HOH 30 114 49 HOH HOH A . 
C 2 HOH 31 115 50 HOH HOH A . 
C 2 HOH 32 116 52 HOH HOH A . 
C 2 HOH 33 117 55 HOH HOH A . 
C 2 HOH 34 118 57 HOH HOH A . 
C 2 HOH 35 119 60 HOH HOH A . 
C 2 HOH 36 120 61 HOH HOH A . 
C 2 HOH 37 121 63 HOH HOH A . 
C 2 HOH 38 122 64 HOH HOH A . 
C 2 HOH 39 123 66 HOH HOH A . 
C 2 HOH 40 124 68 HOH HOH A . 
C 2 HOH 41 125 70 HOH HOH A . 
C 2 HOH 42 126 72 HOH HOH A . 
C 2 HOH 43 127 73 HOH HOH A . 
C 2 HOH 44 128 74 HOH HOH A . 
C 2 HOH 45 129 75 HOH HOH A . 
C 2 HOH 46 130 78 HOH HOH A . 
C 2 HOH 47 131 80 HOH HOH A . 
C 2 HOH 48 132 83 HOH HOH A . 
C 2 HOH 49 133 85 HOH HOH A . 
C 2 HOH 50 134 88 HOH HOH A . 
C 2 HOH 51 135 89 HOH HOH A . 
C 2 HOH 52 136 91 HOH HOH A . 
D 2 HOH 1  85  4  HOH HOH B . 
D 2 HOH 2  86  5  HOH HOH B . 
D 2 HOH 3  87  6  HOH HOH B . 
D 2 HOH 4  88  9  HOH HOH B . 
D 2 HOH 5  89  10 HOH HOH B . 
D 2 HOH 6  90  13 HOH HOH B . 
D 2 HOH 7  91  14 HOH HOH B . 
D 2 HOH 8  92  15 HOH HOH B . 
D 2 HOH 9  93  16 HOH HOH B . 
D 2 HOH 10 94  19 HOH HOH B . 
D 2 HOH 11 95  23 HOH HOH B . 
D 2 HOH 12 96  25 HOH HOH B . 
D 2 HOH 13 97  27 HOH HOH B . 
D 2 HOH 14 98  35 HOH HOH B . 
D 2 HOH 15 99  41 HOH HOH B . 
D 2 HOH 16 100 45 HOH HOH B . 
D 2 HOH 17 101 46 HOH HOH B . 
D 2 HOH 18 102 47 HOH HOH B . 
D 2 HOH 19 103 48 HOH HOH B . 
D 2 HOH 20 104 51 HOH HOH B . 
D 2 HOH 21 105 53 HOH HOH B . 
D 2 HOH 22 106 54 HOH HOH B . 
D 2 HOH 23 107 56 HOH HOH B . 
D 2 HOH 24 108 58 HOH HOH B . 
D 2 HOH 25 109 59 HOH HOH B . 
D 2 HOH 26 110 62 HOH HOH B . 
D 2 HOH 27 111 65 HOH HOH B . 
D 2 HOH 28 112 67 HOH HOH B . 
D 2 HOH 29 113 69 HOH HOH B . 
D 2 HOH 30 114 71 HOH HOH B . 
D 2 HOH 31 115 76 HOH HOH B . 
D 2 HOH 32 116 81 HOH HOH B . 
D 2 HOH 33 117 82 HOH HOH B . 
D 2 HOH 34 118 84 HOH HOH B . 
D 2 HOH 35 119 87 HOH HOH B . 
D 2 HOH 36 120 90 HOH HOH B . 
# 
loop_
_software.name 
_software.classification 
_software.version 
_software.citation_id 
_software.pdbx_ordinal 
SBC-Collect 'data collection' .        ? 1 
HKL-3000    phasing           .        ? 2 
REFMAC      refinement        5.5.0054 ? 3 
HKL-3000    'data reduction'  .        ? 4 
HKL-3000    'data scaling'    .        ? 5 
# 
_cell.entry_id           3EUS 
_cell.length_a           40.164 
_cell.length_b           60.641 
_cell.length_c           68.506 
_cell.angle_alpha        90.00 
_cell.angle_beta         90.00 
_cell.angle_gamma        90.00 
_cell.Z_PDB              8 
_cell.pdbx_unique_axis   ? 
_cell.length_a_esd       ? 
_cell.length_b_esd       ? 
_cell.length_c_esd       ? 
_cell.angle_alpha_esd    ? 
_cell.angle_beta_esd     ? 
_cell.angle_gamma_esd    ? 
# 
_symmetry.entry_id                         3EUS 
_symmetry.space_group_name_H-M             'P 21 21 21' 
_symmetry.pdbx_full_space_group_name_H-M   ? 
_symmetry.cell_setting                     ? 
_symmetry.Int_Tables_number                19 
_symmetry.space_group_name_Hall            ? 
# 
_exptl.entry_id          3EUS 
_exptl.method            'X-RAY DIFFRACTION' 
_exptl.crystals_number   1 
# 
_exptl_crystal.id                    1 
_exptl_crystal.density_meas          ? 
_exptl_crystal.density_Matthews      2.15 
_exptl_crystal.density_percent_sol   42.80 
_exptl_crystal.description           ? 
_exptl_crystal.F_000                 ? 
_exptl_crystal.preparation           ? 
# 
_exptl_crystal_grow.crystal_id      1 
_exptl_crystal_grow.method          'VAPOR DIFFUSION, SITTING DROP' 
_exptl_crystal_grow.temp            289 
_exptl_crystal_grow.temp_details    ? 
_exptl_crystal_grow.pH              4.2 
_exptl_crystal_grow.pdbx_details    
'20% W/V PEG1000, 0.1M phosphate-citrate, 0.2M Li2SO4, pH 4.2, VAPOR DIFFUSION, SITTING DROP, temperature 289K' 
_exptl_crystal_grow.pdbx_pH_range   ? 
# 
_diffrn.id                     1 
_diffrn.ambient_temp           100 
_diffrn.ambient_temp_details   ? 
_diffrn.crystal_id             1 
# 
_diffrn_detector.diffrn_id              1 
_diffrn_detector.detector               CCD 
_diffrn_detector.type                   'ADSC QUANTUM 315' 
_diffrn_detector.pdbx_collection_date   2007-12-13 
_diffrn_detector.details                mirrors 
# 
_diffrn_radiation.diffrn_id                        1 
_diffrn_radiation.wavelength_id                    1 
_diffrn_radiation.pdbx_monochromatic_or_laue_m_l   M 
_diffrn_radiation.monochromator                    0.9794 
_diffrn_radiation.pdbx_diffrn_protocol             'SINGLE WAVELENGTH' 
_diffrn_radiation.pdbx_scattering_type             x-ray 
# 
_diffrn_radiation_wavelength.id           1 
_diffrn_radiation_wavelength.wavelength   0.9794 
_diffrn_radiation_wavelength.wt           1.0 
# 
_diffrn_source.diffrn_id                   1 
_diffrn_source.source                      SYNCHROTRON 
_diffrn_source.type                        'APS BEAMLINE 19-ID' 
_diffrn_source.pdbx_synchrotron_site       APS 
_diffrn_source.pdbx_synchrotron_beamline   19-ID 
_diffrn_source.pdbx_wavelength             ? 
_diffrn_source.pdbx_wavelength_list        0.9794 
# 
_reflns.entry_id                     3EUS 
_reflns.observed_criterion_sigma_I   2.0 
_reflns.observed_criterion_sigma_F   2.0 
_reflns.d_resolution_low             45.41 
_reflns.d_resolution_high            1.8 
_reflns.number_obs                   15172 
_reflns.number_all                   15276 
_reflns.percent_possible_obs         99.32 
_reflns.pdbx_Rmerge_I_obs            0.06 
_reflns.pdbx_Rsym_value              ? 
_reflns.pdbx_netI_over_sigmaI        34.9 
_reflns.B_iso_Wilson_estimate        18 
_reflns.pdbx_redundancy              8.4 
_reflns.R_free_details               ? 
_reflns.limit_h_max                  ? 
_reflns.limit_h_min                  ? 
_reflns.limit_k_max                  ? 
_reflns.limit_k_min                  ? 
_reflns.limit_l_max                  ? 
_reflns.limit_l_min                  ? 
_reflns.observed_criterion_F_max     ? 
_reflns.observed_criterion_F_min     ? 
_reflns.pdbx_chi_squared             ? 
_reflns.pdbx_scaling_rejects         ? 
_reflns.pdbx_ordinal                 1 
_reflns.pdbx_diffrn_id               1 
# 
_reflns_shell.d_res_high             1.8 
_reflns_shell.d_res_low              1.847 
_reflns_shell.percent_possible_all   95.29 
_reflns_shell.Rmerge_I_obs           0.734 
_reflns_shell.pdbx_Rsym_value        ? 
_reflns_shell.meanI_over_sigI_obs    1.36 
_reflns_shell.pdbx_redundancy        6.8 
_reflns_shell.percent_possible_obs   ? 
_reflns_shell.number_unique_all      1168 
_reflns_shell.number_measured_all    ? 
_reflns_shell.number_measured_obs    ? 
_reflns_shell.number_unique_obs      ? 
_reflns_shell.pdbx_chi_squared       ? 
_reflns_shell.pdbx_ordinal           1 
_reflns_shell.pdbx_diffrn_id         1 
# 
_refine.entry_id                                 3EUS 
_refine.ls_number_reflns_obs                     15172 
_refine.ls_number_reflns_all                     15276 
_refine.pdbx_ls_sigma_I                          0 
_refine.pdbx_ls_sigma_F                          0 
_refine.pdbx_data_cutoff_high_absF               ? 
_refine.pdbx_data_cutoff_low_absF                ? 
_refine.pdbx_data_cutoff_high_rms_absF           ? 
_refine.ls_d_res_low                             45.41 
_refine.ls_d_res_high                            1.80 
_refine.ls_percent_reflns_obs                    99.32 
_refine.ls_R_factor_obs                          0.20351 
_refine.ls_R_factor_all                          ? 
_refine.ls_R_factor_R_work                       0.20099 
_refine.ls_R_factor_R_free                       0.25375 
_refine.ls_R_factor_R_free_error                 ? 
_refine.ls_R_factor_R_free_error_details         ? 
_refine.ls_percent_reflns_R_free                 5.0 
_refine.ls_number_reflns_R_free                  800 
_refine.ls_number_parameters                     ? 
_refine.ls_number_restraints                     ? 
_refine.occupancy_min                            ? 
_refine.occupancy_max                            ? 
_refine.correlation_coeff_Fo_to_Fc               0.956 
_refine.correlation_coeff_Fo_to_Fc_free          0.936 
_refine.B_iso_mean                               17.854 
_refine.aniso_B[1][1]                            -0.21 
_refine.aniso_B[2][2]                            -0.44 
_refine.aniso_B[3][3]                            0.66 
_refine.aniso_B[1][2]                            0.00 
_refine.aniso_B[1][3]                            0.00 
_refine.aniso_B[2][3]                            0.00 
_refine.solvent_model_details                    MASK 
_refine.solvent_model_param_ksol                 ? 
_refine.solvent_model_param_bsol                 ? 
_refine.pdbx_solvent_vdw_probe_radii             1.20 
_refine.pdbx_solvent_ion_probe_radii             0.80 
_refine.pdbx_solvent_shrinkage_radii             0.80 
_refine.pdbx_ls_cross_valid_method               THROUGHOUT 
_refine.details                                  'HYDROGENS HAVE BEEN ADDED IN THE RIDING POSITIONS' 
_refine.pdbx_starting_model                      ? 
_refine.pdbx_method_to_determine_struct          SAD 
_refine.pdbx_isotropic_thermal_model             ? 
_refine.pdbx_stereochemistry_target_values       'MAXIMUM LIKELIHOOD' 
_refine.pdbx_stereochem_target_val_spec_case     ? 
_refine.pdbx_R_Free_selection_details            RANDOM 
_refine.pdbx_overall_ESU_R                       0.139 
_refine.pdbx_overall_ESU_R_Free                  0.140 
_refine.overall_SU_ML                            0.098 
_refine.overall_SU_B                             6.947 
_refine.ls_redundancy_reflns_obs                 ? 
_refine.B_iso_min                                ? 
_refine.B_iso_max                                ? 
_refine.overall_SU_R_Cruickshank_DPI             ? 
_refine.overall_SU_R_free                        ? 
_refine.ls_wR_factor_R_free                      ? 
_refine.ls_wR_factor_R_work                      ? 
_refine.overall_FOM_free_R_set                   ? 
_refine.overall_FOM_work_R_set                   ? 
_refine.pdbx_overall_phase_error                 ? 
_refine.pdbx_refine_id                           'X-RAY DIFFRACTION' 
_refine.pdbx_TLS_residual_ADP_flag               'LIKELY RESIDUAL' 
_refine.pdbx_diffrn_id                           1 
_refine.pdbx_overall_SU_R_free_Cruickshank_DPI   ? 
_refine.pdbx_overall_SU_R_Blow_DPI               ? 
_refine.pdbx_overall_SU_R_free_Blow_DPI          ? 
# 
_refine_hist.pdbx_refine_id                   'X-RAY DIFFRACTION' 
_refine_hist.cycle_id                         LAST 
_refine_hist.pdbx_number_atoms_protein        1282 
_refine_hist.pdbx_number_atoms_nucleic_acid   0 
_refine_hist.pdbx_number_atoms_ligand         0 
_refine_hist.number_atoms_solvent             88 
_refine_hist.number_atoms_total               1370 
_refine_hist.d_res_high                       1.80 
_refine_hist.d_res_low                        45.41 
# 
loop_
_refine_ls_restr.type 
_refine_ls_restr.dev_ideal 
_refine_ls_restr.dev_ideal_target 
_refine_ls_restr.weight 
_refine_ls_restr.number 
_refine_ls_restr.pdbx_refine_id 
_refine_ls_restr.pdbx_restraint_function 
r_bond_refined_d       0.020  0.022  ? 1303 'X-RAY DIFFRACTION' ? 
r_bond_other_d         0.001  0.020  ? 915  'X-RAY DIFFRACTION' ? 
r_angle_refined_deg    1.581  1.966  ? 1758 'X-RAY DIFFRACTION' ? 
r_angle_other_deg      1.017  3.000  ? 2209 'X-RAY DIFFRACTION' ? 
r_dihedral_angle_1_deg 5.913  5.000  ? 162  'X-RAY DIFFRACTION' ? 
r_dihedral_angle_2_deg 30.521 22.812 ? 64   'X-RAY DIFFRACTION' ? 
r_dihedral_angle_3_deg 15.297 15.000 ? 242  'X-RAY DIFFRACTION' ? 
r_dihedral_angle_4_deg 20.041 15.000 ? 18   'X-RAY DIFFRACTION' ? 
r_chiral_restr         0.104  0.200  ? 204  'X-RAY DIFFRACTION' ? 
r_gen_planes_refined   0.007  0.020  ? 1448 'X-RAY DIFFRACTION' ? 
r_gen_planes_other     0.001  0.020  ? 272  'X-RAY DIFFRACTION' ? 
r_mcbond_it            0.988  1.500  ? 812  'X-RAY DIFFRACTION' ? 
r_mcbond_other         0.283  1.500  ? 326  'X-RAY DIFFRACTION' ? 
r_mcangle_it           1.765  2.000  ? 1302 'X-RAY DIFFRACTION' ? 
r_scbond_it            3.006  3.000  ? 491  'X-RAY DIFFRACTION' ? 
r_scangle_it           4.904  4.500  ? 456  'X-RAY DIFFRACTION' ? 
# 
_refine_ls_shell.pdbx_total_number_of_bins_used   20 
_refine_ls_shell.d_res_high                       1.800 
_refine_ls_shell.d_res_low                        1.847 
_refine_ls_shell.number_reflns_R_work             1057 
_refine_ls_shell.R_factor_R_work                  0.332 
_refine_ls_shell.percent_reflns_obs               95.29 
_refine_ls_shell.R_factor_R_free                  0.357 
_refine_ls_shell.R_factor_R_free_error            ? 
_refine_ls_shell.percent_reflns_R_free            ? 
_refine_ls_shell.number_reflns_R_free             56 
_refine_ls_shell.number_reflns_all                ? 
_refine_ls_shell.R_factor_all                     ? 
_refine_ls_shell.number_reflns_obs                1113 
_refine_ls_shell.redundancy_reflns_obs            ? 
_refine_ls_shell.pdbx_refine_id                   'X-RAY DIFFRACTION' 
# 
_struct.entry_id                  3EUS 
_struct.title                     'The crystal structure of the DNA binding protein from Silicibacter pomeroyi' 
_struct.pdbx_model_details        ? 
_struct.pdbx_CASP_flag            ? 
_struct.pdbx_model_type_details   ? 
# 
_struct_keywords.entry_id        3EUS 
_struct_keywords.pdbx_keywords   'DNA BINDING PROTEIN' 
_struct_keywords.text            
;DNA binding protein, STRUCTURAL GENOMICS, PSI2, MCSG, Protein Structure Initiative, Midwest Center for Structural Genomics, DNA-binding
;
# 
loop_
_struct_asym.id 
_struct_asym.pdbx_blank_PDB_chainid_flag 
_struct_asym.pdbx_modified 
_struct_asym.entity_id 
_struct_asym.details 
A N N 1 ? 
B N N 1 ? 
C N N 2 ? 
D N N 2 ? 
# 
_struct_ref.id                         1 
_struct_ref.db_name                    UNP 
_struct_ref.db_code                    Q5LU41_SILPO 
_struct_ref.pdbx_db_accession          Q5LU41 
_struct_ref.entity_id                  1 
_struct_ref.pdbx_seq_one_letter_code   
;MTKTLRTPEHVYLCQRLRQARLDAGLTQADLAERLDKPQSFVAKVETRERRLDVIEFAKWMAACEGLDVVSEIVATIAEG
RAQA
;
_struct_ref.pdbx_align_begin           1 
_struct_ref.pdbx_db_isoform            ? 
# 
loop_
_struct_ref_seq.align_id 
_struct_ref_seq.ref_id 
_struct_ref_seq.pdbx_PDB_id_code 
_struct_ref_seq.pdbx_strand_id 
_struct_ref_seq.seq_align_beg 
_struct_ref_seq.pdbx_seq_align_beg_ins_code 
_struct_ref_seq.seq_align_end 
_struct_ref_seq.pdbx_seq_align_end_ins_code 
_struct_ref_seq.pdbx_db_accession 
_struct_ref_seq.db_align_beg 
_struct_ref_seq.pdbx_db_align_beg_ins_code 
_struct_ref_seq.db_align_end 
_struct_ref_seq.pdbx_db_align_end_ins_code 
_struct_ref_seq.pdbx_auth_seq_align_beg 
_struct_ref_seq.pdbx_auth_seq_align_end 
1 1 3EUS A 3 ? 86 ? Q5LU41 1 ? 84 ? 1 84 
2 1 3EUS B 3 ? 86 ? Q5LU41 1 ? 84 ? 1 84 
# 
loop_
_struct_ref_seq_dif.align_id 
_struct_ref_seq_dif.pdbx_pdb_id_code 
_struct_ref_seq_dif.mon_id 
_struct_ref_seq_dif.pdbx_pdb_strand_id 
_struct_ref_seq_dif.seq_num 
_struct_ref_seq_dif.pdbx_pdb_ins_code 
_struct_ref_seq_dif.pdbx_seq_db_name 
_struct_ref_seq_dif.pdbx_seq_db_accession_code 
_struct_ref_seq_dif.db_mon_id 
_struct_ref_seq_dif.pdbx_seq_db_seq_num 
_struct_ref_seq_dif.details 
_struct_ref_seq_dif.pdbx_auth_seq_num 
_struct_ref_seq_dif.pdbx_ordinal 
1 3EUS GLN A 1 ? UNP Q5LU41 ? ? 'expression tag' -1 1 
1 3EUS ALA A 2 ? UNP Q5LU41 ? ? 'expression tag' 0  2 
2 3EUS GLN B 1 ? UNP Q5LU41 ? ? 'expression tag' -1 3 
2 3EUS ALA B 2 ? UNP Q5LU41 ? ? 'expression tag' 0  4 
# 
_pdbx_struct_assembly.id                   1 
_pdbx_struct_assembly.details              author_and_software_defined_assembly 
_pdbx_struct_assembly.method_details       PISA 
_pdbx_struct_assembly.oligomeric_details   dimeric 
_pdbx_struct_assembly.oligomeric_count     2 
# 
loop_
_pdbx_struct_assembly_prop.biol_id 
_pdbx_struct_assembly_prop.type 
_pdbx_struct_assembly_prop.value 
_pdbx_struct_assembly_prop.details 
1 'ABSA (A^2)' 1770 ? 
1 MORE         -19  ? 
1 'SSA (A^2)'  8230 ? 
# 
_pdbx_struct_assembly_gen.assembly_id       1 
_pdbx_struct_assembly_gen.oper_expression   1 
_pdbx_struct_assembly_gen.asym_id_list      A,B,C,D 
# 
_pdbx_struct_oper_list.id                   1 
_pdbx_struct_oper_list.type                 'identity operation' 
_pdbx_struct_oper_list.name                 1_555 
_pdbx_struct_oper_list.symmetry_operation   x,y,z 
_pdbx_struct_oper_list.matrix[1][1]         1.0000000000 
_pdbx_struct_oper_list.matrix[1][2]         0.0000000000 
_pdbx_struct_oper_list.matrix[1][3]         0.0000000000 
_pdbx_struct_oper_list.vector[1]            0.0000000000 
_pdbx_struct_oper_list.matrix[2][1]         0.0000000000 
_pdbx_struct_oper_list.matrix[2][2]         1.0000000000 
_pdbx_struct_oper_list.matrix[2][3]         0.0000000000 
_pdbx_struct_oper_list.vector[2]            0.0000000000 
_pdbx_struct_oper_list.matrix[3][1]         0.0000000000 
_pdbx_struct_oper_list.matrix[3][2]         0.0000000000 
_pdbx_struct_oper_list.matrix[3][3]         1.0000000000 
_pdbx_struct_oper_list.vector[3]            0.0000000000 
# 
_struct_biol.id        1 
_struct_biol.details   'This protein existed as dimer. The deposited MolA/MolB represent the dimer in the asymmetric unit.' 
# 
loop_
_struct_conf.conf_type_id 
_struct_conf.id 
_struct_conf.pdbx_PDB_helix_id 
_struct_conf.beg_label_comp_id 
_struct_conf.beg_label_asym_id 
_struct_conf.beg_label_seq_id 
_struct_conf.pdbx_beg_PDB_ins_code 
_struct_conf.end_label_comp_id 
_struct_conf.end_label_asym_id 
_struct_conf.end_label_seq_id 
_struct_conf.pdbx_end_PDB_ins_code 
_struct_conf.beg_auth_comp_id 
_struct_conf.beg_auth_asym_id 
_struct_conf.beg_auth_seq_id 
_struct_conf.end_auth_comp_id 
_struct_conf.end_auth_asym_id 
_struct_conf.end_auth_seq_id 
_struct_conf.pdbx_PDB_helix_class 
_struct_conf.details 
_struct_conf.pdbx_PDB_helix_length 
HELX_P HELX_P1  1  GLN A 1  ? LEU A 7  ? GLN A -1 LEU A 5  5 ? 7  
HELX_P HELX_P2  2  THR A 9  ? ALA A 26 ? THR A 7  ALA A 24 1 ? 18 
HELX_P HELX_P3  3  THR A 29 ? LEU A 37 ? THR A 27 LEU A 35 1 ? 9  
HELX_P HELX_P4  4  PRO A 40 ? THR A 49 ? PRO A 38 THR A 47 1 ? 10 
HELX_P HELX_P5  5  ASP A 55 ? CYS A 66 ? ASP A 53 CYS A 64 1 ? 12 
HELX_P HELX_P6  6  GLY A 68 ? ASP A 70 ? GLY A 66 ASP A 68 5 ? 3  
HELX_P HELX_P7  7  VAL A 71 ? GLU A 81 ? VAL A 69 GLU A 79 1 ? 11 
HELX_P HELX_P8  8  THR B 9  ? ALA B 26 ? THR B 7  ALA B 24 1 ? 18 
HELX_P HELX_P9  9  THR B 29 ? ASP B 38 ? THR B 27 ASP B 36 1 ? 10 
HELX_P HELX_P10 10 PRO B 40 ? THR B 49 ? PRO B 38 THR B 47 1 ? 10 
HELX_P HELX_P11 11 ASP B 55 ? CYS B 66 ? ASP B 53 CYS B 64 1 ? 12 
HELX_P HELX_P12 12 GLY B 68 ? ASP B 70 ? GLY B 66 ASP B 68 5 ? 3  
HELX_P HELX_P13 13 VAL B 71 ? GLU B 81 ? VAL B 69 GLU B 79 1 ? 11 
# 
_struct_conf_type.id          HELX_P 
_struct_conf_type.criteria    ? 
_struct_conf_type.reference   ? 
# 
_pdbx_validate_close_contact.id               1 
_pdbx_validate_close_contact.PDB_model_num    1 
_pdbx_validate_close_contact.auth_atom_id_1   CA 
_pdbx_validate_close_contact.auth_asym_id_1   A 
_pdbx_validate_close_contact.auth_comp_id_1   GLN 
_pdbx_validate_close_contact.auth_seq_id_1    -1 
_pdbx_validate_close_contact.PDB_ins_code_1   ? 
_pdbx_validate_close_contact.label_alt_id_1   ? 
_pdbx_validate_close_contact.auth_atom_id_2   O 
_pdbx_validate_close_contact.auth_asym_id_2   A 
_pdbx_validate_close_contact.auth_comp_id_2   HOH 
_pdbx_validate_close_contact.auth_seq_id_2    129 
_pdbx_validate_close_contact.PDB_ins_code_2   ? 
_pdbx_validate_close_contact.label_alt_id_2   ? 
_pdbx_validate_close_contact.dist             2.17 
# 
_pdbx_validate_torsion.id              1 
_pdbx_validate_torsion.PDB_model_num   1 
_pdbx_validate_torsion.auth_comp_id    ALA 
_pdbx_validate_torsion.auth_asym_id    A 
_pdbx_validate_torsion.auth_seq_id     82 
_pdbx_validate_torsion.PDB_ins_code    ? 
_pdbx_validate_torsion.label_alt_id    ? 
_pdbx_validate_torsion.phi             3.15 
_pdbx_validate_torsion.psi             82.37 
# 
_pdbx_SG_project.id                    1 
_pdbx_SG_project.project_name          'PSI, Protein Structure Initiative' 
_pdbx_SG_project.full_name_of_center   'Midwest Center for Structural Genomics' 
_pdbx_SG_project.initial_of_center     MCSG 
# 
_pdbx_refine_tls.pdbx_refine_id   'X-RAY DIFFRACTION' 
_pdbx_refine_tls.id               1 
_pdbx_refine_tls.details          ? 
_pdbx_refine_tls.method           refined 
_pdbx_refine_tls.origin_x         0.4345 
_pdbx_refine_tls.origin_y         0.1079 
_pdbx_refine_tls.origin_z         0.1202 
_pdbx_refine_tls.T[1][1]          0.0064 
_pdbx_refine_tls.T[2][2]          0.0481 
_pdbx_refine_tls.T[3][3]          0.1715 
_pdbx_refine_tls.T[1][2]          -0.0078 
_pdbx_refine_tls.T[1][3]          -0.0245 
_pdbx_refine_tls.T[2][3]          0.0086 
_pdbx_refine_tls.L[1][1]          1.9947 
_pdbx_refine_tls.L[2][2]          2.8491 
_pdbx_refine_tls.L[3][3]          2.9469 
_pdbx_refine_tls.L[1][2]          0.4834 
_pdbx_refine_tls.L[1][3]          -0.6606 
_pdbx_refine_tls.L[2][3]          -0.7546 
_pdbx_refine_tls.S[1][1]          -0.0237 
_pdbx_refine_tls.S[2][2]          -0.0730 
_pdbx_refine_tls.S[3][3]          0.0967 
_pdbx_refine_tls.S[1][2]          -0.0316 
_pdbx_refine_tls.S[1][3]          -0.1257 
_pdbx_refine_tls.S[2][3]          -0.1955 
_pdbx_refine_tls.S[2][1]          0.0063 
_pdbx_refine_tls.S[3][1]          -0.0233 
_pdbx_refine_tls.S[3][2]          -0.0766 
# 
loop_
_pdbx_refine_tls_group.pdbx_refine_id 
_pdbx_refine_tls_group.id 
_pdbx_refine_tls_group.refine_tls_id 
_pdbx_refine_tls_group.beg_auth_asym_id 
_pdbx_refine_tls_group.beg_auth_seq_id 
_pdbx_refine_tls_group.end_auth_asym_id 
_pdbx_refine_tls_group.end_auth_seq_id 
_pdbx_refine_tls_group.selection_details 
_pdbx_refine_tls_group.beg_label_asym_id 
_pdbx_refine_tls_group.beg_label_seq_id 
_pdbx_refine_tls_group.end_label_asym_id 
_pdbx_refine_tls_group.end_label_seq_id 
_pdbx_refine_tls_group.selection 
'X-RAY DIFFRACTION' 1 1 A -1 A 40 ? . . . . ? 
'X-RAY DIFFRACTION' 2 1 A 41 A 83 ? . . . . ? 
'X-RAY DIFFRACTION' 3 1 B 6  B 40 ? . . . . ? 
'X-RAY DIFFRACTION' 4 1 B 41 B 82 ? . . . . ? 
# 
loop_
_pdbx_unobs_or_zero_occ_residues.id 
_pdbx_unobs_or_zero_occ_residues.PDB_model_num 
_pdbx_unobs_or_zero_occ_residues.polymer_flag 
_pdbx_unobs_or_zero_occ_residues.occupancy_flag 
_pdbx_unobs_or_zero_occ_residues.auth_asym_id 
_pdbx_unobs_or_zero_occ_residues.auth_comp_id 
_pdbx_unobs_or_zero_occ_residues.auth_seq_id 
_pdbx_unobs_or_zero_occ_residues.PDB_ins_code 
_pdbx_unobs_or_zero_occ_residues.label_asym_id 
_pdbx_unobs_or_zero_occ_residues.label_comp_id 
_pdbx_unobs_or_zero_occ_residues.label_seq_id 
1  1 Y 1 A ALA 84 ? A ALA 86 
2  1 Y 1 B GLN -1 ? B GLN 1  
3  1 Y 1 B ALA 0  ? B ALA 2  
4  1 Y 1 B MET 1  ? B MET 3  
5  1 Y 1 B THR 2  ? B THR 4  
6  1 Y 1 B LYS 3  ? B LYS 5  
7  1 Y 1 B THR 4  ? B THR 6  
8  1 Y 1 B LEU 5  ? B LEU 7  
9  1 Y 1 B GLN 83 ? B GLN 85 
10 1 Y 1 B ALA 84 ? B ALA 86 
# 
loop_
_chem_comp_atom.comp_id 
_chem_comp_atom.atom_id 
_chem_comp_atom.type_symbol 
_chem_comp_atom.pdbx_aromatic_flag 
_chem_comp_atom.pdbx_stereo_config 
_chem_comp_atom.pdbx_ordinal 
ALA N    N N N 1   
ALA CA   C N S 2   
ALA C    C N N 3   
ALA O    O N N 4   
ALA CB   C N N 5   
ALA OXT  O N N 6   
ALA H    H N N 7   
ALA H2   H N N 8   
ALA HA   H N N 9   
ALA HB1  H N N 10  
ALA HB2  H N N 11  
ALA HB3  H N N 12  
ALA HXT  H N N 13  
ARG N    N N N 14  
ARG CA   C N S 15  
ARG C    C N N 16  
ARG O    O N N 17  
ARG CB   C N N 18  
ARG CG   C N N 19  
ARG CD   C N N 20  
ARG NE   N N N 21  
ARG CZ   C N N 22  
ARG NH1  N N N 23  
ARG NH2  N N N 24  
ARG OXT  O N N 25  
ARG H    H N N 26  
ARG H2   H N N 27  
ARG HA   H N N 28  
ARG HB2  H N N 29  
ARG HB3  H N N 30  
ARG HG2  H N N 31  
ARG HG3  H N N 32  
ARG HD2  H N N 33  
ARG HD3  H N N 34  
ARG HE   H N N 35  
ARG HH11 H N N 36  
ARG HH12 H N N 37  
ARG HH21 H N N 38  
ARG HH22 H N N 39  
ARG HXT  H N N 40  
ASP N    N N N 41  
ASP CA   C N S 42  
ASP C    C N N 43  
ASP O    O N N 44  
ASP CB   C N N 45  
ASP CG   C N N 46  
ASP OD1  O N N 47  
ASP OD2  O N N 48  
ASP OXT  O N N 49  
ASP H    H N N 50  
ASP H2   H N N 51  
ASP HA   H N N 52  
ASP HB2  H N N 53  
ASP HB3  H N N 54  
ASP HD2  H N N 55  
ASP HXT  H N N 56  
CYS N    N N N 57  
CYS CA   C N R 58  
CYS C    C N N 59  
CYS O    O N N 60  
CYS CB   C N N 61  
CYS SG   S N N 62  
CYS OXT  O N N 63  
CYS H    H N N 64  
CYS H2   H N N 65  
CYS HA   H N N 66  
CYS HB2  H N N 67  
CYS HB3  H N N 68  
CYS HG   H N N 69  
CYS HXT  H N N 70  
GLN N    N N N 71  
GLN CA   C N S 72  
GLN C    C N N 73  
GLN O    O N N 74  
GLN CB   C N N 75  
GLN CG   C N N 76  
GLN CD   C N N 77  
GLN OE1  O N N 78  
GLN NE2  N N N 79  
GLN OXT  O N N 80  
GLN H    H N N 81  
GLN H2   H N N 82  
GLN HA   H N N 83  
GLN HB2  H N N 84  
GLN HB3  H N N 85  
GLN HG2  H N N 86  
GLN HG3  H N N 87  
GLN HE21 H N N 88  
GLN HE22 H N N 89  
GLN HXT  H N N 90  
GLU N    N N N 91  
GLU CA   C N S 92  
GLU C    C N N 93  
GLU O    O N N 94  
GLU CB   C N N 95  
GLU CG   C N N 96  
GLU CD   C N N 97  
GLU OE1  O N N 98  
GLU OE2  O N N 99  
GLU OXT  O N N 100 
GLU H    H N N 101 
GLU H2   H N N 102 
GLU HA   H N N 103 
GLU HB2  H N N 104 
GLU HB3  H N N 105 
GLU HG2  H N N 106 
GLU HG3  H N N 107 
GLU HE2  H N N 108 
GLU HXT  H N N 109 
GLY N    N N N 110 
GLY CA   C N N 111 
GLY C    C N N 112 
GLY O    O N N 113 
GLY OXT  O N N 114 
GLY H    H N N 115 
GLY H2   H N N 116 
GLY HA2  H N N 117 
GLY HA3  H N N 118 
GLY HXT  H N N 119 
HIS N    N N N 120 
HIS CA   C N S 121 
HIS C    C N N 122 
HIS O    O N N 123 
HIS CB   C N N 124 
HIS CG   C Y N 125 
HIS ND1  N Y N 126 
HIS CD2  C Y N 127 
HIS CE1  C Y N 128 
HIS NE2  N Y N 129 
HIS OXT  O N N 130 
HIS H    H N N 131 
HIS H2   H N N 132 
HIS HA   H N N 133 
HIS HB2  H N N 134 
HIS HB3  H N N 135 
HIS HD1  H N N 136 
HIS HD2  H N N 137 
HIS HE1  H N N 138 
HIS HE2  H N N 139 
HIS HXT  H N N 140 
HOH O    O N N 141 
HOH H1   H N N 142 
HOH H2   H N N 143 
ILE N    N N N 144 
ILE CA   C N S 145 
ILE C    C N N 146 
ILE O    O N N 147 
ILE CB   C N S 148 
ILE CG1  C N N 149 
ILE CG2  C N N 150 
ILE CD1  C N N 151 
ILE OXT  O N N 152 
ILE H    H N N 153 
ILE H2   H N N 154 
ILE HA   H N N 155 
ILE HB   H N N 156 
ILE HG12 H N N 157 
ILE HG13 H N N 158 
ILE HG21 H N N 159 
ILE HG22 H N N 160 
ILE HG23 H N N 161 
ILE HD11 H N N 162 
ILE HD12 H N N 163 
ILE HD13 H N N 164 
ILE HXT  H N N 165 
LEU N    N N N 166 
LEU CA   C N S 167 
LEU C    C N N 168 
LEU O    O N N 169 
LEU CB   C N N 170 
LEU CG   C N N 171 
LEU CD1  C N N 172 
LEU CD2  C N N 173 
LEU OXT  O N N 174 
LEU H    H N N 175 
LEU H2   H N N 176 
LEU HA   H N N 177 
LEU HB2  H N N 178 
LEU HB3  H N N 179 
LEU HG   H N N 180 
LEU HD11 H N N 181 
LEU HD12 H N N 182 
LEU HD13 H N N 183 
LEU HD21 H N N 184 
LEU HD22 H N N 185 
LEU HD23 H N N 186 
LEU HXT  H N N 187 
LYS N    N N N 188 
LYS CA   C N S 189 
LYS C    C N N 190 
LYS O    O N N 191 
LYS CB   C N N 192 
LYS CG   C N N 193 
LYS CD   C N N 194 
LYS CE   C N N 195 
LYS NZ   N N N 196 
LYS OXT  O N N 197 
LYS H    H N N 198 
LYS H2   H N N 199 
LYS HA   H N N 200 
LYS HB2  H N N 201 
LYS HB3  H N N 202 
LYS HG2  H N N 203 
LYS HG3  H N N 204 
LYS HD2  H N N 205 
LYS HD3  H N N 206 
LYS HE2  H N N 207 
LYS HE3  H N N 208 
LYS HZ1  H N N 209 
LYS HZ2  H N N 210 
LYS HZ3  H N N 211 
LYS HXT  H N N 212 
MET N    N N N 213 
MET CA   C N S 214 
MET C    C N N 215 
MET O    O N N 216 
MET CB   C N N 217 
MET CG   C N N 218 
MET SD   S N N 219 
MET CE   C N N 220 
MET OXT  O N N 221 
MET H    H N N 222 
MET H2   H N N 223 
MET HA   H N N 224 
MET HB2  H N N 225 
MET HB3  H N N 226 
MET HG2  H N N 227 
MET HG3  H N N 228 
MET HE1  H N N 229 
MET HE2  H N N 230 
MET HE3  H N N 231 
MET HXT  H N N 232 
PHE N    N N N 233 
PHE CA   C N S 234 
PHE C    C N N 235 
PHE O    O N N 236 
PHE CB   C N N 237 
PHE CG   C Y N 238 
PHE CD1  C Y N 239 
PHE CD2  C Y N 240 
PHE CE1  C Y N 241 
PHE CE2  C Y N 242 
PHE CZ   C Y N 243 
PHE OXT  O N N 244 
PHE H    H N N 245 
PHE H2   H N N 246 
PHE HA   H N N 247 
PHE HB2  H N N 248 
PHE HB3  H N N 249 
PHE HD1  H N N 250 
PHE HD2  H N N 251 
PHE HE1  H N N 252 
PHE HE2  H N N 253 
PHE HZ   H N N 254 
PHE HXT  H N N 255 
PRO N    N N N 256 
PRO CA   C N S 257 
PRO C    C N N 258 
PRO O    O N N 259 
PRO CB   C N N 260 
PRO CG   C N N 261 
PRO CD   C N N 262 
PRO OXT  O N N 263 
PRO H    H N N 264 
PRO HA   H N N 265 
PRO HB2  H N N 266 
PRO HB3  H N N 267 
PRO HG2  H N N 268 
PRO HG3  H N N 269 
PRO HD2  H N N 270 
PRO HD3  H N N 271 
PRO HXT  H N N 272 
SER N    N N N 273 
SER CA   C N S 274 
SER C    C N N 275 
SER O    O N N 276 
SER CB   C N N 277 
SER OG   O N N 278 
SER OXT  O N N 279 
SER H    H N N 280 
SER H2   H N N 281 
SER HA   H N N 282 
SER HB2  H N N 283 
SER HB3  H N N 284 
SER HG   H N N 285 
SER HXT  H N N 286 
THR N    N N N 287 
THR CA   C N S 288 
THR C    C N N 289 
THR O    O N N 290 
THR CB   C N R 291 
THR OG1  O N N 292 
THR CG2  C N N 293 
THR OXT  O N N 294 
THR H    H N N 295 
THR H2   H N N 296 
THR HA   H N N 297 
THR HB   H N N 298 
THR HG1  H N N 299 
THR HG21 H N N 300 
THR HG22 H N N 301 
THR HG23 H N N 302 
THR HXT  H N N 303 
TRP N    N N N 304 
TRP CA   C N S 305 
TRP C    C N N 306 
TRP O    O N N 307 
TRP CB   C N N 308 
TRP CG   C Y N 309 
TRP CD1  C Y N 310 
TRP CD2  C Y N 311 
TRP NE1  N Y N 312 
TRP CE2  C Y N 313 
TRP CE3  C Y N 314 
TRP CZ2  C Y N 315 
TRP CZ3  C Y N 316 
TRP CH2  C Y N 317 
TRP OXT  O N N 318 
TRP H    H N N 319 
TRP H2   H N N 320 
TRP HA   H N N 321 
TRP HB2  H N N 322 
TRP HB3  H N N 323 
TRP HD1  H N N 324 
TRP HE1  H N N 325 
TRP HE3  H N N 326 
TRP HZ2  H N N 327 
TRP HZ3  H N N 328 
TRP HH2  H N N 329 
TRP HXT  H N N 330 
TYR N    N N N 331 
TYR CA   C N S 332 
TYR C    C N N 333 
TYR O    O N N 334 
TYR CB   C N N 335 
TYR CG   C Y N 336 
TYR CD1  C Y N 337 
TYR CD2  C Y N 338 
TYR CE1  C Y N 339 
TYR CE2  C Y N 340 
TYR CZ   C Y N 341 
TYR OH   O N N 342 
TYR OXT  O N N 343 
TYR H    H N N 344 
TYR H2   H N N 345 
TYR HA   H N N 346 
TYR HB2  H N N 347 
TYR HB3  H N N 348 
TYR HD1  H N N 349 
TYR HD2  H N N 350 
TYR HE1  H N N 351 
TYR HE2  H N N 352 
TYR HH   H N N 353 
TYR HXT  H N N 354 
VAL N    N N N 355 
VAL CA   C N S 356 
VAL C    C N N 357 
VAL O    O N N 358 
VAL CB   C N N 359 
VAL CG1  C N N 360 
VAL CG2  C N N 361 
VAL OXT  O N N 362 
VAL H    H N N 363 
VAL H2   H N N 364 
VAL HA   H N N 365 
VAL HB   H N N 366 
VAL HG11 H N N 367 
VAL HG12 H N N 368 
VAL HG13 H N N 369 
VAL HG21 H N N 370 
VAL HG22 H N N 371 
VAL HG23 H N N 372 
VAL HXT  H N N 373 
# 
loop_
_chem_comp_bond.comp_id 
_chem_comp_bond.atom_id_1 
_chem_comp_bond.atom_id_2 
_chem_comp_bond.value_order 
_chem_comp_bond.pdbx_aromatic_flag 
_chem_comp_bond.pdbx_stereo_config 
_chem_comp_bond.pdbx_ordinal 
ALA N   CA   sing N N 1   
ALA N   H    sing N N 2   
ALA N   H2   sing N N 3   
ALA CA  C    sing N N 4   
ALA CA  CB   sing N N 5   
ALA CA  HA   sing N N 6   
ALA C   O    doub N N 7   
ALA C   OXT  sing N N 8   
ALA CB  HB1  sing N N 9   
ALA CB  HB2  sing N N 10  
ALA CB  HB3  sing N N 11  
ALA OXT HXT  sing N N 12  
ARG N   CA   sing N N 13  
ARG N   H    sing N N 14  
ARG N   H2   sing N N 15  
ARG CA  C    sing N N 16  
ARG CA  CB   sing N N 17  
ARG CA  HA   sing N N 18  
ARG C   O    doub N N 19  
ARG C   OXT  sing N N 20  
ARG CB  CG   sing N N 21  
ARG CB  HB2  sing N N 22  
ARG CB  HB3  sing N N 23  
ARG CG  CD   sing N N 24  
ARG CG  HG2  sing N N 25  
ARG CG  HG3  sing N N 26  
ARG CD  NE   sing N N 27  
ARG CD  HD2  sing N N 28  
ARG CD  HD3  sing N N 29  
ARG NE  CZ   sing N N 30  
ARG NE  HE   sing N N 31  
ARG CZ  NH1  sing N N 32  
ARG CZ  NH2  doub N N 33  
ARG NH1 HH11 sing N N 34  
ARG NH1 HH12 sing N N 35  
ARG NH2 HH21 sing N N 36  
ARG NH2 HH22 sing N N 37  
ARG OXT HXT  sing N N 38  
ASP N   CA   sing N N 39  
ASP N   H    sing N N 40  
ASP N   H2   sing N N 41  
ASP CA  C    sing N N 42  
ASP CA  CB   sing N N 43  
ASP CA  HA   sing N N 44  
ASP C   O    doub N N 45  
ASP C   OXT  sing N N 46  
ASP CB  CG   sing N N 47  
ASP CB  HB2  sing N N 48  
ASP CB  HB3  sing N N 49  
ASP CG  OD1  doub N N 50  
ASP CG  OD2  sing N N 51  
ASP OD2 HD2  sing N N 52  
ASP OXT HXT  sing N N 53  
CYS N   CA   sing N N 54  
CYS N   H    sing N N 55  
CYS N   H2   sing N N 56  
CYS CA  C    sing N N 57  
CYS CA  CB   sing N N 58  
CYS CA  HA   sing N N 59  
CYS C   O    doub N N 60  
CYS C   OXT  sing N N 61  
CYS CB  SG   sing N N 62  
CYS CB  HB2  sing N N 63  
CYS CB  HB3  sing N N 64  
CYS SG  HG   sing N N 65  
CYS OXT HXT  sing N N 66  
GLN N   CA   sing N N 67  
GLN N   H    sing N N 68  
GLN N   H2   sing N N 69  
GLN CA  C    sing N N 70  
GLN CA  CB   sing N N 71  
GLN CA  HA   sing N N 72  
GLN C   O    doub N N 73  
GLN C   OXT  sing N N 74  
GLN CB  CG   sing N N 75  
GLN CB  HB2  sing N N 76  
GLN CB  HB3  sing N N 77  
GLN CG  CD   sing N N 78  
GLN CG  HG2  sing N N 79  
GLN CG  HG3  sing N N 80  
GLN CD  OE1  doub N N 81  
GLN CD  NE2  sing N N 82  
GLN NE2 HE21 sing N N 83  
GLN NE2 HE22 sing N N 84  
GLN OXT HXT  sing N N 85  
GLU N   CA   sing N N 86  
GLU N   H    sing N N 87  
GLU N   H2   sing N N 88  
GLU CA  C    sing N N 89  
GLU CA  CB   sing N N 90  
GLU CA  HA   sing N N 91  
GLU C   O    doub N N 92  
GLU C   OXT  sing N N 93  
GLU CB  CG   sing N N 94  
GLU CB  HB2  sing N N 95  
GLU CB  HB3  sing N N 96  
GLU CG  CD   sing N N 97  
GLU CG  HG2  sing N N 98  
GLU CG  HG3  sing N N 99  
GLU CD  OE1  doub N N 100 
GLU CD  OE2  sing N N 101 
GLU OE2 HE2  sing N N 102 
GLU OXT HXT  sing N N 103 
GLY N   CA   sing N N 104 
GLY N   H    sing N N 105 
GLY N   H2   sing N N 106 
GLY CA  C    sing N N 107 
GLY CA  HA2  sing N N 108 
GLY CA  HA3  sing N N 109 
GLY C   O    doub N N 110 
GLY C   OXT  sing N N 111 
GLY OXT HXT  sing N N 112 
HIS N   CA   sing N N 113 
HIS N   H    sing N N 114 
HIS N   H2   sing N N 115 
HIS CA  C    sing N N 116 
HIS CA  CB   sing N N 117 
HIS CA  HA   sing N N 118 
HIS C   O    doub N N 119 
HIS C   OXT  sing N N 120 
HIS CB  CG   sing N N 121 
HIS CB  HB2  sing N N 122 
HIS CB  HB3  sing N N 123 
HIS CG  ND1  sing Y N 124 
HIS CG  CD2  doub Y N 125 
HIS ND1 CE1  doub Y N 126 
HIS ND1 HD1  sing N N 127 
HIS CD2 NE2  sing Y N 128 
HIS CD2 HD2  sing N N 129 
HIS CE1 NE2  sing Y N 130 
HIS CE1 HE1  sing N N 131 
HIS NE2 HE2  sing N N 132 
HIS OXT HXT  sing N N 133 
HOH O   H1   sing N N 134 
HOH O   H2   sing N N 135 
ILE N   CA   sing N N 136 
ILE N   H    sing N N 137 
ILE N   H2   sing N N 138 
ILE CA  C    sing N N 139 
ILE CA  CB   sing N N 140 
ILE CA  HA   sing N N 141 
ILE C   O    doub N N 142 
ILE C   OXT  sing N N 143 
ILE CB  CG1  sing N N 144 
ILE CB  CG2  sing N N 145 
ILE CB  HB   sing N N 146 
ILE CG1 CD1  sing N N 147 
ILE CG1 HG12 sing N N 148 
ILE CG1 HG13 sing N N 149 
ILE CG2 HG21 sing N N 150 
ILE CG2 HG22 sing N N 151 
ILE CG2 HG23 sing N N 152 
ILE CD1 HD11 sing N N 153 
ILE CD1 HD12 sing N N 154 
ILE CD1 HD13 sing N N 155 
ILE OXT HXT  sing N N 156 
LEU N   CA   sing N N 157 
LEU N   H    sing N N 158 
LEU N   H2   sing N N 159 
LEU CA  C    sing N N 160 
LEU CA  CB   sing N N 161 
LEU CA  HA   sing N N 162 
LEU C   O    doub N N 163 
LEU C   OXT  sing N N 164 
LEU CB  CG   sing N N 165 
LEU CB  HB2  sing N N 166 
LEU CB  HB3  sing N N 167 
LEU CG  CD1  sing N N 168 
LEU CG  CD2  sing N N 169 
LEU CG  HG   sing N N 170 
LEU CD1 HD11 sing N N 171 
LEU CD1 HD12 sing N N 172 
LEU CD1 HD13 sing N N 173 
LEU CD2 HD21 sing N N 174 
LEU CD2 HD22 sing N N 175 
LEU CD2 HD23 sing N N 176 
LEU OXT HXT  sing N N 177 
LYS N   CA   sing N N 178 
LYS N   H    sing N N 179 
LYS N   H2   sing N N 180 
LYS CA  C    sing N N 181 
LYS CA  CB   sing N N 182 
LYS CA  HA   sing N N 183 
LYS C   O    doub N N 184 
LYS C   OXT  sing N N 185 
LYS CB  CG   sing N N 186 
LYS CB  HB2  sing N N 187 
LYS CB  HB3  sing N N 188 
LYS CG  CD   sing N N 189 
LYS CG  HG2  sing N N 190 
LYS CG  HG3  sing N N 191 
LYS CD  CE   sing N N 192 
LYS CD  HD2  sing N N 193 
LYS CD  HD3  sing N N 194 
LYS CE  NZ   sing N N 195 
LYS CE  HE2  sing N N 196 
LYS CE  HE3  sing N N 197 
LYS NZ  HZ1  sing N N 198 
LYS NZ  HZ2  sing N N 199 
LYS NZ  HZ3  sing N N 200 
LYS OXT HXT  sing N N 201 
MET N   CA   sing N N 202 
MET N   H    sing N N 203 
MET N   H2   sing N N 204 
MET CA  C    sing N N 205 
MET CA  CB   sing N N 206 
MET CA  HA   sing N N 207 
MET C   O    doub N N 208 
MET C   OXT  sing N N 209 
MET CB  CG   sing N N 210 
MET CB  HB2  sing N N 211 
MET CB  HB3  sing N N 212 
MET CG  SD   sing N N 213 
MET CG  HG2  sing N N 214 
MET CG  HG3  sing N N 215 
MET SD  CE   sing N N 216 
MET CE  HE1  sing N N 217 
MET CE  HE2  sing N N 218 
MET CE  HE3  sing N N 219 
MET OXT HXT  sing N N 220 
PHE N   CA   sing N N 221 
PHE N   H    sing N N 222 
PHE N   H2   sing N N 223 
PHE CA  C    sing N N 224 
PHE CA  CB   sing N N 225 
PHE CA  HA   sing N N 226 
PHE C   O    doub N N 227 
PHE C   OXT  sing N N 228 
PHE CB  CG   sing N N 229 
PHE CB  HB2  sing N N 230 
PHE CB  HB3  sing N N 231 
PHE CG  CD1  doub Y N 232 
PHE CG  CD2  sing Y N 233 
PHE CD1 CE1  sing Y N 234 
PHE CD1 HD1  sing N N 235 
PHE CD2 CE2  doub Y N 236 
PHE CD2 HD2  sing N N 237 
PHE CE1 CZ   doub Y N 238 
PHE CE1 HE1  sing N N 239 
PHE CE2 CZ   sing Y N 240 
PHE CE2 HE2  sing N N 241 
PHE CZ  HZ   sing N N 242 
PHE OXT HXT  sing N N 243 
PRO N   CA   sing N N 244 
PRO N   CD   sing N N 245 
PRO N   H    sing N N 246 
PRO CA  C    sing N N 247 
PRO CA  CB   sing N N 248 
PRO CA  HA   sing N N 249 
PRO C   O    doub N N 250 
PRO C   OXT  sing N N 251 
PRO CB  CG   sing N N 252 
PRO CB  HB2  sing N N 253 
PRO CB  HB3  sing N N 254 
PRO CG  CD   sing N N 255 
PRO CG  HG2  sing N N 256 
PRO CG  HG3  sing N N 257 
PRO CD  HD2  sing N N 258 
PRO CD  HD3  sing N N 259 
PRO OXT HXT  sing N N 260 
SER N   CA   sing N N 261 
SER N   H    sing N N 262 
SER N   H2   sing N N 263 
SER CA  C    sing N N 264 
SER CA  CB   sing N N 265 
SER CA  HA   sing N N 266 
SER C   O    doub N N 267 
SER C   OXT  sing N N 268 
SER CB  OG   sing N N 269 
SER CB  HB2  sing N N 270 
SER CB  HB3  sing N N 271 
SER OG  HG   sing N N 272 
SER OXT HXT  sing N N 273 
THR N   CA   sing N N 274 
THR N   H    sing N N 275 
THR N   H2   sing N N 276 
THR CA  C    sing N N 277 
THR CA  CB   sing N N 278 
THR CA  HA   sing N N 279 
THR C   O    doub N N 280 
THR C   OXT  sing N N 281 
THR CB  OG1  sing N N 282 
THR CB  CG2  sing N N 283 
THR CB  HB   sing N N 284 
THR OG1 HG1  sing N N 285 
THR CG2 HG21 sing N N 286 
THR CG2 HG22 sing N N 287 
THR CG2 HG23 sing N N 288 
THR OXT HXT  sing N N 289 
TRP N   CA   sing N N 290 
TRP N   H    sing N N 291 
TRP N   H2   sing N N 292 
TRP CA  C    sing N N 293 
TRP CA  CB   sing N N 294 
TRP CA  HA   sing N N 295 
TRP C   O    doub N N 296 
TRP C   OXT  sing N N 297 
TRP CB  CG   sing N N 298 
TRP CB  HB2  sing N N 299 
TRP CB  HB3  sing N N 300 
TRP CG  CD1  doub Y N 301 
TRP CG  CD2  sing Y N 302 
TRP CD1 NE1  sing Y N 303 
TRP CD1 HD1  sing N N 304 
TRP CD2 CE2  doub Y N 305 
TRP CD2 CE3  sing Y N 306 
TRP NE1 CE2  sing Y N 307 
TRP NE1 HE1  sing N N 308 
TRP CE2 CZ2  sing Y N 309 
TRP CE3 CZ3  doub Y N 310 
TRP CE3 HE3  sing N N 311 
TRP CZ2 CH2  doub Y N 312 
TRP CZ2 HZ2  sing N N 313 
TRP CZ3 CH2  sing Y N 314 
TRP CZ3 HZ3  sing N N 315 
TRP CH2 HH2  sing N N 316 
TRP OXT HXT  sing N N 317 
TYR N   CA   sing N N 318 
TYR N   H    sing N N 319 
TYR N   H2   sing N N 320 
TYR CA  C    sing N N 321 
TYR CA  CB   sing N N 322 
TYR CA  HA   sing N N 323 
TYR C   O    doub N N 324 
TYR C   OXT  sing N N 325 
TYR CB  CG   sing N N 326 
TYR CB  HB2  sing N N 327 
TYR CB  HB3  sing N N 328 
TYR CG  CD1  doub Y N 329 
TYR CG  CD2  sing Y N 330 
TYR CD1 CE1  sing Y N 331 
TYR CD1 HD1  sing N N 332 
TYR CD2 CE2  doub Y N 333 
TYR CD2 HD2  sing N N 334 
TYR CE1 CZ   doub Y N 335 
TYR CE1 HE1  sing N N 336 
TYR CE2 CZ   sing Y N 337 
TYR CE2 HE2  sing N N 338 
TYR CZ  OH   sing N N 339 
TYR OH  HH   sing N N 340 
TYR OXT HXT  sing N N 341 
VAL N   CA   sing N N 342 
VAL N   H    sing N N 343 
VAL N   H2   sing N N 344 
VAL CA  C    sing N N 345 
VAL CA  CB   sing N N 346 
VAL CA  HA   sing N N 347 
VAL C   O    doub N N 348 
VAL C   OXT  sing N N 349 
VAL CB  CG1  sing N N 350 
VAL CB  CG2  sing N N 351 
VAL CB  HB   sing N N 352 
VAL CG1 HG11 sing N N 353 
VAL CG1 HG12 sing N N 354 
VAL CG1 HG13 sing N N 355 
VAL CG2 HG21 sing N N 356 
VAL CG2 HG22 sing N N 357 
VAL CG2 HG23 sing N N 358 
VAL OXT HXT  sing N N 359 
# 
_atom_sites.entry_id                    3EUS 
_atom_sites.fract_transf_matrix[1][1]   -0.02474459 
_atom_sites.fract_transf_matrix[1][2]   0.00146169 
_atom_sites.fract_transf_matrix[1][3]   0.00234072 
_atom_sites.fract_transf_matrix[2][1]   -0.00000185 
_atom_sites.fract_transf_matrix[2][2]   -0.01399568 
_atom_sites.fract_transf_matrix[2][3]   0.00872015 
_atom_sites.fract_transf_matrix[3][1]   0.00161789 
_atom_sites.fract_transf_matrix[3][2]   0.00767139 
_atom_sites.fract_transf_matrix[3][3]   0.01231278 
_atom_sites.fract_transf_vector[1]      0.164978 
_atom_sites.fract_transf_vector[2]      0.676470 
_atom_sites.fract_transf_vector[3]      0.168431 
# 
loop_
_atom_type.symbol 
C 
N 
O 
S 
# 
loop_
_atom_site.group_PDB 
_atom_site.id 
_atom_site.type_symbol 
_atom_site.label_atom_id 
_atom_site.label_alt_id 
_atom_site.label_comp_id 
_atom_site.label_asym_id 
_atom_site.label_entity_id 
_atom_site.label_seq_id 
_atom_site.pdbx_PDB_ins_code 
_atom_site.Cartn_x 
_atom_site.Cartn_y 
_atom_site.Cartn_z 
_atom_site.occupancy 
_atom_site.B_iso_or_equiv 
_atom_site.pdbx_formal_charge 
_atom_site.auth_seq_id 
_atom_site.auth_comp_id 
_atom_site.auth_asym_id 
_atom_site.auth_atom_id 
_atom_site.pdbx_PDB_model_num 
ATOM   1    N N   . GLN A 1 1  ? 21.215  -1.858  -1.609  1.00 32.20 ? -1  GLN A N   1 
ATOM   2    C CA  . GLN A 1 1  ? 20.623  -3.169  -1.180  1.00 31.87 ? -1  GLN A CA  1 
ATOM   3    C C   . GLN A 1 1  ? 20.710  -3.552  0.303   1.00 32.23 ? -1  GLN A C   1 
ATOM   4    O O   . GLN A 1 1  ? 20.141  -4.583  0.702   1.00 31.04 ? -1  GLN A O   1 
ATOM   5    C CB  . GLN A 1 1  ? 21.147  -4.281  -2.026  1.00 32.08 ? -1  GLN A CB  1 
ATOM   6    C CG  . GLN A 1 1  ? 20.133  -4.830  -2.956  1.00 29.78 ? -1  GLN A CG  1 
ATOM   7    C CD  . GLN A 1 1  ? 20.773  -5.223  -4.234  1.00 29.98 ? -1  GLN A CD  1 
ATOM   8    O OE1 . GLN A 1 1  ? 21.867  -4.774  -4.514  1.00 22.95 ? -1  GLN A OE1 1 
ATOM   9    N NE2 . GLN A 1 1  ? 20.108  -6.088  -5.016  1.00 28.33 ? -1  GLN A NE2 1 
ATOM   10   N N   . ALA A 1 2  ? 21.352  -2.715  1.120   1.00 32.30 ? 0   ALA A N   1 
ATOM   11   C CA  . ALA A 1 2  ? 21.152  -2.807  2.572   1.00 32.85 ? 0   ALA A CA  1 
ATOM   12   C C   . ALA A 1 2  ? 19.634  -2.926  2.858   1.00 33.20 ? 0   ALA A C   1 
ATOM   13   O O   . ALA A 1 2  ? 19.209  -3.740  3.680   1.00 33.60 ? 0   ALA A O   1 
ATOM   14   C CB  . ALA A 1 2  ? 21.729  -1.585  3.264   1.00 32.75 ? 0   ALA A CB  1 
ATOM   15   N N   . MET A 1 3  ? 18.835  -2.137  2.139   1.00 33.50 ? 1   MET A N   1 
ATOM   16   C CA  . MET A 1 3  ? 17.373  -2.125  2.321   1.00 34.14 ? 1   MET A CA  1 
ATOM   17   C C   . MET A 1 3  ? 16.664  -3.483  2.085   1.00 33.15 ? 1   MET A C   1 
ATOM   18   O O   . MET A 1 3  ? 15.663  -3.801  2.788   1.00 31.91 ? 1   MET A O   1 
ATOM   19   C CB  . MET A 1 3  ? 16.758  -1.031  1.425   1.00 35.11 ? 1   MET A CB  1 
ATOM   20   C CG  . MET A 1 3  ? 15.219  -0.953  1.440   1.00 41.86 ? 1   MET A CG  1 
ATOM   21   S SD  . MET A 1 3  ? 14.548  -0.531  3.062   1.00 52.97 ? 1   MET A SD  1 
ATOM   22   C CE  . MET A 1 3  ? 12.843  -1.105  2.951   1.00 51.48 ? 1   MET A CE  1 
ATOM   23   N N   . THR A 1 4  ? 17.141  -4.288  1.119   1.00 31.70 ? 2   THR A N   1 
ATOM   24   C CA  . THR A 1 4  ? 16.326  -5.468  0.707   1.00 31.14 ? 2   THR A CA  1 
ATOM   25   C C   . THR A 1 4  ? 16.256  -6.527  1.796   1.00 31.21 ? 2   THR A C   1 
ATOM   26   O O   . THR A 1 4  ? 15.362  -7.371  1.765   1.00 30.53 ? 2   THR A O   1 
ATOM   27   C CB  . THR A 1 4  ? 16.648  -6.073  -0.747  1.00 31.24 ? 2   THR A CB  1 
ATOM   28   O OG1 . THR A 1 4  ? 16.871  -7.483  -0.690  1.00 31.47 ? 2   THR A OG1 1 
ATOM   29   C CG2 . THR A 1 4  ? 17.790  -5.350  -1.467  1.00 25.21 ? 2   THR A CG2 1 
ATOM   30   N N   . LYS A 1 5  ? 17.194  -6.464  2.757   1.00 31.61 ? 3   LYS A N   1 
ATOM   31   C CA  . LYS A 1 5  ? 17.113  -7.278  3.984   1.00 32.04 ? 3   LYS A CA  1 
ATOM   32   C C   . LYS A 1 5  ? 15.787  -6.983  4.772   1.00 32.61 ? 3   LYS A C   1 
ATOM   33   O O   . LYS A 1 5  ? 15.270  -7.865  5.464   1.00 33.14 ? 3   LYS A O   1 
ATOM   34   C CB  . LYS A 1 5  ? 18.366  -7.048  4.843   1.00 32.04 ? 3   LYS A CB  1 
ATOM   35   C CG  . LYS A 1 5  ? 19.702  -7.202  4.057   1.00 32.19 ? 3   LYS A CG  1 
ATOM   36   C CD  . LYS A 1 5  ? 20.930  -7.209  4.978   1.00 31.42 ? 3   LYS A CD  1 
ATOM   37   C CE  . LYS A 1 5  ? 22.265  -7.538  4.229   1.00 31.56 ? 3   LYS A CE  1 
ATOM   38   N NZ  . LYS A 1 5  ? 22.710  -6.484  3.268   1.00 30.62 ? 3   LYS A NZ  1 
ATOM   39   N N   . THR A 1 6  ? 15.257  -5.760  4.649   1.00 32.85 ? 4   THR A N   1 
ATOM   40   C CA  . THR A 1 6  ? 13.915  -5.348  5.182   1.00 34.30 ? 4   THR A CA  1 
ATOM   41   C C   . THR A 1 6  ? 12.716  -5.754  4.288   1.00 33.72 ? 4   THR A C   1 
ATOM   42   O O   . THR A 1 6  ? 11.550  -5.569  4.667   1.00 34.58 ? 4   THR A O   1 
ATOM   43   C CB  . THR A 1 6  ? 13.812  -3.775  5.328   1.00 33.81 ? 4   THR A CB  1 
ATOM   44   O OG1 . THR A 1 6  ? 14.710  -3.314  6.349   1.00 38.35 ? 4   THR A OG1 1 
ATOM   45   C CG2 . THR A 1 6  ? 12.332  -3.299  5.635   1.00 37.37 ? 4   THR A CG2 1 
ATOM   46   N N   . LEU A 1 7  ? 13.010  -6.258  3.088   1.00 32.95 ? 5   LEU A N   1 
ATOM   47   C CA  . LEU A 1 7  ? 12.010  -6.438  2.043   1.00 31.58 ? 5   LEU A CA  1 
ATOM   48   C C   . LEU A 1 7  ? 12.048  -7.869  1.555   1.00 30.93 ? 5   LEU A C   1 
ATOM   49   O O   . LEU A 1 7  ? 11.835  -8.127  0.379   1.00 31.52 ? 5   LEU A O   1 
ATOM   50   C CB  . LEU A 1 7  ? 12.317  -5.470  0.904   1.00 31.73 ? 5   LEU A CB  1 
ATOM   51   C CG  . LEU A 1 7  ? 12.389  -3.969  1.254   1.00 31.51 ? 5   LEU A CG  1 
ATOM   52   C CD1 . LEU A 1 7  ? 12.832  -3.193  0.054   1.00 32.81 ? 5   LEU A CD1 1 
ATOM   53   C CD2 . LEU A 1 7  ? 11.063  -3.432  1.754   1.00 32.68 ? 5   LEU A CD2 1 
ATOM   54   N N   . ARG A 1 8  ? 12.336  -8.797  2.465   1.00 29.59 ? 6   ARG A N   1 
ATOM   55   C CA  . ARG A 1 8  ? 12.540  -10.220 2.115   1.00 28.81 ? 6   ARG A CA  1 
ATOM   56   C C   . ARG A 1 8  ? 11.361  -11.114 2.462   1.00 26.65 ? 6   ARG A C   1 
ATOM   57   O O   . ARG A 1 8  ? 11.442  -12.313 2.286   1.00 26.78 ? 6   ARG A O   1 
ATOM   58   C CB  . ARG A 1 8  ? 13.753  -10.844 2.830   1.00 29.14 ? 6   ARG A CB  1 
ATOM   59   C CG  . ARG A 1 8  ? 14.907  -9.970  3.151   1.00 32.95 ? 6   ARG A CG  1 
ATOM   60   C CD  . ARG A 1 8  ? 16.236  -10.644 2.714   1.00 37.07 ? 6   ARG A CD  1 
ATOM   61   N NE  . ARG A 1 8  ? 16.397  -10.469 1.264   1.00 41.33 ? 6   ARG A NE  1 
ATOM   62   C CZ  . ARG A 1 8  ? 17.509  -10.696 0.563   1.00 43.85 ? 6   ARG A CZ  1 
ATOM   63   N NH1 . ARG A 1 8  ? 17.497  -10.489 -0.755  1.00 45.81 ? 6   ARG A NH1 1 
ATOM   64   N NH2 . ARG A 1 8  ? 18.617  -11.139 1.155   1.00 45.63 ? 6   ARG A NH2 1 
ATOM   65   N N   . THR A 1 9  ? 10.271  -10.574 2.992   1.00 24.34 ? 7   THR A N   1 
ATOM   66   C CA  . THR A 1 9  ? 9.186   -11.458 3.391   1.00 23.27 ? 7   THR A CA  1 
ATOM   67   C C   . THR A 1 9  ? 8.467   -11.916 2.120   1.00 21.74 ? 7   THR A C   1 
ATOM   68   O O   . THR A 1 9  ? 8.540   -11.234 1.071   1.00 20.58 ? 7   THR A O   1 
ATOM   69   C CB  . THR A 1 9  ? 8.174   -10.707 4.259   1.00 23.93 ? 7   THR A CB  1 
ATOM   70   O OG1 . THR A 1 9  ? 7.526   -9.740  3.439   1.00 22.79 ? 7   THR A OG1 1 
ATOM   71   C CG2 . THR A 1 9  ? 8.882   -10.008 5.404   1.00 25.12 ? 7   THR A CG2 1 
ATOM   72   N N   . PRO A 1 10 ? 7.763   -13.026 2.206   1.00 21.11 ? 8   PRO A N   1 
ATOM   73   C CA  . PRO A 1 10 ? 6.911   -13.496 1.138   1.00 20.37 ? 8   PRO A CA  1 
ATOM   74   C C   . PRO A 1 10 ? 5.990   -12.422 0.604   1.00 19.00 ? 8   PRO A C   1 
ATOM   75   O O   . PRO A 1 10 ? 5.716   -12.384 -0.607  1.00 17.04 ? 8   PRO A O   1 
ATOM   76   C CB  . PRO A 1 10 ? 6.069   -14.580 1.816   1.00 20.04 ? 8   PRO A CB  1 
ATOM   77   C CG  . PRO A 1 10 ? 6.912   -15.058 2.901   1.00 22.29 ? 8   PRO A CG  1 
ATOM   78   C CD  . PRO A 1 10 ? 7.786   -13.976 3.335   1.00 21.77 ? 8   PRO A CD  1 
ATOM   79   N N   . GLU A 1 11 ? 5.494   -11.554 1.498   1.00 18.55 ? 9   GLU A N   1 
ATOM   80   C CA  . GLU A 1 11 ? 4.563   -10.513 1.073   1.00 18.30 ? 9   GLU A CA  1 
ATOM   81   C C   . GLU A 1 11 ? 5.223   -9.445  0.180   1.00 18.73 ? 9   GLU A C   1 
ATOM   82   O O   . GLU A 1 11 ? 4.652   -9.003  -0.809  1.00 16.57 ? 9   GLU A O   1 
ATOM   83   C CB  . GLU A 1 11 ? 3.901   -9.871  2.284   1.00 19.48 ? 9   GLU A CB  1 
ATOM   84   C CG  . GLU A 1 11 ? 3.000   -10.818 3.012   1.00 20.67 ? 9   GLU A CG  1 
ATOM   85   C CD  . GLU A 1 11 ? 3.663   -11.634 4.113   1.00 25.66 ? 9   GLU A CD  1 
ATOM   86   O OE1 . GLU A 1 11 ? 4.904   -11.866 4.157   1.00 22.73 ? 9   GLU A OE1 1 
ATOM   87   O OE2 . GLU A 1 11 ? 2.872   -12.098 4.949   1.00 30.92 ? 9   GLU A OE2 1 
ATOM   88   N N   . HIS A 1 12 ? 6.433   -9.050  0.525   1.00 19.21 ? 10  HIS A N   1 
ATOM   89   C CA  . HIS A 1 12 ? 7.184   -8.085  -0.295  1.00 20.06 ? 10  HIS A CA  1 
ATOM   90   C C   . HIS A 1 12 ? 7.533   -8.655  -1.647  1.00 19.70 ? 10  HIS A C   1 
ATOM   91   O O   . HIS A 1 12 ? 7.430   -7.969  -2.671  1.00 19.16 ? 10  HIS A O   1 
ATOM   92   C CB  . HIS A 1 12 ? 8.506   -7.754  0.357   1.00 21.60 ? 10  HIS A CB  1 
ATOM   93   C CG  . HIS A 1 12 ? 8.347   -6.997  1.610   1.00 26.70 ? 10  HIS A CG  1 
ATOM   94   N ND1 . HIS A 1 12 ? 8.358   -7.610  2.846   1.00 33.18 ? 10  HIS A ND1 1 
ATOM   95   C CD2 . HIS A 1 12 ? 8.142   -5.679  1.832   1.00 31.22 ? 10  HIS A CD2 1 
ATOM   96   C CE1 . HIS A 1 12 ? 8.160   -6.692  3.780   1.00 34.47 ? 10  HIS A CE1 1 
ATOM   97   N NE2 . HIS A 1 12 ? 8.023   -5.516  3.190   1.00 33.72 ? 10  HIS A NE2 1 
ATOM   98   N N   . VAL A 1 13 ? 7.974   -9.898  -1.639  1.00 17.96 ? 11  VAL A N   1 
ATOM   99   C CA  . VAL A 1 13 ? 8.359   -10.558 -2.885  1.00 18.17 ? 11  VAL A CA  1 
ATOM   100  C C   . VAL A 1 13 ? 7.124   -10.628 -3.816  1.00 17.57 ? 11  VAL A C   1 
ATOM   101  O O   . VAL A 1 13 ? 7.171   -10.281 -4.989  1.00 16.45 ? 11  VAL A O   1 
ATOM   102  C CB  . VAL A 1 13 ? 8.954   -11.946 -2.568  1.00 17.90 ? 11  VAL A CB  1 
ATOM   103  C CG1 . VAL A 1 13 ? 8.896   -12.895 -3.763  1.00 20.31 ? 11  VAL A CG1 1 
ATOM   104  C CG2 . VAL A 1 13 ? 10.361  -11.813 -2.047  1.00 17.67 ? 11  VAL A CG2 1 
ATOM   105  N N   . TYR A 1 14 ? 5.993   -11.013 -3.251  1.00 16.42 ? 12  TYR A N   1 
ATOM   106  C CA  . TYR A 1 14 ? 4.709   -11.026 -4.014  1.00 15.99 ? 12  TYR A CA  1 
ATOM   107  C C   . TYR A 1 14 ? 4.309   -9.641  -4.512  1.00 15.46 ? 12  TYR A C   1 
ATOM   108  O O   . TYR A 1 14 ? 3.938   -9.470  -5.655  1.00 14.50 ? 12  TYR A O   1 
ATOM   109  C CB  . TYR A 1 14 ? 3.605   -11.625 -3.163  1.00 15.11 ? 12  TYR A CB  1 
ATOM   110  C CG  . TYR A 1 14 ? 2.248   -11.544 -3.774  1.00 15.33 ? 12  TYR A CG  1 
ATOM   111  C CD1 . TYR A 1 14 ? 1.873   -12.419 -4.793  1.00 18.53 ? 12  TYR A CD1 1 
ATOM   112  C CD2 . TYR A 1 14 ? 1.338   -10.612 -3.351  1.00 17.56 ? 12  TYR A CD2 1 
ATOM   113  C CE1 . TYR A 1 14 ? 0.632   -12.344 -5.365  1.00 18.71 ? 12  TYR A CE1 1 
ATOM   114  C CE2 . TYR A 1 14 ? 0.120   -10.520 -3.931  1.00 19.34 ? 12  TYR A CE2 1 
ATOM   115  C CZ  . TYR A 1 14 ? -0.235  -11.397 -4.914  1.00 17.84 ? 12  TYR A CZ  1 
ATOM   116  O OH  . TYR A 1 14 ? -1.469  -11.311 -5.488  1.00 23.33 ? 12  TYR A OH  1 
ATOM   117  N N   . LEU A 1 15 ? 4.360   -8.638  -3.655  1.00 14.81 ? 13  LEU A N   1 
ATOM   118  C CA  . LEU A 1 15 ? 3.946   -7.308  -4.024  1.00 13.98 ? 13  LEU A CA  1 
ATOM   119  C C   . LEU A 1 15 ? 4.805   -6.870  -5.212  1.00 14.77 ? 13  LEU A C   1 
ATOM   120  O O   . LEU A 1 15 ? 4.305   -6.358  -6.222  1.00 12.15 ? 13  LEU A O   1 
ATOM   121  C CB  . LEU A 1 15 ? 4.138   -6.352  -2.862  1.00 14.44 ? 13  LEU A CB  1 
ATOM   122  C CG  . LEU A 1 15 ? 3.969   -4.876  -3.181  1.00 15.81 ? 13  LEU A CG  1 
ATOM   123  C CD1 . LEU A 1 15 ? 2.574   -4.548  -3.825  1.00 17.77 ? 13  LEU A CD1 1 
ATOM   124  C CD2 . LEU A 1 15 ? 4.183   -4.030  -1.901  1.00 19.76 ? 13  LEU A CD2 1 
ATOM   125  N N   . CYS A 1 16 ? 6.096   -7.171  -5.118  1.00 13.96 ? 14  CYS A N   1 
ATOM   126  C CA  . CYS A 1 16 ? 7.012   -6.713  -6.132  1.00 15.32 ? 14  CYS A CA  1 
ATOM   127  C C   . CYS A 1 16 ? 6.724   -7.387  -7.431  1.00 13.89 ? 14  CYS A C   1 
ATOM   128  O O   . CYS A 1 16 ? 6.816   -6.740  -8.474  1.00 13.58 ? 14  CYS A O   1 
ATOM   129  C CB  . CYS A 1 16 ? 8.434   -6.912  -5.694  1.00 15.23 ? 14  CYS A CB  1 
ATOM   130  S SG  . CYS A 1 16 ? 8.823   -5.557  -4.524  1.00 23.24 ? 14  CYS A SG  1 
ATOM   131  N N   . GLN A 1 17 ? 6.401   -8.676  -7.376  1.00 14.37 ? 15  GLN A N   1 
ATOM   132  C CA  . GLN A 1 17 ? 6.012   -9.398  -8.563  1.00 13.64 ? 15  GLN A CA  1 
ATOM   133  C C   . GLN A 1 17 ? 4.795   -8.728  -9.218  1.00 13.91 ? 15  GLN A C   1 
ATOM   134  O O   . GLN A 1 17 ? 4.730   -8.560  -10.444 1.00 13.19 ? 15  GLN A O   1 
ATOM   135  C CB  . GLN A 1 17 ? 5.738   -10.897 -8.188  1.00 14.76 ? 15  GLN A CB  1 
ATOM   136  C CG  . GLN A 1 17 ? 5.069   -11.695 -9.226  1.00 19.87 ? 15  GLN A CG  1 
ATOM   137  C CD  . GLN A 1 17 ? 5.787   -11.732 -10.540 1.00 27.61 ? 15  GLN A CD  1 
ATOM   138  O OE1 . GLN A 1 17 ? 5.149   -11.931 -11.605 1.00 33.50 ? 15  GLN A OE1 1 
ATOM   139  N NE2 . GLN A 1 17 ? 7.115   -11.611 -10.501 1.00 27.70 ? 15  GLN A NE2 1 
ATOM   140  N N   . ARG A 1 18 ? 3.795   -8.422  -8.418  1.00 14.70 ? 16  ARG A N   1 
ATOM   141  C CA  . ARG A 1 18 ? 2.573   -7.763  -8.939  1.00 13.40 ? 16  ARG A CA  1 
ATOM   142  C C   . ARG A 1 18 ? 2.846   -6.369  -9.466  1.00 12.87 ? 16  ARG A C   1 
ATOM   143  O O   . ARG A 1 18 ? 2.229   -5.987  -10.472 1.00 13.29 ? 16  ARG A O   1 
ATOM   144  C CB  . ARG A 1 18 ? 1.453   -7.675  -7.890  1.00 14.11 ? 16  ARG A CB  1 
ATOM   145  C CG  . ARG A 1 18 ? 0.889   -8.975  -7.415  1.00 14.46 ? 16  ARG A CG  1 
ATOM   146  C CD  . ARG A 1 18 ? 0.461   -9.931  -8.600  1.00 14.85 ? 16  ARG A CD  1 
ATOM   147  N NE  . ARG A 1 18 ? -0.648  -9.326  -9.343  1.00 15.22 ? 16  ARG A NE  1 
ATOM   148  C CZ  . ARG A 1 18 ? -1.947  -9.599  -9.145  1.00 19.71 ? 16  ARG A CZ  1 
ATOM   149  N NH1 . ARG A 1 18 ? -2.331  -10.431 -8.191  1.00 18.57 ? 16  ARG A NH1 1 
ATOM   150  N NH2 . ARG A 1 18 ? -2.862  -9.049  -9.935  1.00 18.45 ? 16  ARG A NH2 1 
ATOM   151  N N   . LEU A 1 19 ? 3.747   -5.622  -8.840  1.00 11.81 ? 17  LEU A N   1 
ATOM   152  C CA  . LEU A 1 19 ? 4.082   -4.268  -9.349  1.00 12.90 ? 17  LEU A CA  1 
ATOM   153  C C   . LEU A 1 19 ? 4.695   -4.392  -10.726 1.00 11.76 ? 17  LEU A C   1 
ATOM   154  O O   . LEU A 1 19 ? 4.321   -3.689  -11.701 1.00 11.39 ? 17  LEU A O   1 
ATOM   155  C CB  . LEU A 1 19 ? 5.017   -3.598  -8.409  1.00 12.12 ? 17  LEU A CB  1 
ATOM   156  C CG  . LEU A 1 19 ? 4.385   -3.087  -7.122  1.00 11.63 ? 17  LEU A CG  1 
ATOM   157  C CD1 . LEU A 1 19 ? 5.510   -2.574  -6.219  1.00 13.87 ? 17  LEU A CD1 1 
ATOM   158  C CD2 . LEU A 1 19 ? 3.365   -2.026  -7.463  1.00 15.02 ? 17  LEU A CD2 1 
ATOM   159  N N   . ARG A 1 20 ? 5.631   -5.315  -10.841 1.00 12.05 ? 18  ARG A N   1 
ATOM   160  C CA  . ARG A 1 20 ? 6.305   -5.519  -12.121 1.00 11.55 ? 18  ARG A CA  1 
ATOM   161  C C   . ARG A 1 20 ? 5.320   -6.035  -13.161 1.00 12.01 ? 18  ARG A C   1 
ATOM   162  O O   . ARG A 1 20 ? 5.361   -5.617  -14.318 1.00 13.22 ? 18  ARG A O   1 
ATOM   163  C CB  . ARG A 1 20 ? 7.519   -6.492  -11.981 1.00 12.63 ? 18  ARG A CB  1 
ATOM   164  C CG  . ARG A 1 20 ? 8.171   -6.857  -13.295 1.00 13.41 ? 18  ARG A CG  1 
ATOM   165  C CD  . ARG A 1 20 ? 9.368   -7.875  -13.142 1.00 12.26 ? 18  ARG A CD  1 
ATOM   166  N NE  . ARG A 1 20 ? 9.092   -8.928  -12.151 1.00 18.21 ? 18  ARG A NE  1 
ATOM   167  C CZ  . ARG A 1 20 ? 9.609   -8.942  -10.907 1.00 23.49 ? 18  ARG A CZ  1 
ATOM   168  N NH1 . ARG A 1 20 ? 10.520  -8.022  -10.525 1.00 23.27 ? 18  ARG A NH1 1 
ATOM   169  N NH2 . ARG A 1 20 ? 9.309   -9.936  -10.068 1.00 23.66 ? 18  ARG A NH2 1 
ATOM   170  N N   . GLN A 1 21 ? 4.481   -7.002  -12.794 1.00 12.84 ? 19  GLN A N   1 
ATOM   171  C CA  . GLN A 1 21 ? 3.580   -7.591  -13.776 1.00 14.32 ? 19  GLN A CA  1 
ATOM   172  C C   . GLN A 1 21 ? 2.522   -6.571  -14.246 1.00 15.04 ? 19  GLN A C   1 
ATOM   173  O O   . GLN A 1 21 ? 2.186   -6.543  -15.443 1.00 15.25 ? 19  GLN A O   1 
ATOM   174  C CB  . GLN A 1 21 ? 2.945   -8.885  -13.230 1.00 15.08 ? 19  GLN A CB  1 
ATOM   175  C CG  . GLN A 1 21 ? 2.744   -10.032 -14.282 1.00 20.37 ? 19  GLN A CG  1 
ATOM   176  C CD  . GLN A 1 21 ? 3.943   -10.318 -15.183 1.00 22.53 ? 19  GLN A CD  1 
ATOM   177  O OE1 . GLN A 1 21 ? 5.030   -10.747 -14.725 1.00 22.59 ? 19  GLN A OE1 1 
ATOM   178  N NE2 . GLN A 1 21 ? 3.755   -10.096 -16.491 1.00 22.42 ? 19  GLN A NE2 1 
ATOM   179  N N   . ALA A 1 22 ? 2.065   -5.687  -13.340 1.00 14.88 ? 20  ALA A N   1 
ATOM   180  C CA  . ALA A 1 22 ? 1.209   -4.579  -13.761 1.00 13.91 ? 20  ALA A CA  1 
ATOM   181  C C   . ALA A 1 22 ? 1.890   -3.730  -14.845 1.00 13.17 ? 20  ALA A C   1 
ATOM   182  O O   . ALA A 1 22 ? 1.268   -3.352  -15.850 1.00 14.95 ? 20  ALA A O   1 
ATOM   183  C CB  . ALA A 1 22 ? 0.725   -3.709  -12.539 1.00 12.74 ? 20  ALA A CB  1 
ATOM   184  N N   . ARG A 1 23 ? 3.167   -3.411  -14.657 1.00 13.32 ? 21  ARG A N   1 
ATOM   185  C CA  . ARG A 1 23 ? 3.875   -2.583  -15.603 1.00 11.81 ? 21  ARG A CA  1 
ATOM   186  C C   . ARG A 1 23 ? 4.012   -3.286  -16.935 1.00 13.49 ? 21  ARG A C   1 
ATOM   187  O O   . ARG A 1 23 ? 3.777   -2.693  -17.968 1.00 14.45 ? 21  ARG A O   1 
ATOM   188  C CB  . ARG A 1 23 ? 5.269   -2.239  -15.090 1.00 10.92 ? 21  ARG A CB  1 
ATOM   189  C CG  . ARG A 1 23 ? 6.163   -1.503  -16.065 1.00 11.85 ? 21  ARG A CG  1 
ATOM   190  C CD  . ARG A 1 23 ? 7.453   -1.139  -15.466 1.00 12.95 ? 21  ARG A CD  1 
ATOM   191  N NE  . ARG A 1 23 ? 8.228   -2.324  -15.068 1.00 15.05 ? 21  ARG A NE  1 
ATOM   192  C CZ  . ARG A 1 23 ? 8.873   -3.155  -15.912 1.00 18.30 ? 21  ARG A CZ  1 
ATOM   193  N NH1 . ARG A 1 23 ? 8.860   -2.982  -17.222 1.00 15.51 ? 21  ARG A NH1 1 
ATOM   194  N NH2 . ARG A 1 23 ? 9.538   -4.181  -15.420 1.00 17.67 ? 21  ARG A NH2 1 
ATOM   195  N N   . LEU A 1 24 ? 4.469   -4.534  -16.879 1.00 14.83 ? 22  LEU A N   1 
ATOM   196  C CA  . LEU A 1 24 ? 4.694   -5.349  -18.069 1.00 15.05 ? 22  LEU A CA  1 
ATOM   197  C C   . LEU A 1 24 ? 3.367   -5.585  -18.768 1.00 16.32 ? 22  LEU A C   1 
ATOM   198  O O   . LEU A 1 24 ? 3.329   -5.532  -20.007 1.00 14.61 ? 22  LEU A O   1 
ATOM   199  C CB  . LEU A 1 24 ? 5.310   -6.706  -17.703 1.00 15.11 ? 22  LEU A CB  1 
ATOM   200  C CG  . LEU A 1 24 ? 6.765   -6.710  -17.217 1.00 15.48 ? 22  LEU A CG  1 
ATOM   201  C CD1 . LEU A 1 24 ? 7.186   -8.088  -16.709 1.00 14.88 ? 22  LEU A CD1 1 
ATOM   202  C CD2 . LEU A 1 24 ? 7.698   -6.216  -18.297 1.00 18.97 ? 22  LEU A CD2 1 
ATOM   203  N N   . ASP A 1 25 ? 2.296   -5.827  -17.994 1.00 17.06 ? 23  ASP A N   1 
ATOM   204  C CA  . ASP A 1 25 ? 0.930   -5.964  -18.588 1.00 18.08 ? 23  ASP A CA  1 
ATOM   205  C C   . ASP A 1 25 ? 0.412   -4.710  -19.317 1.00 18.01 ? 23  ASP A C   1 
ATOM   206  O O   . ASP A 1 25 ? -0.376  -4.840  -20.260 1.00 18.47 ? 23  ASP A O   1 
ATOM   207  C CB  . ASP A 1 25 ? -0.112  -6.387  -17.557 1.00 18.11 ? 23  ASP A CB  1 
ATOM   208  C CG  . ASP A 1 25 ? 0.067   -7.843  -17.068 1.00 20.10 ? 23  ASP A CG  1 
ATOM   209  O OD1 . ASP A 1 25 ? 0.893   -8.566  -17.658 1.00 17.12 ? 23  ASP A OD1 1 
ATOM   210  O OD2 . ASP A 1 25 ? -0.607  -8.222  -16.058 1.00 20.19 ? 23  ASP A OD2 1 
ATOM   211  N N   . ALA A 1 26 ? 0.884   -3.525  -18.921 1.00 15.81 ? 24  ALA A N   1 
ATOM   212  C CA  . ALA A 1 26 ? 0.521   -2.258  -19.575 1.00 15.76 ? 24  ALA A CA  1 
ATOM   213  C C   . ALA A 1 26 ? 1.430   -1.933  -20.738 1.00 14.92 ? 24  ALA A C   1 
ATOM   214  O O   . ALA A 1 26 ? 1.239   -0.927  -21.423 1.00 14.38 ? 24  ALA A O   1 
ATOM   215  C CB  . ALA A 1 26 ? 0.558   -1.077  -18.524 1.00 14.72 ? 24  ALA A CB  1 
ATOM   216  N N   . GLY A 1 27 ? 2.451   -2.752  -20.947 1.00 14.83 ? 25  GLY A N   1 
ATOM   217  C CA  . GLY A 1 27 ? 3.337   -2.586  -22.067 1.00 15.10 ? 25  GLY A CA  1 
ATOM   218  C C   . GLY A 1 27 ? 4.345   -1.485  -21.881 1.00 14.93 ? 25  GLY A C   1 
ATOM   219  O O   . GLY A 1 27 ? 4.731   -0.855  -22.871 1.00 14.76 ? 25  GLY A O   1 
ATOM   220  N N   . LEU A 1 28 ? 4.787   -1.276  -20.637 1.00 14.09 ? 26  LEU A N   1 
ATOM   221  C CA  . LEU A 1 28 ? 5.664   -0.179  -20.268 1.00 14.35 ? 26  LEU A CA  1 
ATOM   222  C C   . LEU A 1 28 ? 7.020   -0.703  -19.880 1.00 14.29 ? 26  LEU A C   1 
ATOM   223  O O   . LEU A 1 28 ? 7.098   -1.707  -19.164 1.00 15.05 ? 26  LEU A O   1 
ATOM   224  C CB  . LEU A 1 28 ? 5.119   0.581   -19.042 1.00 13.92 ? 26  LEU A CB  1 
ATOM   225  C CG  . LEU A 1 28 ? 3.748   1.254   -19.106 1.00 13.91 ? 26  LEU A CG  1 
ATOM   226  C CD1 . LEU A 1 28 ? 3.226   1.780   -17.727 1.00 16.14 ? 26  LEU A CD1 1 
ATOM   227  C CD2 . LEU A 1 28 ? 3.798   2.373   -20.113 1.00 18.83 ? 26  LEU A CD2 1 
ATOM   228  N N   . THR A 1 29 ? 8.073   0.021   -20.298 1.00 15.20 ? 27  THR A N   1 
ATOM   229  C CA  . THR A 1 29 ? 9.409   -0.242  -19.833 1.00 15.41 ? 27  THR A CA  1 
ATOM   230  C C   . THR A 1 29 ? 9.513   0.392   -18.460 1.00 16.40 ? 27  THR A C   1 
ATOM   231  O O   . THR A 1 29 ? 8.677   1.206   -18.097 1.00 16.08 ? 27  THR A O   1 
ATOM   232  C CB  . THR A 1 29 ? 10.476  0.427   -20.753 1.00 15.84 ? 27  THR A CB  1 
ATOM   233  O OG1 . THR A 1 29 ? 10.302  1.842   -20.738 1.00 15.43 ? 27  THR A OG1 1 
ATOM   234  C CG2 . THR A 1 29 ? 10.357  -0.105  -22.190 1.00 16.76 ? 27  THR A CG2 1 
ATOM   235  N N   . GLN A 1 30 ? 10.549  0.068   -17.700 1.00 16.06 ? 28  GLN A N   1 
ATOM   236  C CA  . GLN A 1 30 ? 10.758  0.798   -16.462 1.00 16.37 ? 28  GLN A CA  1 
ATOM   237  C C   . GLN A 1 30 ? 10.832  2.341   -16.671 1.00 16.67 ? 28  GLN A C   1 
ATOM   238  O O   . GLN A 1 30 ? 10.232  3.096   -15.899 1.00 16.58 ? 28  GLN A O   1 
ATOM   239  C CB  . GLN A 1 30 ? 11.979  0.281   -15.745 1.00 16.19 ? 28  GLN A CB  1 
ATOM   240  C CG  . GLN A 1 30 ? 11.832  -1.174  -15.267 1.00 16.82 ? 28  GLN A CG  1 
ATOM   241  C CD  . GLN A 1 30 ? 13.079  -1.678  -14.618 1.00 18.08 ? 28  GLN A CD  1 
ATOM   242  O OE1 . GLN A 1 30 ? 14.177  -1.317  -15.034 1.00 15.48 ? 28  GLN A OE1 1 
ATOM   243  N NE2 . GLN A 1 30 ? 12.928  -2.485  -13.589 1.00 20.27 ? 28  GLN A NE2 1 
ATOM   244  N N   . ALA A 1 31 ? 11.520  2.774   -17.730 1.00 17.36 ? 29  ALA A N   1 
ATOM   245  C CA  . ALA A 1 31 ? 11.626  4.194   -18.077 1.00 17.98 ? 29  ALA A CA  1 
ATOM   246  C C   . ALA A 1 31 ? 10.266  4.854   -18.335 1.00 17.32 ? 29  ALA A C   1 
ATOM   247  O O   . ALA A 1 31 ? 10.041  5.987   -17.884 1.00 16.88 ? 29  ALA A O   1 
ATOM   248  C CB  . ALA A 1 31 ? 12.553  4.395   -19.295 1.00 18.22 ? 29  ALA A CB  1 
ATOM   249  N N   . ASP A 1 32 ? 9.419   4.149   -19.097 1.00 16.82 ? 30  ASP A N   1 
ATOM   250  C CA  . ASP A 1 32 ? 8.081   4.613   -19.511 1.00 17.17 ? 30  ASP A CA  1 
ATOM   251  C C   . ASP A 1 32 ? 7.208   4.845   -18.278 1.00 16.02 ? 30  ASP A C   1 
ATOM   252  O O   . ASP A 1 32 ? 6.523   5.872   -18.158 1.00 16.98 ? 30  ASP A O   1 
ATOM   253  C CB  . ASP A 1 32 ? 7.389   3.545   -20.359 1.00 16.77 ? 30  ASP A CB  1 
ATOM   254  C CG  . ASP A 1 32 ? 7.936   3.412   -21.776 1.00 19.81 ? 30  ASP A CG  1 
ATOM   255  O OD1 . ASP A 1 32 ? 8.510   4.390   -22.340 1.00 16.59 ? 30  ASP A OD1 1 
ATOM   256  O OD2 . ASP A 1 32 ? 7.696   2.305   -22.345 1.00 19.11 ? 30  ASP A OD2 1 
ATOM   257  N N   . LEU A 1 33 ? 7.269   3.884   -17.352 1.00 16.01 ? 31  LEU A N   1 
ATOM   258  C CA  . LEU A 1 33 ? 6.494   3.948   -16.134 1.00 14.77 ? 31  LEU A CA  1 
ATOM   259  C C   . LEU A 1 33 ? 7.030   5.083   -15.260 1.00 14.40 ? 31  LEU A C   1 
ATOM   260  O O   . LEU A 1 33 ? 6.233   5.865   -14.717 1.00 12.86 ? 31  LEU A O   1 
ATOM   261  C CB  . LEU A 1 33 ? 6.455   2.609   -15.370 1.00 15.27 ? 31  LEU A CB  1 
ATOM   262  C CG  . LEU A 1 33 ? 5.709   2.668   -14.031 1.00 9.62  ? 31  LEU A CG  1 
ATOM   263  C CD1 . LEU A 1 33 ? 4.241   3.265   -14.155 1.00 10.36 ? 31  LEU A CD1 1 
ATOM   264  C CD2 . LEU A 1 33 ? 5.741   1.320   -13.213 1.00 11.03 ? 31  LEU A CD2 1 
ATOM   265  N N   . ALA A 1 34 ? 8.355   5.181   -15.117 1.00 13.91 ? 32  ALA A N   1 
ATOM   266  C CA  . ALA A 1 34 ? 8.933   6.233   -14.285 1.00 14.82 ? 32  ALA A CA  1 
ATOM   267  C C   . ALA A 1 34 ? 8.528   7.618   -14.826 1.00 14.64 ? 32  ALA A C   1 
ATOM   268  O O   . ALA A 1 34 ? 8.199   8.508   -14.055 1.00 15.95 ? 32  ALA A O   1 
ATOM   269  C CB  . ALA A 1 34 ? 10.441  6.112   -14.172 1.00 14.88 ? 32  ALA A CB  1 
ATOM   270  N N   . GLU A 1 35 ? 8.500   7.752   -16.137 1.00 15.78 ? 33  GLU A N   1 
ATOM   271  C CA  . GLU A 1 35 ? 8.156   9.040   -16.774 1.00 15.90 ? 33  GLU A CA  1 
ATOM   272  C C   . GLU A 1 35 ? 6.720   9.397   -16.362 1.00 15.74 ? 33  GLU A C   1 
ATOM   273  O O   . GLU A 1 35 ? 6.427   10.542  -15.942 1.00 15.07 ? 33  GLU A O   1 
ATOM   274  C CB  . GLU A 1 35 ? 8.248   8.927   -18.311 1.00 16.37 ? 33  GLU A CB  1 
ATOM   275  C CG  . GLU A 1 35 ? 9.615   9.188   -18.922 1.00 21.93 ? 33  GLU A CG  1 
ATOM   276  C CD  . GLU A 1 35 ? 10.031  10.645  -18.968 1.00 28.06 ? 33  GLU A CD  1 
ATOM   277  O OE1 . GLU A 1 35 ? 9.283   11.520  -19.474 1.00 32.02 ? 33  GLU A OE1 1 
ATOM   278  O OE2 . GLU A 1 35 ? 11.164  10.916  -18.526 1.00 34.65 ? 33  GLU A OE2 1 
ATOM   279  N N   . ARG A 1 36 ? 5.835   8.400   -16.389 1.00 15.19 ? 34  ARG A N   1 
ATOM   280  C CA  . ARG A 1 36 ? 4.436   8.622   -16.007 1.00 16.64 ? 34  ARG A CA  1 
ATOM   281  C C   . ARG A 1 36 ? 4.288   8.976   -14.537 1.00 17.17 ? 34  ARG A C   1 
ATOM   282  O O   . ARG A 1 36 ? 3.337   9.673   -14.177 1.00 18.75 ? 34  ARG A O   1 
ATOM   283  C CB  . ARG A 1 36 ? 3.547   7.435   -16.303 1.00 16.71 ? 34  ARG A CB  1 
ATOM   284  C CG  . ARG A 1 36 ? 3.362   7.121   -17.764 1.00 18.17 ? 34  ARG A CG  1 
ATOM   285  C CD  . ARG A 1 36 ? 2.453   5.911   -17.894 1.00 19.80 ? 34  ARG A CD  1 
ATOM   286  N NE  . ARG A 1 36 ? 2.134   5.649   -19.285 1.00 23.03 ? 34  ARG A NE  1 
ATOM   287  C CZ  . ARG A 1 36 ? 1.198   4.796   -19.694 1.00 24.20 ? 34  ARG A CZ  1 
ATOM   288  N NH1 . ARG A 1 36 ? 0.474   4.090   -18.820 1.00 26.44 ? 34  ARG A NH1 1 
ATOM   289  N NH2 . ARG A 1 36 ? 0.966   4.662   -20.995 1.00 26.06 ? 34  ARG A NH2 1 
ATOM   290  N N   . LEU A 1 37 ? 5.242   8.531   -13.712 1.00 15.26 ? 35  LEU A N   1 
ATOM   291  C CA  . LEU A 1 37 ? 5.212   8.809   -12.294 1.00 15.06 ? 35  LEU A CA  1 
ATOM   292  C C   . LEU A 1 37 ? 6.063   10.020  -11.929 1.00 16.23 ? 35  LEU A C   1 
ATOM   293  O O   . LEU A 1 37 ? 6.154   10.308  -10.731 1.00 15.95 ? 35  LEU A O   1 
ATOM   294  C CB  . LEU A 1 37 ? 5.716   7.604   -11.513 1.00 13.38 ? 35  LEU A CB  1 
ATOM   295  C CG  . LEU A 1 37 ? 4.885   6.345   -11.636 1.00 13.46 ? 35  LEU A CG  1 
ATOM   296  C CD1 . LEU A 1 37 ? 5.628   5.176   -10.882 1.00 12.40 ? 35  LEU A CD1 1 
ATOM   297  C CD2 . LEU A 1 37 ? 3.485   6.589   -11.100 1.00 13.57 ? 35  LEU A CD2 1 
ATOM   298  N N   . ASP A 1 38 ? 6.639   10.705  -12.932 1.00 16.49 ? 36  ASP A N   1 
ATOM   299  C CA  . ASP A 1 38 ? 7.547   11.833  -12.749 1.00 18.98 ? 36  ASP A CA  1 
ATOM   300  C C   . ASP A 1 38 ? 8.737   11.477  -11.816 1.00 19.11 ? 36  ASP A C   1 
ATOM   301  O O   . ASP A 1 38 ? 9.168   12.273  -10.939 1.00 20.10 ? 36  ASP A O   1 
ATOM   302  C CB  . ASP A 1 38 ? 6.770   13.058  -12.270 1.00 19.65 ? 36  ASP A CB  1 
ATOM   303  C CG  . ASP A 1 38 ? 7.516   14.364  -12.506 1.00 20.38 ? 36  ASP A CG  1 
ATOM   304  O OD1 . ASP A 1 38 ? 8.213   14.514  -13.536 1.00 20.85 ? 36  ASP A OD1 1 
ATOM   305  O OD2 . ASP A 1 38 ? 7.390   15.245  -11.619 1.00 25.81 ? 36  ASP A OD2 1 
ATOM   306  N N   . LYS A 1 39 ? 9.263   10.286  -12.077 1.00 18.01 ? 37  LYS A N   1 
ATOM   307  C CA  . LYS A 1 39 ? 10.355  9.669   -11.342 1.00 17.48 ? 37  LYS A CA  1 
ATOM   308  C C   . LYS A 1 39 ? 11.460  9.315   -12.274 1.00 17.15 ? 37  LYS A C   1 
ATOM   309  O O   . LYS A 1 39 ? 11.240  9.162   -13.500 1.00 13.82 ? 37  LYS A O   1 
ATOM   310  C CB  . LYS A 1 39 ? 9.865   8.385   -10.670 1.00 18.01 ? 37  LYS A CB  1 
ATOM   311  C CG  . LYS A 1 39 ? 8.927   8.631   -9.527  1.00 18.58 ? 37  LYS A CG  1 
ATOM   312  C CD  . LYS A 1 39 ? 9.664   9.178   -8.337  1.00 23.43 ? 37  LYS A CD  1 
ATOM   313  C CE  . LYS A 1 39 ? 8.820   9.138   -7.075  1.00 25.86 ? 37  LYS A CE  1 
ATOM   314  N NZ  . LYS A 1 39 ? 9.656   9.149   -5.826  1.00 30.96 ? 37  LYS A NZ  1 
ATOM   315  N N   . PRO A 1 40 ? 12.685  9.126   -11.708 1.00 17.74 ? 38  PRO A N   1 
ATOM   316  C CA  . PRO A 1 40 ? 13.791  8.610   -12.484 1.00 18.00 ? 38  PRO A CA  1 
ATOM   317  C C   . PRO A 1 40 ? 13.611  7.110   -12.703 1.00 18.61 ? 38  PRO A C   1 
ATOM   318  O O   . PRO A 1 40 ? 12.950  6.489   -11.902 1.00 16.61 ? 38  PRO A O   1 
ATOM   319  C CB  . PRO A 1 40 ? 15.011  8.866   -11.593 1.00 18.12 ? 38  PRO A CB  1 
ATOM   320  C CG  . PRO A 1 40 ? 14.472  8.976   -10.191 1.00 16.82 ? 38  PRO A CG  1 
ATOM   321  C CD  . PRO A 1 40 ? 13.030  9.373   -10.292 1.00 18.02 ? 38  PRO A CD  1 
ATOM   322  N N   . GLN A 1 41 ? 14.166  6.561   -13.772 1.00 19.39 ? 39  GLN A N   1 
ATOM   323  C CA  . GLN A 1 41 ? 14.029  5.127   -14.050 1.00 20.99 ? 39  GLN A CA  1 
ATOM   324  C C   . GLN A 1 41 ? 14.429  4.252   -12.856 1.00 21.05 ? 39  GLN A C   1 
ATOM   325  O O   . GLN A 1 41 ? 13.819  3.188   -12.602 1.00 21.41 ? 39  GLN A O   1 
ATOM   326  C CB  . GLN A 1 41 ? 14.824  4.779   -15.296 1.00 21.59 ? 39  GLN A CB  1 
ATOM   327  C CG  . GLN A 1 41 ? 14.909  3.313   -15.653 1.00 23.84 ? 39  GLN A CG  1 
ATOM   328  C CD  . GLN A 1 41 ? 15.785  3.024   -16.874 1.00 29.25 ? 39  GLN A CD  1 
ATOM   329  O OE1 . GLN A 1 41 ? 15.866  3.818   -17.822 1.00 33.75 ? 39  GLN A OE1 1 
ATOM   330  N NE2 . GLN A 1 41 ? 16.441  1.869   -16.855 1.00 33.10 ? 39  GLN A NE2 1 
ATOM   331  N N   . SER A 1 42 ? 15.462  4.701   -12.139 1.00 21.21 ? 40  SER A N   1 
ATOM   332  C CA  . SER A 1 42 ? 15.988  4.010   -10.944 1.00 20.83 ? 40  SER A CA  1 
ATOM   333  C C   . SER A 1 42 ? 14.949  3.776   -9.860  1.00 20.21 ? 40  SER A C   1 
ATOM   334  O O   . SER A 1 42 ? 15.019  2.779   -9.148  1.00 20.13 ? 40  SER A O   1 
ATOM   335  C CB  . SER A 1 42 ? 17.205  4.768   -10.364 1.00 20.04 ? 40  SER A CB  1 
ATOM   336  O OG  . SER A 1 42 ? 16.835  5.999   -9.749  1.00 21.82 ? 40  SER A OG  1 
ATOM   337  N N   . PHE A 1 43 ? 13.946  4.648   -9.763  1.00 19.78 ? 41  PHE A N   1 
ATOM   338  C CA  . PHE A 1 43 ? 12.858  4.434   -8.828  1.00 18.13 ? 41  PHE A CA  1 
ATOM   339  C C   . PHE A 1 43 ? 12.096  3.151   -9.102  1.00 17.56 ? 41  PHE A C   1 
ATOM   340  O O   . PHE A 1 43 ? 11.917  2.336   -8.187  1.00 15.21 ? 41  PHE A O   1 
ATOM   341  C CB  . PHE A 1 43 ? 11.895  5.646   -8.817  1.00 17.29 ? 41  PHE A CB  1 
ATOM   342  C CG  . PHE A 1 43 ? 10.634  5.423   -8.018  1.00 17.96 ? 41  PHE A CG  1 
ATOM   343  C CD1 . PHE A 1 43 ? 10.632  5.571   -6.642  1.00 23.08 ? 41  PHE A CD1 1 
ATOM   344  C CD2 . PHE A 1 43 ? 9.448   5.099   -8.643  1.00 17.40 ? 41  PHE A CD2 1 
ATOM   345  C CE1 . PHE A 1 43 ? 9.468   5.396   -5.908  1.00 24.41 ? 41  PHE A CE1 1 
ATOM   346  C CE2 . PHE A 1 43 ? 8.256   4.924   -7.903  1.00 14.77 ? 41  PHE A CE2 1 
ATOM   347  C CZ  . PHE A 1 43 ? 8.262   5.046   -6.546  1.00 20.40 ? 41  PHE A CZ  1 
ATOM   348  N N   . VAL A 1 44 ? 11.701  2.966   -10.362 1.00 17.21 ? 42  VAL A N   1 
ATOM   349  C CA  . VAL A 1 44 ? 10.998  1.776   -10.798 1.00 16.47 ? 42  VAL A CA  1 
ATOM   350  C C   . VAL A 1 44 ? 11.881  0.527   -10.631 1.00 17.58 ? 42  VAL A C   1 
ATOM   351  O O   . VAL A 1 44 ? 11.423  -0.455  -10.045 1.00 16.36 ? 42  VAL A O   1 
ATOM   352  C CB  . VAL A 1 44 ? 10.478  1.911   -12.216 1.00 16.48 ? 42  VAL A CB  1 
ATOM   353  C CG1 . VAL A 1 44 ? 9.844   0.559   -12.745 1.00 13.09 ? 42  VAL A CG1 1 
ATOM   354  C CG2 . VAL A 1 44 ? 9.428   3.051   -12.253 1.00 16.91 ? 42  VAL A CG2 1 
ATOM   355  N N   . ALA A 1 45 ? 13.114  0.585   -11.109 1.00 18.03 ? 43  ALA A N   1 
ATOM   356  C CA  . ALA A 1 45 ? 14.025  -0.575  -10.955 1.00 18.83 ? 43  ALA A CA  1 
ATOM   357  C C   . ALA A 1 45 ? 14.199  -0.947  -9.482  1.00 19.04 ? 43  ALA A C   1 
ATOM   358  O O   . ALA A 1 45 ? 14.144  -2.142  -9.113  1.00 20.80 ? 43  ALA A O   1 
ATOM   359  C CB  . ALA A 1 45 ? 15.399  -0.303  -11.590 1.00 19.59 ? 43  ALA A CB  1 
ATOM   360  N N   . LYS A 1 46 ? 14.414  0.051   -8.645  1.00 17.82 ? 44  LYS A N   1 
ATOM   361  C CA  . LYS A 1 46 ? 14.655  -0.192  -7.240  1.00 19.09 ? 44  LYS A CA  1 
ATOM   362  C C   . LYS A 1 46 ? 13.443  -0.745  -6.523  1.00 18.05 ? 44  LYS A C   1 
ATOM   363  O O   . LYS A 1 46 ? 13.563  -1.681  -5.712  1.00 18.36 ? 44  LYS A O   1 
ATOM   364  C CB  . LYS A 1 46 ? 15.179  1.042   -6.525  1.00 18.69 ? 44  LYS A CB  1 
ATOM   365  C CG  . LYS A 1 46 ? 16.635  1.308   -6.830  1.00 23.16 ? 44  LYS A CG  1 
ATOM   366  C CD  . LYS A 1 46 ? 17.096  2.648   -6.244  1.00 26.48 ? 44  LYS A CD  1 
ATOM   367  C CE  . LYS A 1 46 ? 18.607  2.804   -6.343  1.00 29.98 ? 44  LYS A CE  1 
ATOM   368  N NZ  . LYS A 1 46 ? 19.121  3.855   -5.450  1.00 32.50 ? 44  LYS A NZ  1 
ATOM   369  N N   . VAL A 1 47 ? 12.259  -0.201  -6.801  1.00 17.54 ? 45  VAL A N   1 
ATOM   370  C CA  . VAL A 1 47 ? 11.077  -0.756  -6.184  1.00 16.80 ? 45  VAL A CA  1 
ATOM   371  C C   . VAL A 1 47 ? 10.879  -2.236  -6.560  1.00 17.02 ? 45  VAL A C   1 
ATOM   372  O O   . VAL A 1 47 ? 10.533  -3.070  -5.710  1.00 18.57 ? 45  VAL A O   1 
ATOM   373  C CB  . VAL A 1 47 ? 9.837   0.109   -6.556  1.00 17.12 ? 45  VAL A CB  1 
ATOM   374  C CG1 . VAL A 1 47 ? 8.527   -0.641  -6.300  1.00 17.35 ? 45  VAL A CG1 1 
ATOM   375  C CG2 . VAL A 1 47 ? 9.894   1.485   -5.799  1.00 16.38 ? 45  VAL A CG2 1 
ATOM   376  N N   . GLU A 1 48 ? 11.015  -2.548  -7.836  1.00 16.88 ? 46  GLU A N   1 
ATOM   377  C CA  . GLU A 1 48 ? 10.808  -3.912  -8.332  1.00 17.74 ? 46  GLU A CA  1 
ATOM   378  C C   . GLU A 1 48 ? 11.769  -4.983  -7.797  1.00 19.24 ? 46  GLU A C   1 
ATOM   379  O O   . GLU A 1 48 ? 11.397  -6.175  -7.690  1.00 21.59 ? 46  GLU A O   1 
ATOM   380  C CB  . GLU A 1 48 ? 10.811  -3.898  -9.862  1.00 16.19 ? 46  GLU A CB  1 
ATOM   381  C CG  . GLU A 1 48 ? 9.579   -3.077  -10.391 1.00 17.66 ? 46  GLU A CG  1 
ATOM   382  C CD  . GLU A 1 48 ? 9.401   -3.191  -11.890 1.00 14.98 ? 46  GLU A CD  1 
ATOM   383  O OE1 . GLU A 1 48 ? 10.334  -3.675  -12.532 1.00 12.58 ? 46  GLU A OE1 1 
ATOM   384  O OE2 . GLU A 1 48 ? 8.338   -2.819  -12.445 1.00 13.92 ? 46  GLU A OE2 1 
ATOM   385  N N   . THR A 1 49 ? 12.989  -4.573  -7.488  1.00 19.72 ? 47  THR A N   1 
ATOM   386  C CA  . THR A 1 49 ? 14.012  -5.467  -6.993  1.00 19.60 ? 47  THR A CA  1 
ATOM   387  C C   . THR A 1 49 ? 14.228  -5.319  -5.481  1.00 19.34 ? 47  THR A C   1 
ATOM   388  O O   . THR A 1 49 ? 15.248  -5.763  -4.950  1.00 18.29 ? 47  THR A O   1 
ATOM   389  C CB  . THR A 1 49 ? 15.292  -5.237  -7.783  1.00 19.91 ? 47  THR A CB  1 
ATOM   390  O OG1 . THR A 1 49 ? 15.746  -3.891  -7.624  1.00 21.21 ? 47  THR A OG1 1 
ATOM   391  C CG2 . THR A 1 49 ? 15.016  -5.485  -9.250  1.00 22.52 ? 47  THR A CG2 1 
ATOM   392  N N   . ARG A 1 50 ? 13.264  -4.686  -4.803  1.00 20.77 ? 48  ARG A N   1 
ATOM   393  C CA  . ARG A 1 50 ? 13.169  -4.661  -3.351  1.00 22.10 ? 48  ARG A CA  1 
ATOM   394  C C   . ARG A 1 50 ? 14.353  -3.864  -2.768  1.00 24.06 ? 48  ARG A C   1 
ATOM   395  O O   . ARG A 1 50 ? 14.936  -4.211  -1.731  1.00 24.76 ? 48  ARG A O   1 
ATOM   396  C CB  . ARG A 1 50 ? 13.102  -6.108  -2.823  1.00 22.43 ? 48  ARG A CB  1 
ATOM   397  C CG  . ARG A 1 50 ? 11.846  -6.836  -3.355  1.00 22.66 ? 48  ARG A CG  1 
ATOM   398  C CD  . ARG A 1 50 ? 11.801  -8.315  -3.158  1.00 21.09 ? 48  ARG A CD  1 
ATOM   399  N NE  . ARG A 1 50 ? 12.931  -9.001  -3.715  1.00 20.51 ? 48  ARG A NE  1 
ATOM   400  C CZ  . ARG A 1 50 ? 13.975  -9.433  -3.033  1.00 21.41 ? 48  ARG A CZ  1 
ATOM   401  N NH1 . ARG A 1 50 ? 13.992  -9.342  -1.700  1.00 23.60 ? 48  ARG A NH1 1 
ATOM   402  N NH2 . ARG A 1 50 ? 14.981  -9.989  -3.681  1.00 26.35 ? 48  ARG A NH2 1 
ATOM   403  N N   . GLU A 1 51 ? 14.759  -2.860  -3.528  1.00 25.52 ? 49  GLU A N   1 
ATOM   404  C CA  . GLU A 1 51 ? 15.829  -1.935  -3.166  1.00 26.55 ? 49  GLU A CA  1 
ATOM   405  C C   . GLU A 1 51 ? 15.288  -0.582  -2.661  1.00 28.95 ? 49  GLU A C   1 
ATOM   406  O O   . GLU A 1 51 ? 16.070  0.239   -2.142  1.00 29.36 ? 49  GLU A O   1 
ATOM   407  C CB  . GLU A 1 51 ? 16.733  -1.714  -4.362  1.00 27.31 ? 49  GLU A CB  1 
ATOM   408  C CG  . GLU A 1 51 ? 17.851  -2.775  -4.471  1.00 27.71 ? 49  GLU A CG  1 
ATOM   409  C CD  . GLU A 1 51 ? 18.660  -2.645  -5.728  1.00 31.07 ? 49  GLU A CD  1 
ATOM   410  O OE1 . GLU A 1 51 ? 18.866  -1.506  -6.177  1.00 32.90 ? 49  GLU A OE1 1 
ATOM   411  O OE2 . GLU A 1 51 ? 19.116  -3.673  -6.270  1.00 31.72 ? 49  GLU A OE2 1 
ATOM   412  N N   . ARG A 1 52 ? 13.988  -0.351  -2.881  1.00 29.95 ? 50  ARG A N   1 
ATOM   413  C CA  . ARG A 1 52 ? 13.257  0.782   -2.300  1.00 31.42 ? 50  ARG A CA  1 
ATOM   414  C C   . ARG A 1 52 ? 11.871  0.363   -1.863  1.00 32.11 ? 50  ARG A C   1 
ATOM   415  O O   . ARG A 1 52 ? 11.182  -0.378  -2.548  1.00 30.82 ? 50  ARG A O   1 
ATOM   416  C CB  . ARG A 1 52 ? 13.151  1.925   -3.302  1.00 32.22 ? 50  ARG A CB  1 
ATOM   417  C CG  . ARG A 1 52 ? 12.549  3.201   -2.646  1.00 34.29 ? 50  ARG A CG  1 
ATOM   418  C CD  . ARG A 1 52 ? 12.264  4.224   -3.649  1.00 35.43 ? 50  ARG A CD  1 
ATOM   419  N NE  . ARG A 1 52 ? 11.709  5.469   -3.087  1.00 35.09 ? 50  ARG A NE  1 
ATOM   420  C CZ  . ARG A 1 52 ? 10.463  5.644   -2.618  1.00 33.84 ? 50  ARG A CZ  1 
ATOM   421  N NH1 . ARG A 1 52 ? 9.567   4.649   -2.522  1.00 32.13 ? 50  ARG A NH1 1 
ATOM   422  N NH2 . ARG A 1 52 ? 10.102  6.867   -2.211  1.00 36.95 ? 50  ARG A NH2 1 
ATOM   423  N N   . ARG A 1 53 ? 11.472  0.860   -0.699  1.00 32.72 ? 51  ARG A N   1 
ATOM   424  C CA  . ARG A 1 53 ? 10.173  0.623   -0.124  1.00 32.80 ? 51  ARG A CA  1 
ATOM   425  C C   . ARG A 1 53 ? 9.083   1.479   -0.830  1.00 31.15 ? 51  ARG A C   1 
ATOM   426  O O   . ARG A 1 53 ? 9.385   2.547   -1.363  1.00 31.76 ? 51  ARG A O   1 
ATOM   427  C CB  . ARG A 1 53 ? 10.275  0.989   1.347   1.00 33.83 ? 51  ARG A CB  1 
ATOM   428  C CG  . ARG A 1 53 ? 9.187   0.445   2.265   1.00 38.15 ? 51  ARG A CG  1 
ATOM   429  C CD  . ARG A 1 53 ? 8.977   1.373   3.514   1.00 43.48 ? 51  ARG A CD  1 
ATOM   430  N NE  . ARG A 1 53 ? 8.526   2.714   3.088   1.00 48.62 ? 51  ARG A NE  1 
ATOM   431  C CZ  . ARG A 1 53 ? 7.598   3.476   3.677   1.00 50.41 ? 51  ARG A CZ  1 
ATOM   432  N NH1 . ARG A 1 53 ? 6.969   3.106   4.796   1.00 51.75 ? 51  ARG A NH1 1 
ATOM   433  N NH2 . ARG A 1 53 ? 7.321   4.655   3.128   1.00 51.48 ? 51  ARG A NH2 1 
ATOM   434  N N   . LEU A 1 54 ? 7.842   0.985   -0.871  1.00 29.08 ? 52  LEU A N   1 
ATOM   435  C CA  . LEU A 1 54 ? 6.719   1.736   -1.492  1.00 27.65 ? 52  LEU A CA  1 
ATOM   436  C C   . LEU A 1 54 ? 5.679   2.081   -0.442  1.00 24.65 ? 52  LEU A C   1 
ATOM   437  O O   . LEU A 1 54 ? 5.203   1.212   0.260   1.00 24.90 ? 52  LEU A O   1 
ATOM   438  C CB  . LEU A 1 54 ? 6.094   0.888   -2.618  1.00 28.31 ? 52  LEU A CB  1 
ATOM   439  C CG  . LEU A 1 54 ? 5.503   1.593   -3.823  1.00 25.50 ? 52  LEU A CG  1 
ATOM   440  C CD1 . LEU A 1 54 ? 6.574   2.283   -4.653  1.00 26.41 ? 52  LEU A CD1 1 
ATOM   441  C CD2 . LEU A 1 54 ? 4.682   0.650   -4.689  1.00 26.13 ? 52  LEU A CD2 1 
ATOM   442  N N   . ASP A 1 55 ? 5.282   3.348   -0.301  1.00 24.05 ? 53  ASP A N   1 
ATOM   443  C CA  . ASP A 1 55 ? 4.158   3.638   0.560   1.00 22.93 ? 53  ASP A CA  1 
ATOM   444  C C   . ASP A 1 55 ? 2.819   3.470   -0.206  1.00 23.04 ? 53  ASP A C   1 
ATOM   445  O O   . ASP A 1 55 ? 2.824   3.136   -1.400  1.00 20.40 ? 53  ASP A O   1 
ATOM   446  C CB  . ASP A 1 55 ? 4.284   4.997   1.309   1.00 24.87 ? 53  ASP A CB  1 
ATOM   447  C CG  . ASP A 1 55 ? 4.005   6.223   0.446   1.00 25.91 ? 53  ASP A CG  1 
ATOM   448  O OD1 . ASP A 1 55 ? 3.331   6.141   -0.608  1.00 23.03 ? 53  ASP A OD1 1 
ATOM   449  O OD2 . ASP A 1 55 ? 4.461   7.340   0.849   1.00 29.09 ? 53  ASP A OD2 1 
ATOM   450  N N   . VAL A 1 56 ? 1.691   3.623   0.487   1.00 22.80 ? 54  VAL A N   1 
ATOM   451  C CA  . VAL A 1 56 ? 0.371   3.398   -0.114  1.00 21.95 ? 54  VAL A CA  1 
ATOM   452  C C   . VAL A 1 56 ? 0.075   4.395   -1.239  1.00 22.37 ? 54  VAL A C   1 
ATOM   453  O O   . VAL A 1 56 ? -0.546  4.040   -2.239  1.00 20.62 ? 54  VAL A O   1 
ATOM   454  C CB  . VAL A 1 56 ? -0.777  3.429   0.943   1.00 23.17 ? 54  VAL A CB  1 
ATOM   455  C CG1 . VAL A 1 56 ? -2.202  3.348   0.237   1.00 21.29 ? 54  VAL A CG1 1 
ATOM   456  C CG2 . VAL A 1 56 ? -0.565  2.274   1.880   1.00 20.01 ? 54  VAL A CG2 1 
ATOM   457  N N   . ILE A 1 57 ? 0.496   5.654   -1.065  1.00 19.63 ? 55  ILE A N   1 
ATOM   458  C CA  . ILE A 1 57 ? 0.170   6.694   -2.006  1.00 20.55 ? 55  ILE A CA  1 
ATOM   459  C C   . ILE A 1 57 ? 0.974   6.405   -3.298  1.00 19.79 ? 55  ILE A C   1 
ATOM   460  O O   . ILE A 1 57 ? 0.416   6.497   -4.423  1.00 16.81 ? 55  ILE A O   1 
ATOM   461  C CB  . ILE A 1 57 ? 0.495   8.108   -1.455  1.00 20.67 ? 55  ILE A CB  1 
ATOM   462  C CG1 . ILE A 1 57 ? -0.481  8.582   -0.359  1.00 24.64 ? 55  ILE A CG1 1 
ATOM   463  C CG2 . ILE A 1 57 ? 0.468   9.103   -2.574  1.00 19.95 ? 55  ILE A CG2 1 
ATOM   464  C CD1 . ILE A 1 57 ? -1.318  7.584   0.253   1.00 27.02 ? 55  ILE A CD1 1 
ATOM   465  N N   . GLU A 1 58 ? 2.245   6.014   -3.134  1.00 18.01 ? 56  GLU A N   1 
ATOM   466  C CA  . GLU A 1 58 ? 3.118   5.663   -4.279  1.00 18.10 ? 56  GLU A CA  1 
ATOM   467  C C   . GLU A 1 58 ? 2.496   4.421   -4.979  1.00 16.09 ? 56  GLU A C   1 
ATOM   468  O O   . GLU A 1 58 ? 2.472   4.349   -6.200  1.00 15.76 ? 56  GLU A O   1 
ATOM   469  C CB  . GLU A 1 58 ? 4.543   5.395   -3.814  1.00 18.00 ? 56  GLU A CB  1 
ATOM   470  C CG  . GLU A 1 58 ? 5.245   6.632   -3.270  1.00 18.97 ? 56  GLU A CG  1 
ATOM   471  C CD  . GLU A 1 58 ? 6.553   6.353   -2.524  1.00 22.61 ? 56  GLU A CD  1 
ATOM   472  O OE1 . GLU A 1 58 ? 6.745   5.253   -2.034  1.00 21.43 ? 56  GLU A OE1 1 
ATOM   473  O OE2 . GLU A 1 58 ? 7.436   7.243   -2.477  1.00 22.74 ? 56  GLU A OE2 1 
ATOM   474  N N   . PHE A 1 59 ? 1.996   3.447   -4.209  1.00 16.93 ? 57  PHE A N   1 
ATOM   475  C CA  . PHE A 1 59 ? 1.344   2.277   -4.784  1.00 16.74 ? 57  PHE A CA  1 
ATOM   476  C C   . PHE A 1 59 ? 0.142   2.673   -5.616  1.00 16.49 ? 57  PHE A C   1 
ATOM   477  O O   . PHE A 1 59 ? -0.071  2.152   -6.720  1.00 15.81 ? 57  PHE A O   1 
ATOM   478  C CB  . PHE A 1 59 ? 0.985   1.314   -3.635  1.00 17.41 ? 57  PHE A CB  1 
ATOM   479  C CG  . PHE A 1 59 ? 0.124   0.185   -4.013  1.00 15.16 ? 57  PHE A CG  1 
ATOM   480  C CD1 . PHE A 1 59 ? 0.632   -0.871  -4.762  1.00 15.51 ? 57  PHE A CD1 1 
ATOM   481  C CD2 . PHE A 1 59 ? -1.183  0.059   -3.503  1.00 12.76 ? 57  PHE A CD2 1 
ATOM   482  C CE1 . PHE A 1 59 ? -0.128  -1.948  -5.056  1.00 15.60 ? 57  PHE A CE1 1 
ATOM   483  C CE2 . PHE A 1 59 ? -1.999  -1.070  -3.857  1.00 15.83 ? 57  PHE A CE2 1 
ATOM   484  C CZ  . PHE A 1 59 ? -1.455  -2.068  -4.641  1.00 19.73 ? 57  PHE A CZ  1 
ATOM   485  N N   . ALA A 1 60 ? -0.734  3.502   -5.055  1.00 16.28 ? 58  ALA A N   1 
ATOM   486  C CA  . ALA A 1 60 ? -1.896  3.982   -5.787  1.00 16.33 ? 58  ALA A CA  1 
ATOM   487  C C   . ALA A 1 60 ? -1.468  4.595   -7.112  1.00 15.60 ? 58  ALA A C   1 
ATOM   488  O O   . ALA A 1 60 ? -2.075  4.313   -8.161  1.00 15.67 ? 58  ALA A O   1 
ATOM   489  C CB  . ALA A 1 60 ? -2.731  5.007   -4.874  1.00 14.86 ? 58  ALA A CB  1 
ATOM   490  N N   . LYS A 1 61 ? -0.454  5.469   -7.095  1.00 15.93 ? 59  LYS A N   1 
ATOM   491  C CA  . LYS A 1 61 ? -0.069  6.137   -8.311  1.00 15.79 ? 59  LYS A CA  1 
ATOM   492  C C   . LYS A 1 61 ? 0.518   5.152   -9.350  1.00 13.40 ? 59  LYS A C   1 
ATOM   493  O O   . LYS A 1 61 ? 0.291   5.275   -10.550 1.00 14.41 ? 59  LYS A O   1 
ATOM   494  C CB  . LYS A 1 61 ? 0.923   7.250   -7.995  1.00 15.75 ? 59  LYS A CB  1 
ATOM   495  C CG  . LYS A 1 61 ? 0.284   8.487   -7.220  1.00 19.80 ? 59  LYS A CG  1 
ATOM   496  C CD  . LYS A 1 61 ? 1.386   9.421   -6.762  1.00 25.89 ? 59  LYS A CD  1 
ATOM   497  C CE  . LYS A 1 61 ? 0.844   10.695  -6.047  1.00 30.31 ? 59  LYS A CE  1 
ATOM   498  N NZ  . LYS A 1 61 ? 1.904   11.708  -5.682  1.00 33.79 ? 59  LYS A NZ  1 
ATOM   499  N N   . TRP A 1 62 ? 1.315   4.237   -8.876  1.00 13.59 ? 60  TRP A N   1 
ATOM   500  C CA  . TRP A 1 62 ? 1.964   3.184   -9.746  1.00 13.15 ? 60  TRP A CA  1 
ATOM   501  C C   . TRP A 1 62 ? 0.850   2.373   -10.414 1.00 12.80 ? 60  TRP A C   1 
ATOM   502  O O   . TRP A 1 62 ? 0.850   2.148   -11.619 1.00 12.86 ? 60  TRP A O   1 
ATOM   503  C CB  . TRP A 1 62 ? 2.790   2.255   -8.861  1.00 13.23 ? 60  TRP A CB  1 
ATOM   504  C CG  . TRP A 1 62 ? 3.594   1.163   -9.541  1.00 11.57 ? 60  TRP A CG  1 
ATOM   505  C CD1 . TRP A 1 62 ? 3.111   0.051   -10.170 1.00 12.70 ? 60  TRP A CD1 1 
ATOM   506  C CD2 . TRP A 1 62 ? 5.008   1.007   -9.492  1.00 11.13 ? 60  TRP A CD2 1 
ATOM   507  N NE1 . TRP A 1 62 ? 4.150   -0.764  -10.570 1.00 11.49 ? 60  TRP A NE1 1 
ATOM   508  C CE2 . TRP A 1 62 ? 5.327   -0.199  -10.176 1.00 10.49 ? 60  TRP A CE2 1 
ATOM   509  C CE3 . TRP A 1 62 ? 6.043   1.774   -8.978  1.00 15.73 ? 60  TRP A CE3 1 
ATOM   510  C CZ2 . TRP A 1 62 ? 6.635   -0.628  -10.353 1.00 11.97 ? 60  TRP A CZ2 1 
ATOM   511  C CZ3 . TRP A 1 62 ? 7.328   1.327   -9.120  1.00 14.12 ? 60  TRP A CZ3 1 
ATOM   512  C CH2 . TRP A 1 62 ? 7.615   0.123   -9.816  1.00 13.14 ? 60  TRP A CH2 1 
ATOM   513  N N   . MET A 1 63 ? -0.112  1.896   -9.620  1.00 14.40 ? 61  MET A N   1 
ATOM   514  C CA  . MET A 1 63 ? -1.150  1.047   -10.167 1.00 13.23 ? 61  MET A CA  1 
ATOM   515  C C   . MET A 1 63 ? -2.033  1.806   -11.149 1.00 14.14 ? 61  MET A C   1 
ATOM   516  O O   . MET A 1 63 ? -2.393  1.278   -12.165 1.00 13.42 ? 61  MET A O   1 
ATOM   517  C CB  . MET A 1 63 ? -1.962  0.374   -9.036  1.00 13.58 ? 61  MET A CB  1 
ATOM   518  C CG  . MET A 1 63 ? -1.105  -0.652  -8.245  1.00 12.95 ? 61  MET A CG  1 
ATOM   519  S SD  . MET A 1 63 ? -0.269  -1.988  -9.150  1.00 7.31  ? 61  MET A SD  1 
ATOM   520  C CE  . MET A 1 63 ? -1.658  -2.844  -9.911  1.00 17.99 ? 61  MET A CE  1 
ATOM   521  N N   . ALA A 1 64 ? -2.350  3.060   -10.853 1.00 13.98 ? 62  ALA A N   1 
ATOM   522  C CA  . ALA A 1 64 ? -3.077  3.897   -11.788 1.00 14.10 ? 62  ALA A CA  1 
ATOM   523  C C   . ALA A 1 64 ? -2.327  4.153   -13.072 1.00 12.45 ? 62  ALA A C   1 
ATOM   524  O O   . ALA A 1 64 ? -2.948  4.170   -14.153 1.00 12.94 ? 62  ALA A O   1 
ATOM   525  C CB  . ALA A 1 64 ? -3.437  5.305   -11.129 1.00 14.01 ? 62  ALA A CB  1 
ATOM   526  N N   . ALA A 1 65 ? -1.036  4.369   -12.976 1.00 13.22 ? 63  ALA A N   1 
ATOM   527  C CA  . ALA A 1 65 ? -0.192  4.591   -14.179 1.00 14.47 ? 63  ALA A CA  1 
ATOM   528  C C   . ALA A 1 65 ? -0.096  3.338   -15.039 1.00 13.84 ? 63  ALA A C   1 
ATOM   529  O O   . ALA A 1 65 ? 0.137   3.441   -16.238 1.00 14.23 ? 63  ALA A O   1 
ATOM   530  C CB  . ALA A 1 65 ? 1.235   5.088   -13.795 1.00 13.62 ? 63  ALA A CB  1 
ATOM   531  N N   . CYS A 1 66 ? -0.305  2.179   -14.426 1.00 15.08 ? 64  CYS A N   1 
ATOM   532  C CA  . CYS A 1 66 ? -0.310  0.892   -15.136 1.00 14.91 ? 64  CYS A CA  1 
ATOM   533  C C   . CYS A 1 66 ? -1.704  0.475   -15.497 1.00 14.89 ? 64  CYS A C   1 
ATOM   534  O O   . CYS A 1 66 ? -1.873  -0.622  -15.982 1.00 16.72 ? 64  CYS A O   1 
ATOM   535  C CB  . CYS A 1 66 ? 0.314   -0.194  -14.275 1.00 14.60 ? 64  CYS A CB  1 
ATOM   536  S SG  . CYS A 1 66 ? 2.116   0.018   -13.896 1.00 15.98 ? 64  CYS A SG  1 
ATOM   537  N N   . GLU A 1 67 ? -2.692  1.343   -15.300 1.00 14.91 ? 65  GLU A N   1 
ATOM   538  C CA  . GLU A 1 67 ? -4.113  1.021   -15.575 1.00 16.37 ? 65  GLU A CA  1 
ATOM   539  C C   . GLU A 1 67 ? -4.486  -0.300  -14.894 1.00 16.07 ? 65  GLU A C   1 
ATOM   540  O O   . GLU A 1 67 ? -5.027  -1.217  -15.503 1.00 15.64 ? 65  GLU A O   1 
ATOM   541  C CB  . GLU A 1 67 ? -4.367  0.972   -17.091 1.00 17.67 ? 65  GLU A CB  1 
ATOM   542  C CG  . GLU A 1 67 ? -3.771  2.158   -17.789 1.00 21.13 ? 65  GLU A CG  1 
ATOM   543  C CD  . GLU A 1 67 ? -4.154  2.171   -19.245 1.00 28.71 ? 65  GLU A CD  1 
ATOM   544  O OE1 . GLU A 1 67 ? -3.588  1.373   -20.039 1.00 31.73 ? 65  GLU A OE1 1 
ATOM   545  O OE2 . GLU A 1 67 ? -5.060  2.951   -19.577 1.00 31.04 ? 65  GLU A OE2 1 
ATOM   546  N N   . GLY A 1 68 ? -4.137  -0.414  -13.625 1.00 14.65 ? 66  GLY A N   1 
ATOM   547  C CA  . GLY A 1 68 ? -4.376  -1.650  -12.903 1.00 15.52 ? 66  GLY A CA  1 
ATOM   548  C C   . GLY A 1 68 ? -5.051  -1.395  -11.594 1.00 14.66 ? 66  GLY A C   1 
ATOM   549  O O   . GLY A 1 68 ? -4.920  -2.201  -10.668 1.00 15.23 ? 66  GLY A O   1 
ATOM   550  N N   . LEU A 1 69 ? -5.878  -0.362  -11.535 1.00 14.82 ? 67  LEU A N   1 
ATOM   551  C CA  . LEU A 1 69 ? -6.611  -0.089  -10.284 1.00 15.07 ? 67  LEU A CA  1 
ATOM   552  C C   . LEU A 1 69 ? -7.634  -1.233  -10.074 1.00 15.75 ? 67  LEU A C   1 
ATOM   553  O O   . LEU A 1 69 ? -7.912  -1.600  -8.943  1.00 17.42 ? 67  LEU A O   1 
ATOM   554  C CB  . LEU A 1 69 ? -7.287  1.272   -10.295 1.00 15.13 ? 67  LEU A CB  1 
ATOM   555  C CG  . LEU A 1 69 ? -6.343  2.470   -10.190 1.00 15.75 ? 67  LEU A CG  1 
ATOM   556  C CD1 . LEU A 1 69 ? -7.163  3.752   -10.488 1.00 15.21 ? 67  LEU A CD1 1 
ATOM   557  C CD2 . LEU A 1 69 ? -5.675  2.445   -8.824  1.00 15.97 ? 67  LEU A CD2 1 
ATOM   558  N N   . ASP A 1 70 ? -8.059  -1.869  -11.162 1.00 14.69 ? 68  ASP A N   1 
ATOM   559  C CA  . ASP A 1 70 ? -8.975  -3.046  -11.063 1.00 15.74 ? 68  ASP A CA  1 
ATOM   560  C C   . ASP A 1 70 ? -8.456  -4.283  -10.280 1.00 16.20 ? 68  ASP A C   1 
ATOM   561  O O   . ASP A 1 70 ? -9.293  -5.041  -9.726  1.00 17.09 ? 68  ASP A O   1 
ATOM   562  C CB  . ASP A 1 70 ? -9.485  -3.482  -12.432 1.00 15.03 ? 68  ASP A CB  1 
ATOM   563  C CG  . ASP A 1 70 ? -8.379  -3.933  -13.379 1.00 18.45 ? 68  ASP A CG  1 
ATOM   564  O OD1 . ASP A 1 70 ? -7.179  -3.626  -13.151 1.00 19.41 ? 68  ASP A OD1 1 
ATOM   565  O OD2 . ASP A 1 70 ? -8.719  -4.581  -14.400 1.00 21.35 ? 68  ASP A OD2 1 
ATOM   566  N N   . VAL A 1 71 ? -7.145  -4.480  -10.238 1.00 15.19 ? 69  VAL A N   1 
ATOM   567  C CA  . VAL A 1 71 ? -6.546  -5.604  -9.506  1.00 15.29 ? 69  VAL A CA  1 
ATOM   568  C C   . VAL A 1 71 ? -5.971  -5.232  -8.134  1.00 15.52 ? 69  VAL A C   1 
ATOM   569  O O   . VAL A 1 71 ? -5.453  -6.101  -7.409  1.00 15.05 ? 69  VAL A O   1 
ATOM   570  C CB  . VAL A 1 71 ? -5.492  -6.374  -10.349 1.00 14.72 ? 69  VAL A CB  1 
ATOM   571  C CG1 . VAL A 1 71 ? -6.155  -6.971  -11.591 1.00 15.42 ? 69  VAL A CG1 1 
ATOM   572  C CG2 . VAL A 1 71 ? -4.260  -5.505  -10.691 1.00 15.16 ? 69  VAL A CG2 1 
ATOM   573  N N   . VAL A 1 72 ? -6.165  -3.983  -7.735  1.00 16.25 ? 70  VAL A N   1 
ATOM   574  C CA  . VAL A 1 72 ? -5.710  -3.512  -6.420  1.00 16.81 ? 70  VAL A CA  1 
ATOM   575  C C   . VAL A 1 72 ? -6.322  -4.398  -5.293  1.00 17.51 ? 70  VAL A C   1 
ATOM   576  O O   . VAL A 1 72 ? -5.616  -4.858  -4.400  1.00 18.85 ? 70  VAL A O   1 
ATOM   577  C CB  . VAL A 1 72 ? -5.995  -1.991  -6.228  1.00 17.11 ? 70  VAL A CB  1 
ATOM   578  C CG1 . VAL A 1 72 ? -5.887  -1.566  -4.750  1.00 17.73 ? 70  VAL A CG1 1 
ATOM   579  C CG2 . VAL A 1 72 ? -4.918  -1.089  -7.064  1.00 14.79 ? 70  VAL A CG2 1 
ATOM   580  N N   . SER A 1 73 ? -7.645  -4.629  -5.350  1.00 17.45 ? 71  SER A N   1 
ATOM   581  C CA  . SER A 1 73 ? -8.313  -5.357  -4.268  1.00 17.28 ? 71  SER A CA  1 
ATOM   582  C C   . SER A 1 73 ? -7.700  -6.772  -4.122  1.00 16.16 ? 71  SER A C   1 
ATOM   583  O O   . SER A 1 73 ? -7.451  -7.249  -3.027  1.00 14.97 ? 71  SER A O   1 
ATOM   584  C CB  . SER A 1 73 ? -9.830  -5.390  -4.516  1.00 17.94 ? 71  SER A CB  1 
ATOM   585  O OG  . SER A 1 73 ? -10.426 -6.124  -3.521  1.00 23.03 ? 71  SER A OG  1 
ATOM   586  N N   . GLU A 1 74 ? -7.470  -7.435  -5.240  1.00 15.66 ? 72  GLU A N   1 
ATOM   587  C CA  . GLU A 1 74 ? -6.883  -8.770  -5.259  1.00 16.30 ? 72  GLU A CA  1 
ATOM   588  C C   . GLU A 1 74 ? -5.469  -8.785  -4.670  1.00 15.30 ? 72  GLU A C   1 
ATOM   589  O O   . GLU A 1 74 ? -5.174  -9.647  -3.885  1.00 15.13 ? 72  GLU A O   1 
ATOM   590  C CB  . GLU A 1 74 ? -6.828  -9.243  -6.676  1.00 18.84 ? 72  GLU A CB  1 
ATOM   591  C CG  . GLU A 1 74 ? -6.388  -10.693 -6.969  1.00 18.67 ? 72  GLU A CG  1 
ATOM   592  C CD  . GLU A 1 74 ? -6.271  -10.889 -8.509  1.00 20.37 ? 72  GLU A CD  1 
ATOM   593  O OE1 . GLU A 1 74 ? -5.160  -10.708 -9.092  1.00 18.45 ? 72  GLU A OE1 1 
ATOM   594  O OE2 . GLU A 1 74 ? -7.303  -11.174 -9.146  1.00 21.37 ? 72  GLU A OE2 1 
ATOM   595  N N   . ILE A 1 75 ? -4.636  -7.857  -5.107  1.00 15.81 ? 73  ILE A N   1 
ATOM   596  C CA  . ILE A 1 75 ? -3.235  -7.723  -4.598  1.00 15.35 ? 73  ILE A CA  1 
ATOM   597  C C   . ILE A 1 75 ? -3.234  -7.576  -3.051  1.00 16.15 ? 73  ILE A C   1 
ATOM   598  O O   . ILE A 1 75 ? -2.594  -8.350  -2.334  1.00 16.10 ? 73  ILE A O   1 
ATOM   599  C CB  . ILE A 1 75 ? -2.531  -6.564  -5.274  1.00 16.17 ? 73  ILE A CB  1 
ATOM   600  C CG1 . ILE A 1 75 ? -2.364  -6.860  -6.796  1.00 15.13 ? 73  ILE A CG1 1 
ATOM   601  C CG2 . ILE A 1 75 ? -1.152  -6.277  -4.562  1.00 16.90 ? 73  ILE A CG2 1 
ATOM   602  C CD1 . ILE A 1 75 ? -1.900  -5.681  -7.617  1.00 17.97 ? 73  ILE A CD1 1 
ATOM   603  N N   . VAL A 1 76 ? -4.046  -6.647  -2.555  1.00 15.69 ? 74  VAL A N   1 
ATOM   604  C CA  . VAL A 1 76 ? -4.056  -6.298  -1.140  1.00 15.99 ? 74  VAL A CA  1 
ATOM   605  C C   . VAL A 1 76 ? -4.665  -7.435  -0.312  1.00 15.86 ? 74  VAL A C   1 
ATOM   606  O O   . VAL A 1 76 ? -4.113  -7.823  0.706   1.00 15.69 ? 74  VAL A O   1 
ATOM   607  C CB  . VAL A 1 76 ? -4.812  -4.947  -0.924  1.00 15.27 ? 74  VAL A CB  1 
ATOM   608  C CG1 . VAL A 1 76 ? -5.096  -4.701  0.606   1.00 19.19 ? 74  VAL A CG1 1 
ATOM   609  C CG2 . VAL A 1 76 ? -4.151  -3.767  -1.618  1.00 15.30 ? 74  VAL A CG2 1 
ATOM   610  N N   . ALA A 1 77 ? -5.750  -8.063  -0.800  1.00 16.39 ? 75  ALA A N   1 
ATOM   611  C CA  . ALA A 1 77 ? -6.335  -9.195  -0.091  1.00 17.44 ? 75  ALA A CA  1 
ATOM   612  C C   . ALA A 1 77 ? -5.371  -10.378 -0.030  1.00 17.89 ? 75  ALA A C   1 
ATOM   613  O O   . ALA A 1 77 ? -5.336  -11.094 0.970   1.00 18.96 ? 75  ALA A O   1 
ATOM   614  C CB  . ALA A 1 77 ? -7.680  -9.657  -0.777  1.00 17.13 ? 75  ALA A CB  1 
ATOM   615  N N   . THR A 1 78 ? -4.655  -10.615 -1.135  1.00 18.03 ? 76  THR A N   1 
ATOM   616  C CA  . THR A 1 78 ? -3.699  -11.750 -1.196  1.00 18.30 ? 76  THR A CA  1 
ATOM   617  C C   . THR A 1 78 ? -2.565  -11.511 -0.204  1.00 18.61 ? 76  THR A C   1 
ATOM   618  O O   . THR A 1 78 ? -2.171  -12.439 0.569   1.00 17.74 ? 76  THR A O   1 
ATOM   619  C CB  . THR A 1 78 ? -3.207  -11.987 -2.652  1.00 17.65 ? 76  THR A CB  1 
ATOM   620  O OG1 . THR A 1 78 ? -4.342  -12.223 -3.481  1.00 17.35 ? 76  THR A OG1 1 
ATOM   621  C CG2 . THR A 1 78 ? -2.317  -13.232 -2.762  1.00 18.74 ? 76  THR A CG2 1 
ATOM   622  N N   . ILE A 1 79 ? -2.050  -10.275 -0.182  1.00 19.56 ? 77  ILE A N   1 
ATOM   623  C CA  . ILE A 1 79 ? -1.028  -9.914  0.809   1.00 19.56 ? 77  ILE A CA  1 
ATOM   624  C C   . ILE A 1 79 ? -1.562  -10.156 2.209   1.00 20.61 ? 77  ILE A C   1 
ATOM   625  O O   . ILE A 1 79 ? -0.855  -10.811 3.016   1.00 21.36 ? 77  ILE A O   1 
ATOM   626  C CB  . ILE A 1 79 ? -0.506  -8.475  0.654   1.00 19.71 ? 77  ILE A CB  1 
ATOM   627  C CG1 . ILE A 1 79 ? 0.322   -8.332  -0.643  1.00 19.15 ? 77  ILE A CG1 1 
ATOM   628  C CG2 . ILE A 1 79 ? 0.304   -8.073  1.906   1.00 20.80 ? 77  ILE A CG2 1 
ATOM   629  C CD1 . ILE A 1 79 ? 0.412   -6.975  -1.102  1.00 22.57 ? 77  ILE A CD1 1 
ATOM   630  N N   . ALA A 1 80 ? -2.811  -9.721  2.485   1.00 20.50 ? 78  ALA A N   1 
ATOM   631  C CA  . ALA A 1 80 ? -3.427  -9.769  3.825   1.00 21.42 ? 78  ALA A CA  1 
ATOM   632  C C   . ALA A 1 80 ? -3.576  -11.181 4.390   1.00 23.69 ? 78  ALA A C   1 
ATOM   633  O O   . ALA A 1 80 ? -3.355  -11.408 5.594   1.00 23.79 ? 78  ALA A O   1 
ATOM   634  C CB  . ALA A 1 80 ? -4.813  -9.004  3.876   1.00 20.14 ? 78  ALA A CB  1 
ATOM   635  N N   . GLU A 1 81 ? -3.918  -12.112 3.517   1.00 24.65 ? 79  GLU A N   1 
ATOM   636  C CA  . GLU A 1 81 ? -4.199  -13.472 3.900   1.00 27.70 ? 79  GLU A CA  1 
ATOM   637  C C   . GLU A 1 81 ? -2.924  -14.296 4.208   1.00 30.16 ? 79  GLU A C   1 
ATOM   638  O O   . GLU A 1 81 ? -3.008  -15.344 4.803   1.00 30.02 ? 79  GLU A O   1 
ATOM   639  C CB  . GLU A 1 81 ? -4.976  -14.106 2.776   1.00 26.49 ? 79  GLU A CB  1 
ATOM   640  C CG  . GLU A 1 81 ? -5.821  -15.298 3.129   1.00 29.59 ? 79  GLU A CG  1 
ATOM   641  C CD  . GLU A 1 81 ? -7.264  -15.104 2.663   1.00 26.91 ? 79  GLU A CD  1 
ATOM   642  O OE1 . GLU A 1 81 ? -7.494  -14.378 1.666   1.00 20.17 ? 79  GLU A OE1 1 
ATOM   643  O OE2 . GLU A 1 81 ? -8.135  -15.638 3.342   1.00 23.45 ? 79  GLU A OE2 1 
ATOM   644  N N   . GLY A 1 82 ? -1.755  -13.822 3.811   1.00 34.07 ? 80  GLY A N   1 
ATOM   645  C CA  . GLY A 1 82 ? -0.533  -14.591 4.032   1.00 37.85 ? 80  GLY A CA  1 
ATOM   646  C C   . GLY A 1 82 ? -0.429  -15.783 3.092   1.00 40.50 ? 80  GLY A C   1 
ATOM   647  O O   . GLY A 1 82 ? 0.299   -16.748 3.366   1.00 42.23 ? 80  GLY A O   1 
ATOM   648  N N   . ARG A 1 83 ? -1.151  -15.691 2.001   1.00 43.57 ? 81  ARG A N   1 
ATOM   649  C CA  . ARG A 1 83 ? -1.109  -16.649 0.946   1.00 45.69 ? 81  ARG A CA  1 
ATOM   650  C C   . ARG A 1 83 ? -0.065  -16.076 0.007   1.00 47.00 ? 81  ARG A C   1 
ATOM   651  O O   . ARG A 1 83 ? 0.509   -16.766 -0.843  1.00 47.47 ? 81  ARG A O   1 
ATOM   652  C CB  . ARG A 1 83 ? -2.479  -16.697 0.278   1.00 46.43 ? 81  ARG A CB  1 
ATOM   653  C CG  . ARG A 1 83 ? -2.948  -15.389 -0.300  1.00 47.58 ? 81  ARG A CG  1 
ATOM   654  C CD  . ARG A 1 83 ? -4.204  -15.584 -1.163  1.00 50.04 ? 81  ARG A CD  1 
ATOM   655  N NE  . ARG A 1 83 ? -5.405  -15.002 -0.565  1.00 51.87 ? 81  ARG A NE  1 
ATOM   656  C CZ  . ARG A 1 83 ? -6.351  -14.336 -1.228  1.00 55.42 ? 81  ARG A CZ  1 
ATOM   657  N NH1 . ARG A 1 83 ? -6.298  -14.134 -2.543  1.00 56.01 ? 81  ARG A NH1 1 
ATOM   658  N NH2 . ARG A 1 83 ? -7.400  -13.886 -0.575  1.00 57.10 ? 81  ARG A NH2 1 
ATOM   659  N N   . ALA A 1 84 ? 0.214   -14.795 0.244   1.00 47.85 ? 82  ALA A N   1 
ATOM   660  C CA  . ALA A 1 84 ? 1.286   -14.067 -0.418  1.00 48.36 ? 82  ALA A CA  1 
ATOM   661  C C   . ALA A 1 84 ? 1.954   -14.955 -1.441  1.00 48.89 ? 82  ALA A C   1 
ATOM   662  O O   . ALA A 1 84 ? 2.993   -15.562 -1.182  1.00 48.76 ? 82  ALA A O   1 
ATOM   663  C CB  . ALA A 1 84 ? 2.300   -13.573 0.602   1.00 48.07 ? 82  ALA A CB  1 
ATOM   664  N N   . GLN A 1 85 ? 1.338   -15.029 -2.610  1.00 49.65 ? 83  GLN A N   1 
ATOM   665  C CA  . GLN A 1 85 ? 1.818   -15.904 -3.671  1.00 49.82 ? 83  GLN A CA  1 
ATOM   666  C C   . GLN A 1 85 ? 3.078   -15.371 -4.356  1.00 49.76 ? 83  GLN A C   1 
ATOM   667  O O   . GLN A 1 85 ? 4.166   -15.908 -4.235  1.00 49.42 ? 83  GLN A O   1 
ATOM   668  C CB  . GLN A 1 85 ? 0.722   -16.095 -4.700  1.00 49.90 ? 83  GLN A CB  1 
ATOM   669  C CG  . GLN A 1 85 ? -0.695  -16.007 -4.145  1.00 50.97 ? 83  GLN A CG  1 
ATOM   670  C CD  . GLN A 1 85 ? -1.757  -16.299 -5.198  1.00 52.68 ? 83  GLN A CD  1 
ATOM   671  O OE1 . GLN A 1 85 ? -2.544  -17.245 -5.065  1.00 53.18 ? 83  GLN A OE1 1 
ATOM   672  N NE2 . GLN A 1 85 ? -1.775  -15.498 -6.259  1.00 52.08 ? 83  GLN A NE2 1 
ATOM   673  N N   . ARG B 1 8  ? 3.025   16.509  4.429   1.00 36.05 ? 6   ARG B N   1 
ATOM   674  C CA  . ARG B 1 8  ? 1.557   16.712  4.649   1.00 35.41 ? 6   ARG B CA  1 
ATOM   675  C C   . ARG B 1 8  ? 0.856   16.941  3.312   1.00 33.93 ? 6   ARG B C   1 
ATOM   676  O O   . ARG B 1 8  ? 1.112   17.951  2.633   1.00 33.29 ? 6   ARG B O   1 
ATOM   677  C CB  . ARG B 1 8  ? 1.339   17.904  5.573   1.00 36.23 ? 6   ARG B CB  1 
ATOM   678  C CG  . ARG B 1 8  ? 0.195   17.729  6.544   1.00 39.30 ? 6   ARG B CG  1 
ATOM   679  C CD  . ARG B 1 8  ? -1.189  17.840  5.890   1.00 42.13 ? 6   ARG B CD  1 
ATOM   680  N NE  . ARG B 1 8  ? -2.156  18.228  6.934   1.00 44.57 ? 6   ARG B NE  1 
ATOM   681  C CZ  . ARG B 1 8  ? -3.288  18.907  6.741   1.00 44.49 ? 6   ARG B CZ  1 
ATOM   682  N NH1 . ARG B 1 8  ? -3.661  19.313  5.531   1.00 46.34 ? 6   ARG B NH1 1 
ATOM   683  N NH2 . ARG B 1 8  ? -4.058  19.178  7.781   1.00 45.92 ? 6   ARG B NH2 1 
ATOM   684  N N   . THR B 1 9  ? 0.024   15.989  2.903   1.00 31.59 ? 7   THR B N   1 
ATOM   685  C CA  . THR B 1 9  ? -0.645  16.083  1.627   1.00 30.55 ? 7   THR B CA  1 
ATOM   686  C C   . THR B 1 9  ? -2.079  15.649  1.774   1.00 30.86 ? 7   THR B C   1 
ATOM   687  O O   . THR B 1 9  ? -2.409  14.913  2.718   1.00 29.11 ? 7   THR B O   1 
ATOM   688  C CB  . THR B 1 9  ? 0.030   15.232  0.530   1.00 30.66 ? 7   THR B CB  1 
ATOM   689  O OG1 . THR B 1 9  ? -0.127  13.836  0.820   1.00 28.82 ? 7   THR B OG1 1 
ATOM   690  C CG2 . THR B 1 9  ? 1.524   15.593  0.373   1.00 30.39 ? 7   THR B CG2 1 
ATOM   691  N N   . PRO B 1 10 ? -2.946  16.107  0.850   1.00 30.52 ? 8   PRO B N   1 
ATOM   692  C CA  . PRO B 1 10 ? -4.319  15.595  0.878   1.00 30.21 ? 8   PRO B CA  1 
ATOM   693  C C   . PRO B 1 10 ? -4.394  14.056  0.814   1.00 28.08 ? 8   PRO B C   1 
ATOM   694  O O   . PRO B 1 10 ? -5.232  13.477  1.495   1.00 27.99 ? 8   PRO B O   1 
ATOM   695  C CB  . PRO B 1 10 ? -4.986  16.230  -0.367  1.00 30.64 ? 8   PRO B CB  1 
ATOM   696  C CG  . PRO B 1 10 ? -3.884  16.943  -1.126  1.00 31.68 ? 8   PRO B CG  1 
ATOM   697  C CD  . PRO B 1 10 ? -2.757  17.168  -0.165  1.00 31.53 ? 8   PRO B CD  1 
ATOM   698  N N   . GLU B 1 11 ? -3.552  13.418  0.011   1.00 26.45 ? 9   GLU B N   1 
ATOM   699  C CA  . GLU B 1 11 ? -3.618  11.958  -0.139  1.00 25.50 ? 9   GLU B CA  1 
ATOM   700  C C   . GLU B 1 11 ? -3.306  11.274  1.197   1.00 24.59 ? 9   GLU B C   1 
ATOM   701  O O   . GLU B 1 11 ? -4.044  10.366  1.632   1.00 21.43 ? 9   GLU B O   1 
ATOM   702  C CB  . GLU B 1 11 ? -2.608  11.434  -1.149  1.00 25.80 ? 9   GLU B CB  1 
ATOM   703  C CG  . GLU B 1 11 ? -2.876  11.838  -2.602  1.00 29.09 ? 9   GLU B CG  1 
ATOM   704  C CD  . GLU B 1 11 ? -2.201  13.133  -3.014  1.00 33.70 ? 9   GLU B CD  1 
ATOM   705  O OE1 . GLU B 1 11 ? -2.202  14.126  -2.240  1.00 29.33 ? 9   GLU B OE1 1 
ATOM   706  O OE2 . GLU B 1 11 ? -1.714  13.146  -4.180  1.00 39.02 ? 9   GLU B OE2 1 
ATOM   707  N N   . HIS B 1 12 ? -2.233  11.725  1.836   1.00 23.34 ? 10  HIS B N   1 
ATOM   708  C CA  . HIS B 1 12 ? -1.872  11.175  3.171   1.00 23.90 ? 10  HIS B CA  1 
ATOM   709  C C   . HIS B 1 12 ? -2.935  11.517  4.237   1.00 22.46 ? 10  HIS B C   1 
ATOM   710  O O   . HIS B 1 12 ? -3.250  10.715  5.112   1.00 21.05 ? 10  HIS B O   1 
ATOM   711  C CB  . HIS B 1 12 ? -0.491  11.676  3.600   1.00 24.29 ? 10  HIS B CB  1 
ATOM   712  C CG  . HIS B 1 12 ? 0.624   11.061  2.822   1.00 31.41 ? 10  HIS B CG  1 
ATOM   713  N ND1 . HIS B 1 12 ? 1.324   11.757  1.854   1.00 36.76 ? 10  HIS B ND1 1 
ATOM   714  C CD2 . HIS B 1 12 ? 1.137   9.802   2.836   1.00 35.72 ? 10  HIS B CD2 1 
ATOM   715  C CE1 . HIS B 1 12 ? 2.226   10.955  1.310   1.00 39.41 ? 10  HIS B CE1 1 
ATOM   716  N NE2 . HIS B 1 12 ? 2.141   9.765   1.892   1.00 38.16 ? 10  HIS B NE2 1 
ATOM   717  N N   . VAL B 1 13 ? -3.514  12.713  4.170   1.00 21.60 ? 11  VAL B N   1 
ATOM   718  C CA  . VAL B 1 13 ? -4.546  13.077  5.144   1.00 21.66 ? 11  VAL B CA  1 
ATOM   719  C C   . VAL B 1 13 ? -5.828  12.238  4.921   1.00 21.45 ? 11  VAL B C   1 
ATOM   720  O O   . VAL B 1 13 ? -6.425  11.724  5.868   1.00 20.94 ? 11  VAL B O   1 
ATOM   721  C CB  . VAL B 1 13 ? -4.879  14.604  5.122   1.00 22.45 ? 11  VAL B CB  1 
ATOM   722  C CG1 . VAL B 1 13 ? -6.145  14.887  5.909   1.00 21.16 ? 11  VAL B CG1 1 
ATOM   723  C CG2 . VAL B 1 13 ? -3.703  15.430  5.701   1.00 22.99 ? 11  VAL B CG2 1 
ATOM   724  N N   . TYR B 1 14 ? -6.211  12.080  3.665   1.00 19.62 ? 12  TYR B N   1 
ATOM   725  C CA  . TYR B 1 14 ? -7.354  11.223  3.283   1.00 18.85 ? 12  TYR B CA  1 
ATOM   726  C C   . TYR B 1 14 ? -7.092  9.754   3.707   1.00 17.52 ? 12  TYR B C   1 
ATOM   727  O O   . TYR B 1 14 ? -7.943  9.131   4.312   1.00 18.26 ? 12  TYR B O   1 
ATOM   728  C CB  . TYR B 1 14 ? -7.552  11.292  1.772   1.00 18.57 ? 12  TYR B CB  1 
ATOM   729  C CG  . TYR B 1 14 ? -8.534  10.298  1.250   1.00 18.23 ? 12  TYR B CG  1 
ATOM   730  C CD1 . TYR B 1 14 ? -9.897  10.503  1.417   1.00 21.50 ? 12  TYR B CD1 1 
ATOM   731  C CD2 . TYR B 1 14 ? -8.117  9.170   0.571   1.00 20.88 ? 12  TYR B CD2 1 
ATOM   732  C CE1 . TYR B 1 14 ? -10.834 9.581   0.940   1.00 18.44 ? 12  TYR B CE1 1 
ATOM   733  C CE2 . TYR B 1 14 ? -9.021  8.231   0.124   1.00 21.80 ? 12  TYR B CE2 1 
ATOM   734  C CZ  . TYR B 1 14 ? -10.389 8.464   0.296   1.00 21.58 ? 12  TYR B CZ  1 
ATOM   735  O OH  . TYR B 1 14 ? -11.306 7.552   -0.149  1.00 25.72 ? 12  TYR B OH  1 
ATOM   736  N N   . LEU B 1 15 ? -5.926  9.240   3.400   1.00 17.57 ? 13  LEU B N   1 
ATOM   737  C CA  . LEU B 1 15 ? -5.569  7.849   3.826   1.00 17.12 ? 13  LEU B CA  1 
ATOM   738  C C   . LEU B 1 15 ? -5.746  7.657   5.324   1.00 17.11 ? 13  LEU B C   1 
ATOM   739  O O   . LEU B 1 15 ? -6.413  6.724   5.787   1.00 16.48 ? 13  LEU B O   1 
ATOM   740  C CB  . LEU B 1 15 ? -4.159  7.502   3.426   1.00 16.52 ? 13  LEU B CB  1 
ATOM   741  C CG  . LEU B 1 15 ? -3.697  6.043   3.783   1.00 16.53 ? 13  LEU B CG  1 
ATOM   742  C CD1 . LEU B 1 15 ? -4.674  4.920   3.329   1.00 18.59 ? 13  LEU B CD1 1 
ATOM   743  C CD2 . LEU B 1 15 ? -2.288  5.828   3.276   1.00 17.90 ? 13  LEU B CD2 1 
ATOM   744  N N   A CYS B 1 16 ? -5.173  8.546   6.117   0.50 17.73 ? 14  CYS B N   1 
ATOM   745  N N   B CYS B 1 16 ? -5.134  8.558   6.071   0.50 17.83 ? 14  CYS B N   1 
ATOM   746  C CA  A CYS B 1 16 ? -5.294  8.399   7.575   0.50 18.35 ? 14  CYS B CA  1 
ATOM   747  C CA  B CYS B 1 16 ? -5.233  8.564   7.523   0.50 18.72 ? 14  CYS B CA  1 
ATOM   748  C C   A CYS B 1 16 ? -6.748  8.489   8.052   0.50 18.48 ? 14  CYS B C   1 
ATOM   749  C C   B CYS B 1 16 ? -6.696  8.509   8.010   0.50 18.63 ? 14  CYS B C   1 
ATOM   750  O O   A CYS B 1 16 ? -7.150  7.781   8.989   0.50 17.28 ? 14  CYS B O   1 
ATOM   751  O O   B CYS B 1 16 ? -7.043  7.721   8.906   0.50 17.56 ? 14  CYS B O   1 
ATOM   752  C CB  A CYS B 1 16 ? -4.393  9.404   8.295   0.50 18.77 ? 14  CYS B CB  1 
ATOM   753  C CB  B CYS B 1 16 ? -4.518  9.823   8.028   0.50 19.09 ? 14  CYS B CB  1 
ATOM   754  S SG  A CYS B 1 16 ? -2.681  9.107   7.903   0.50 21.93 ? 14  CYS B SG  1 
ATOM   755  S SG  B CYS B 1 16 ? -4.397  9.946   9.769   0.50 23.48 ? 14  CYS B SG  1 
ATOM   756  N N   . GLN B 1 17 ? -7.552  9.325   7.389   1.00 18.49 ? 15  GLN B N   1 
ATOM   757  C CA  . GLN B 1 17 ? -8.967  9.405   7.698   1.00 19.43 ? 15  GLN B CA  1 
ATOM   758  C C   . GLN B 1 17 ? -9.628  8.076   7.498   1.00 18.46 ? 15  GLN B C   1 
ATOM   759  O O   . GLN B 1 17 ? -10.366 7.598   8.361   1.00 17.91 ? 15  GLN B O   1 
ATOM   760  C CB  . GLN B 1 17 ? -9.691  10.459  6.800   1.00 20.34 ? 15  GLN B CB  1 
ATOM   761  C CG  . GLN B 1 17 ? -9.140  11.874  6.876   1.00 26.07 ? 15  GLN B CG  1 
ATOM   762  C CD  . GLN B 1 17 ? -9.994  12.917  6.098   1.00 30.06 ? 15  GLN B CD  1 
ATOM   763  O OE1 . GLN B 1 17 ? -10.774 12.567  5.177   1.00 32.68 ? 15  GLN B OE1 1 
ATOM   764  N NE2 . GLN B 1 17 ? -9.829  14.198  6.453   1.00 31.37 ? 15  GLN B NE2 1 
ATOM   765  N N   . ARG B 1 18 ? -9.338  7.473   6.343   1.00 18.43 ? 16  ARG B N   1 
ATOM   766  C CA  . ARG B 1 18 ? -9.972  6.203   5.976   1.00 17.84 ? 16  ARG B CA  1 
ATOM   767  C C   . ARG B 1 18 ? -9.505  5.070   6.879   1.00 16.96 ? 16  ARG B C   1 
ATOM   768  O O   . ARG B 1 18 ? -10.303 4.183   7.210   1.00 16.83 ? 16  ARG B O   1 
ATOM   769  C CB  . ARG B 1 18 ? -9.774  5.885   4.495   1.00 18.27 ? 16  ARG B CB  1 
ATOM   770  C CG  . ARG B 1 18 ? -10.424 6.888   3.570   1.00 18.94 ? 16  ARG B CG  1 
ATOM   771  C CD  . ARG B 1 18 ? -11.934 6.893   3.706   1.00 21.68 ? 16  ARG B CD  1 
ATOM   772  N NE  . ARG B 1 18 ? -12.550 5.586   3.448   1.00 21.60 ? 16  ARG B NE  1 
ATOM   773  C CZ  . ARG B 1 18 ? -13.107 5.202   2.292   1.00 25.86 ? 16  ARG B CZ  1 
ATOM   774  N NH1 . ARG B 1 18 ? -13.107 5.995   1.227   1.00 25.63 ? 16  ARG B NH1 1 
ATOM   775  N NH2 . ARG B 1 18 ? -13.702 4.012   2.204   1.00 27.61 ? 16  ARG B NH2 1 
ATOM   776  N N   . LEU B 1 19 ? -8.224  5.087   7.266   1.00 16.45 ? 17  LEU B N   1 
ATOM   777  C CA  . LEU B 1 19 ? -7.680  4.096   8.207   1.00 14.53 ? 17  LEU B CA  1 
ATOM   778  C C   . LEU B 1 19 ? -8.369  4.132   9.555   1.00 14.90 ? 17  LEU B C   1 
ATOM   779  O O   . LEU B 1 19 ? -8.780  3.084   10.091  1.00 16.30 ? 17  LEU B O   1 
ATOM   780  C CB  . LEU B 1 19 ? -6.170  4.283   8.348   1.00 13.92 ? 17  LEU B CB  1 
ATOM   781  C CG  . LEU B 1 19 ? -5.324  3.938   7.126   1.00 13.68 ? 17  LEU B CG  1 
ATOM   782  C CD1 . LEU B 1 19 ? -3.900  4.486   7.336   1.00 13.68 ? 17  LEU B CD1 1 
ATOM   783  C CD2 . LEU B 1 19 ? -5.236  2.424   6.808   1.00 16.53 ? 17  LEU B CD2 1 
ATOM   784  N N   . ARG B 1 20 ? -8.540  5.338   10.093  1.00 15.39 ? 18  ARG B N   1 
ATOM   785  C CA  . ARG B 1 20 ? -9.220  5.537   11.358  1.00 16.85 ? 18  ARG B CA  1 
ATOM   786  C C   . ARG B 1 20 ? -10.695 5.122   11.246  1.00 16.43 ? 18  ARG B C   1 
ATOM   787  O O   . ARG B 1 20 ? -11.215 4.457   12.127  1.00 16.35 ? 18  ARG B O   1 
ATOM   788  C CB  . ARG B 1 20 ? -9.100  7.002   11.772  1.00 17.00 ? 18  ARG B CB  1 
ATOM   789  C CG  . ARG B 1 20 ? -9.920  7.377   13.013  1.00 20.05 ? 18  ARG B CG  1 
ATOM   790  C CD  . ARG B 1 20 ? -9.383  8.675   13.721  1.00 23.56 ? 18  ARG B CD  1 
ATOM   791  N NE  . ARG B 1 20 ? -10.411 9.550   14.325  1.00 28.67 ? 18  ARG B NE  1 
ATOM   792  C CZ  . ARG B 1 20 ? -11.326 9.213   15.248  1.00 34.84 ? 18  ARG B CZ  1 
ATOM   793  N NH1 . ARG B 1 20 ? -11.432 7.972   15.712  1.00 38.20 ? 18  ARG B NH1 1 
ATOM   794  N NH2 . ARG B 1 20 ? -12.168 10.135  15.721  1.00 33.54 ? 18  ARG B NH2 1 
ATOM   795  N N   . GLN B 1 21 ? -11.333 5.510   10.145  1.00 17.33 ? 19  GLN B N   1 
ATOM   796  C CA  . GLN B 1 21 ? -12.753 5.223   9.948   1.00 17.38 ? 19  GLN B CA  1 
ATOM   797  C C   . GLN B 1 21 ? -12.988 3.722   9.798   1.00 17.25 ? 19  GLN B C   1 
ATOM   798  O O   . GLN B 1 21 ? -13.982 3.197   10.328  1.00 17.82 ? 19  GLN B O   1 
ATOM   799  C CB  . GLN B 1 21 ? -13.338 5.969   8.747   1.00 17.70 ? 19  GLN B CB  1 
ATOM   800  C CG  . GLN B 1 21 ? -14.839 6.019   8.795   1.00 21.18 ? 19  GLN B CG  1 
ATOM   801  C CD  . GLN B 1 21 ? -15.335 6.673   10.104  1.00 23.47 ? 19  GLN B CD  1 
ATOM   802  O OE1 . GLN B 1 21 ? -16.066 6.053   10.904  1.00 27.02 ? 19  GLN B OE1 1 
ATOM   803  N NE2 . GLN B 1 21 ? -14.876 7.898   10.356  1.00 22.75 ? 19  GLN B NE2 1 
ATOM   804  N N   . ALA B 1 22 ? -12.070 3.026   9.148   1.00 16.81 ? 20  ALA B N   1 
ATOM   805  C CA  . ALA B 1 22 ? -12.170 1.575   9.081   1.00 15.76 ? 20  ALA B CA  1 
ATOM   806  C C   . ALA B 1 22 ? -12.098 0.972   10.484  1.00 16.14 ? 20  ALA B C   1 
ATOM   807  O O   . ALA B 1 22 ? -12.857 0.034   10.790  1.00 17.30 ? 20  ALA B O   1 
ATOM   808  C CB  . ALA B 1 22 ? -11.113 0.938   8.149   1.00 15.73 ? 20  ALA B CB  1 
ATOM   809  N N   . ARG B 1 23 ? -11.210 1.476   11.329  1.00 15.85 ? 21  ARG B N   1 
ATOM   810  C CA  . ARG B 1 23 ? -11.089 0.979   12.692  1.00 16.11 ? 21  ARG B CA  1 
ATOM   811  C C   . ARG B 1 23 ? -12.391 1.248   13.456  1.00 16.97 ? 21  ARG B C   1 
ATOM   812  O O   . ARG B 1 23 ? -12.904 0.371   14.133  1.00 16.47 ? 21  ARG B O   1 
ATOM   813  C CB  . ARG B 1 23 ? -9.927  1.669   13.434  1.00 16.64 ? 21  ARG B CB  1 
ATOM   814  C CG  . ARG B 1 23 ? -9.824  1.254   14.871  1.00 17.66 ? 21  ARG B CG  1 
ATOM   815  C CD  . ARG B 1 23 ? -8.651  1.846   15.591  1.00 18.35 ? 21  ARG B CD  1 
ATOM   816  N NE  . ARG B 1 23 ? -8.680  3.289   15.660  1.00 18.40 ? 21  ARG B NE  1 
ATOM   817  C CZ  . ARG B 1 23 ? -9.385  4.006   16.529  1.00 20.29 ? 21  ARG B CZ  1 
ATOM   818  N NH1 . ARG B 1 23 ? -10.206 3.422   17.392  1.00 19.81 ? 21  ARG B NH1 1 
ATOM   819  N NH2 . ARG B 1 23 ? -9.292  5.328   16.508  1.00 21.80 ? 21  ARG B NH2 1 
ATOM   820  N N   . LEU B 1 24 ? -12.903 2.455   13.307  1.00 17.29 ? 22  LEU B N   1 
ATOM   821  C CA  . LEU B 1 24 ? -14.082 2.887   14.071  1.00 18.34 ? 22  LEU B CA  1 
ATOM   822  C C   . LEU B 1 24 ? -15.280 2.080   13.586  1.00 19.20 ? 22  LEU B C   1 
ATOM   823  O O   . LEU B 1 24 ? -16.073 1.609   14.399  1.00 19.86 ? 22  LEU B O   1 
ATOM   824  C CB  . LEU B 1 24 ? -14.332 4.367   13.878  1.00 18.53 ? 22  LEU B CB  1 
ATOM   825  C CG  . LEU B 1 24 ? -13.379 5.330   14.581  1.00 19.56 ? 22  LEU B CG  1 
ATOM   826  C CD1 . LEU B 1 24 ? -13.744 6.785   14.219  1.00 20.73 ? 22  LEU B CD1 1 
ATOM   827  C CD2 . LEU B 1 24 ? -13.387 5.096   16.085  1.00 21.72 ? 22  LEU B CD2 1 
ATOM   828  N N   . ASP B 1 25 ? -15.390 1.914   12.266  1.00 19.94 ? 23  ASP B N   1 
ATOM   829  C CA  . ASP B 1 25 ? -16.459 1.107   11.659  1.00 20.12 ? 23  ASP B CA  1 
ATOM   830  C C   . ASP B 1 25 ? -16.436 -0.359  12.125  1.00 20.77 ? 23  ASP B C   1 
ATOM   831  O O   . ASP B 1 25 ? -17.493 -0.994  12.182  1.00 21.85 ? 23  ASP B O   1 
ATOM   832  C CB  . ASP B 1 25 ? -16.433 1.184   10.128  1.00 19.52 ? 23  ASP B CB  1 
ATOM   833  C CG  . ASP B 1 25 ? -16.838 2.548   9.587   1.00 20.38 ? 23  ASP B CG  1 
ATOM   834  O OD1 . ASP B 1 25 ? -17.417 3.353   10.345  1.00 23.88 ? 23  ASP B OD1 1 
ATOM   835  O OD2 . ASP B 1 25 ? -16.611 2.825   8.393   1.00 20.23 ? 23  ASP B OD2 1 
ATOM   836  N N   . ALA B 1 26 ? -15.267 -0.894  12.477  1.00 20.56 ? 24  ALA B N   1 
ATOM   837  C CA  . ALA B 1 26 ? -15.160 -2.244  13.019  1.00 20.08 ? 24  ALA B CA  1 
ATOM   838  C C   . ALA B 1 26 ? -15.415 -2.309  14.532  1.00 20.21 ? 24  ALA B C   1 
ATOM   839  O O   . ALA B 1 26 ? -15.232 -3.356  15.130  1.00 20.03 ? 24  ALA B O   1 
ATOM   840  C CB  . ALA B 1 26 ? -13.744 -2.879  12.660  1.00 19.62 ? 24  ALA B CB  1 
ATOM   841  N N   . GLY B 1 27 ? -15.771 -1.189  15.151  1.00 19.77 ? 25  GLY B N   1 
ATOM   842  C CA  . GLY B 1 27 ? -15.979 -1.125  16.594  1.00 19.17 ? 25  GLY B CA  1 
ATOM   843  C C   . GLY B 1 27 ? -14.734 -1.451  17.384  1.00 18.95 ? 25  GLY B C   1 
ATOM   844  O O   . GLY B 1 27 ? -14.819 -2.040  18.470  1.00 17.55 ? 25  GLY B O   1 
ATOM   845  N N   . LEU B 1 28 ? -13.563 -1.077  16.844  1.00 18.59 ? 26  LEU B N   1 
ATOM   846  C CA  . LEU B 1 28 ? -12.281 -1.439  17.452  1.00 18.20 ? 26  LEU B CA  1 
ATOM   847  C C   . LEU B 1 28 ? -11.705 -0.201  18.102  1.00 18.67 ? 26  LEU B C   1 
ATOM   848  O O   . LEU B 1 28 ? -11.726 0.913   17.499  1.00 18.09 ? 26  LEU B O   1 
ATOM   849  C CB  . LEU B 1 28 ? -11.270 -2.016  16.415  1.00 18.32 ? 26  LEU B CB  1 
ATOM   850  C CG  . LEU B 1 28 ? -11.599 -3.343  15.720  1.00 18.79 ? 26  LEU B CG  1 
ATOM   851  C CD1 . LEU B 1 28 ? -10.608 -3.643  14.636  1.00 18.26 ? 26  LEU B CD1 1 
ATOM   852  C CD2 . LEU B 1 28 ? -11.735 -4.569  16.711  1.00 21.15 ? 26  LEU B CD2 1 
ATOM   853  N N   . THR B 1 29 ? -11.260 -0.374  19.358  1.00 17.59 ? 27  THR B N   1 
ATOM   854  C CA  . THR B 1 29 ? -10.365 0.584   19.989  1.00 18.20 ? 27  THR B CA  1 
ATOM   855  C C   . THR B 1 29 ? -8.993  0.532   19.319  1.00 17.82 ? 27  THR B C   1 
ATOM   856  O O   . THR B 1 29 ? -8.672  -0.432  18.587  1.00 17.79 ? 27  THR B O   1 
ATOM   857  C CB  . THR B 1 29 ? -10.185 0.337   21.501  1.00 17.95 ? 27  THR B CB  1 
ATOM   858  O OG1 . THR B 1 29 ? -9.537  1.476   22.051  1.00 23.69 ? 27  THR B OG1 1 
ATOM   859  C CG2 . THR B 1 29 ? -9.334  -0.864  21.788  1.00 15.16 ? 27  THR B CG2 1 
ATOM   860  N N   . GLN B 1 30 ? -8.165  1.545   19.590  1.00 18.69 ? 28  GLN B N   1 
ATOM   861  C CA  . GLN B 1 30 ? -6.813  1.531   19.025  1.00 18.41 ? 28  GLN B CA  1 
ATOM   862  C C   . GLN B 1 30 ? -6.099  0.307   19.569  1.00 17.72 ? 28  GLN B C   1 
ATOM   863  O O   . GLN B 1 30 ? -5.410  -0.351  18.829  1.00 18.74 ? 28  GLN B O   1 
ATOM   864  C CB  . GLN B 1 30 ? -6.011  2.816   19.322  1.00 18.51 ? 28  GLN B CB  1 
ATOM   865  C CG  . GLN B 1 30 ? -6.470  4.038   18.582  1.00 18.00 ? 28  GLN B CG  1 
ATOM   866  C CD  . GLN B 1 30 ? -5.586  5.238   18.841  1.00 18.21 ? 28  GLN B CD  1 
ATOM   867  O OE1 . GLN B 1 30 ? -4.950  5.314   19.877  1.00 21.31 ? 28  GLN B OE1 1 
ATOM   868  N NE2 . GLN B 1 30 ? -5.501  6.150   17.878  1.00 16.76 ? 28  GLN B NE2 1 
ATOM   869  N N   . ALA B 1 31 ? -6.301  -0.031  20.854  1.00 19.05 ? 29  ALA B N   1 
ATOM   870  C CA  . ALA B 1 31 ? -5.661  -1.222  21.442  1.00 18.34 ? 29  ALA B CA  1 
ATOM   871  C C   . ALA B 1 31 ? -6.136  -2.547  20.807  1.00 18.79 ? 29  ALA B C   1 
ATOM   872  O O   . ALA B 1 31 ? -5.352  -3.462  20.576  1.00 19.85 ? 29  ALA B O   1 
ATOM   873  C CB  . ALA B 1 31 ? -5.829  -1.232  23.007  1.00 18.23 ? 29  ALA B CB  1 
ATOM   874  N N   . ASP B 1 32 ? -7.410  -2.637  20.459  1.00 19.82 ? 30  ASP B N   1 
ATOM   875  C CA  . ASP B 1 32 ? -7.982  -3.853  19.855  1.00 19.36 ? 30  ASP B CA  1 
ATOM   876  C C   . ASP B 1 32 ? -7.387  -4.105  18.479  1.00 18.66 ? 30  ASP B C   1 
ATOM   877  O O   . ASP B 1 32 ? -7.010  -5.233  18.138  1.00 17.03 ? 30  ASP B O   1 
ATOM   878  C CB  . ASP B 1 32 ? -9.509  -3.734  19.769  1.00 19.58 ? 30  ASP B CB  1 
ATOM   879  C CG  . ASP B 1 32 ? -10.185 -3.705  21.148  1.00 22.55 ? 30  ASP B CG  1 
ATOM   880  O OD1 . ASP B 1 32 ? -9.705  -4.391  22.076  1.00 21.28 ? 30  ASP B OD1 1 
ATOM   881  O OD2 . ASP B 1 32 ? -11.198 -2.972  21.293  1.00 23.54 ? 30  ASP B OD2 1 
ATOM   882  N N   . LEU B 1 33 ? -7.273  -3.031  17.700  1.00 18.20 ? 31  LEU B N   1 
ATOM   883  C CA  . LEU B 1 33 ? -6.681  -3.119  16.403  1.00 18.91 ? 31  LEU B CA  1 
ATOM   884  C C   . LEU B 1 33 ? -5.215  -3.528  16.497  1.00 19.67 ? 31  LEU B C   1 
ATOM   885  O O   . LEU B 1 33 ? -4.772  -4.423  15.794  1.00 20.00 ? 31  LEU B O   1 
ATOM   886  C CB  . LEU B 1 33 ? -6.870  -1.806  15.605  1.00 18.89 ? 31  LEU B CB  1 
ATOM   887  C CG  . LEU B 1 33 ? -6.268  -1.865  14.208  1.00 17.22 ? 31  LEU B CG  1 
ATOM   888  C CD1 . LEU B 1 33 ? -6.874  -3.024  13.382  1.00 14.78 ? 31  LEU B CD1 1 
ATOM   889  C CD2 . LEU B 1 33 ? -6.434  -0.477  13.486  1.00 15.46 ? 31  LEU B CD2 1 
ATOM   890  N N   . ALA B 1 34 ? -4.462  -2.899  17.393  1.00 21.38 ? 32  ALA B N   1 
ATOM   891  C CA  . ALA B 1 34 ? -3.057  -3.282  17.598  1.00 22.17 ? 32  ALA B CA  1 
ATOM   892  C C   . ALA B 1 34 ? -2.869  -4.761  17.937  1.00 21.56 ? 32  ALA B C   1 
ATOM   893  O O   . ALA B 1 34 ? -1.955  -5.437  17.441  1.00 22.18 ? 32  ALA B O   1 
ATOM   894  C CB  . ALA B 1 34 ? -2.420  -2.397  18.678  1.00 22.58 ? 32  ALA B CB  1 
ATOM   895  N N   . GLU B 1 35 ? -3.751  -5.292  18.757  1.00 22.30 ? 33  GLU B N   1 
ATOM   896  C CA  . GLU B 1 35 ? -3.706  -6.711  19.078  1.00 21.98 ? 33  GLU B CA  1 
ATOM   897  C C   . GLU B 1 35 ? -3.903  -7.572  17.829  1.00 20.90 ? 33  GLU B C   1 
ATOM   898  O O   . GLU B 1 35 ? -3.147  -8.510  17.598  1.00 19.15 ? 33  GLU B O   1 
ATOM   899  C CB  . GLU B 1 35 ? -4.744  -7.031  20.151  1.00 22.89 ? 33  GLU B CB  1 
ATOM   900  C CG  . GLU B 1 35 ? -4.766  -8.487  20.524  1.00 25.68 ? 33  GLU B CG  1 
ATOM   901  C CD  . GLU B 1 35 ? -5.246  -8.742  21.919  1.00 29.04 ? 33  GLU B CD  1 
ATOM   902  O OE1 . GLU B 1 35 ? -5.529  -7.774  22.679  1.00 33.59 ? 33  GLU B OE1 1 
ATOM   903  O OE2 . GLU B 1 35 ? -5.302  -9.939  22.269  1.00 33.87 ? 33  GLU B OE2 1 
ATOM   904  N N   . ARG B 1 36 ? -4.882  -7.218  16.991  1.00 19.62 ? 34  ARG B N   1 
ATOM   905  C CA  . ARG B 1 36 ? -5.100  -7.928  15.725  1.00 19.46 ? 34  ARG B CA  1 
ATOM   906  C C   . ARG B 1 36 ? -3.920  -7.883  14.789  1.00 19.48 ? 34  ARG B C   1 
ATOM   907  O O   . ARG B 1 36 ? -3.649  -8.829  14.063  1.00 20.32 ? 34  ARG B O   1 
ATOM   908  C CB  . ARG B 1 36 ? -6.350  -7.353  15.039  1.00 19.89 ? 34  ARG B CB  1 
ATOM   909  C CG  . ARG B 1 36 ? -7.600  -7.798  15.722  1.00 18.46 ? 34  ARG B CG  1 
ATOM   910  C CD  . ARG B 1 36 ? -8.848  -7.277  15.007  1.00 20.61 ? 34  ARG B CD  1 
ATOM   911  N NE  . ARG B 1 36 ? -10.063 -7.747  15.650  1.00 19.31 ? 34  ARG B NE  1 
ATOM   912  C CZ  . ARG B 1 36 ? -11.262 -7.821  15.051  1.00 19.95 ? 34  ARG B CZ  1 
ATOM   913  N NH1 . ARG B 1 36 ? -11.410 -7.461  13.780  1.00 20.42 ? 34  ARG B NH1 1 
ATOM   914  N NH2 . ARG B 1 36 ? -12.328 -8.282  15.724  1.00 18.97 ? 34  ARG B NH2 1 
ATOM   915  N N   . LEU B 1 37 ? -3.196  -6.767  14.793  1.00 18.38 ? 35  LEU B N   1 
ATOM   916  C CA  . LEU B 1 37 ? -2.045  -6.611  13.955  1.00 18.52 ? 35  LEU B CA  1 
ATOM   917  C C   . LEU B 1 37 ? -0.754  -7.177  14.564  1.00 18.00 ? 35  LEU B C   1 
ATOM   918  O O   . LEU B 1 37 ? 0.277   -7.200  13.899  1.00 19.28 ? 35  LEU B O   1 
ATOM   919  C CB  . LEU B 1 37 ? -1.817  -5.111  13.687  1.00 18.25 ? 35  LEU B CB  1 
ATOM   920  C CG  . LEU B 1 37 ? -2.971  -4.440  12.923  1.00 17.20 ? 35  LEU B CG  1 
ATOM   921  C CD1 . LEU B 1 37 ? -2.820  -2.946  12.765  1.00 18.56 ? 35  LEU B CD1 1 
ATOM   922  C CD2 . LEU B 1 37 ? -3.166  -5.119  11.591  1.00 16.74 ? 35  LEU B CD2 1 
ATOM   923  N N   . ASP B 1 38 ? -0.830  -7.537  15.835  1.00 19.35 ? 36  ASP B N   1 
ATOM   924  C CA  . ASP B 1 38 ? 0.308   -7.947  16.658  1.00 19.08 ? 36  ASP B CA  1 
ATOM   925  C C   . ASP B 1 38 ? 1.308   -6.801  16.835  1.00 18.09 ? 36  ASP B C   1 
ATOM   926  O O   . ASP B 1 38 ? 2.517   -7.028  16.851  1.00 18.85 ? 36  ASP B O   1 
ATOM   927  C CB  . ASP B 1 38 ? 0.998   -9.184  16.091  1.00 19.02 ? 36  ASP B CB  1 
ATOM   928  C CG  . ASP B 1 38 ? 1.797   -9.923  17.139  1.00 21.23 ? 36  ASP B CG  1 
ATOM   929  O OD1 . ASP B 1 38 ? 1.307   -10.087 18.282  1.00 18.44 ? 36  ASP B OD1 1 
ATOM   930  O OD2 . ASP B 1 38 ? 2.934   -10.324 16.817  1.00 26.53 ? 36  ASP B OD2 1 
ATOM   931  N N   . LYS B 1 39 ? 0.792   -5.584  17.007  1.00 17.51 ? 37  LYS B N   1 
ATOM   932  C CA  . LYS B 1 39 ? 1.641   -4.387  17.152  1.00 16.62 ? 37  LYS B CA  1 
ATOM   933  C C   . LYS B 1 39 ? 1.253   -3.685  18.437  1.00 16.42 ? 37  LYS B C   1 
ATOM   934  O O   . LYS B 1 39 ? 0.179   -3.952  19.004  1.00 16.47 ? 37  LYS B O   1 
ATOM   935  C CB  . LYS B 1 39 ? 1.470   -3.452  15.927  1.00 17.73 ? 37  LYS B CB  1 
ATOM   936  C CG  . LYS B 1 39 ? 2.024   -4.057  14.682  1.00 20.58 ? 37  LYS B CG  1 
ATOM   937  C CD  . LYS B 1 39 ? 3.021   -3.221  13.947  1.00 24.14 ? 37  LYS B CD  1 
ATOM   938  C CE  . LYS B 1 39 ? 4.425   -3.476  14.319  1.00 28.14 ? 37  LYS B CE  1 
ATOM   939  N NZ  . LYS B 1 39 ? 5.359   -2.392  13.821  1.00 26.52 ? 37  LYS B NZ  1 
ATOM   940  N N   . PRO B 1 40 ? 2.084   -2.734  18.910  1.00 16.60 ? 38  PRO B N   1 
ATOM   941  C CA  . PRO B 1 40 ? 1.622   -1.970  20.064  1.00 17.10 ? 38  PRO B CA  1 
ATOM   942  C C   . PRO B 1 40 ? 0.530   -0.958  19.763  1.00 17.51 ? 38  PRO B C   1 
ATOM   943  O O   . PRO B 1 40 ? 0.385   -0.567  18.615  1.00 17.08 ? 38  PRO B O   1 
ATOM   944  C CB  . PRO B 1 40 ? 2.878   -1.214  20.505  1.00 17.96 ? 38  PRO B CB  1 
ATOM   945  C CG  . PRO B 1 40 ? 4.000   -1.867  19.753  1.00 18.76 ? 38  PRO B CG  1 
ATOM   946  C CD  . PRO B 1 40 ? 3.416   -2.299  18.480  1.00 16.10 ? 38  PRO B CD  1 
ATOM   947  N N   . GLN B 1 41 ? -0.181  -0.495  20.799  1.00 17.72 ? 39  GLN B N   1 
ATOM   948  C CA  . GLN B 1 41 ? -1.173  0.570   20.618  1.00 18.19 ? 39  GLN B CA  1 
ATOM   949  C C   . GLN B 1 41 ? -0.519  1.823   19.972  1.00 17.16 ? 39  GLN B C   1 
ATOM   950  O O   . GLN B 1 41 ? -1.152  2.519   19.213  1.00 16.42 ? 39  GLN B O   1 
ATOM   951  C CB  . GLN B 1 41 ? -1.839  0.940   21.951  1.00 18.58 ? 39  GLN B CB  1 
ATOM   952  C CG  . GLN B 1 41 ? -2.817  2.120   21.806  1.00 21.40 ? 39  GLN B CG  1 
ATOM   953  C CD  . GLN B 1 41 ? -3.607  2.443   23.055  1.00 25.54 ? 39  GLN B CD  1 
ATOM   954  O OE1 . GLN B 1 41 ? -3.522  1.757   24.090  1.00 28.10 ? 39  GLN B OE1 1 
ATOM   955  N NE2 . GLN B 1 41 ? -4.415  3.501   22.956  1.00 28.26 ? 39  GLN B NE2 1 
ATOM   956  N N   . SER B 1 42 ? 0.742   2.101   20.325  1.00 16.84 ? 40  SER B N   1 
ATOM   957  C CA  . SER B 1 42 ? 1.463   3.268   19.779  1.00 16.79 ? 40  SER B CA  1 
ATOM   958  C C   . SER B 1 42 ? 1.596   3.263   18.259  1.00 16.14 ? 40  SER B C   1 
ATOM   959  O O   . SER B 1 42 ? 1.527   4.318   17.634  1.00 16.52 ? 40  SER B O   1 
ATOM   960  C CB  . SER B 1 42 ? 2.838   3.409   20.451  1.00 17.40 ? 40  SER B CB  1 
ATOM   961  O OG  . SER B 1 42 ? 3.739   2.426   20.001  1.00 18.88 ? 40  SER B OG  1 
ATOM   962  N N   . PHE B 1 43 ? 1.770   2.097   17.654  1.00 16.02 ? 41  PHE B N   1 
ATOM   963  C CA  . PHE B 1 43 ? 1.752   1.983   16.213  1.00 15.01 ? 41  PHE B CA  1 
ATOM   964  C C   . PHE B 1 43 ? 0.439   2.505   15.619  1.00 15.00 ? 41  PHE B C   1 
ATOM   965  O O   . PHE B 1 43 ? 0.456   3.296   14.676  1.00 14.17 ? 41  PHE B O   1 
ATOM   966  C CB  . PHE B 1 43 ? 2.021   0.537   15.754  1.00 16.08 ? 41  PHE B CB  1 
ATOM   967  C CG  . PHE B 1 43 ? 1.776   0.287   14.271  1.00 13.32 ? 41  PHE B CG  1 
ATOM   968  C CD1 . PHE B 1 43 ? 2.744   0.601   13.322  1.00 15.05 ? 41  PHE B CD1 1 
ATOM   969  C CD2 . PHE B 1 43 ? 0.599   -0.296  13.828  1.00 14.08 ? 41  PHE B CD2 1 
ATOM   970  C CE1 . PHE B 1 43 ? 2.527   0.384   11.988  1.00 17.44 ? 41  PHE B CE1 1 
ATOM   971  C CE2 . PHE B 1 43 ? 0.384   -0.491  12.491  1.00 13.42 ? 41  PHE B CE2 1 
ATOM   972  C CZ  . PHE B 1 43 ? 1.347   -0.170  11.575  1.00 15.45 ? 41  PHE B CZ  1 
ATOM   973  N N   . VAL B 1 44 ? -0.709  2.040   16.119  1.00 14.29 ? 42  VAL B N   1 
ATOM   974  C CA  . VAL B 1 44 ? -1.985  2.501   15.611  1.00 13.97 ? 42  VAL B CA  1 
ATOM   975  C C   . VAL B 1 44 ? -2.144  3.994   15.841  1.00 13.76 ? 42  VAL B C   1 
ATOM   976  O O   . VAL B 1 44 ? -2.612  4.709   14.948  1.00 14.54 ? 42  VAL B O   1 
ATOM   977  C CB  . VAL B 1 44 ? -3.186  1.735   16.231  1.00 14.33 ? 42  VAL B CB  1 
ATOM   978  C CG1 . VAL B 1 44 ? -4.532  2.416   15.880  1.00 15.14 ? 42  VAL B CG1 1 
ATOM   979  C CG2 . VAL B 1 44 ? -3.193  0.333   15.747  1.00 16.72 ? 42  VAL B CG2 1 
ATOM   980  N N   . ALA B 1 45 ? -1.755  4.469   17.026  1.00 13.79 ? 43  ALA B N   1 
ATOM   981  C CA  . ALA B 1 45 ? -1.892  5.848   17.362  1.00 14.24 ? 43  ALA B CA  1 
ATOM   982  C C   . ALA B 1 45 ? -1.143  6.766   16.362  1.00 14.35 ? 43  ALA B C   1 
ATOM   983  O O   . ALA B 1 45 ? -1.705  7.751   15.853  1.00 15.35 ? 43  ALA B O   1 
ATOM   984  C CB  . ALA B 1 45 ? -1.389  6.095   18.815  1.00 14.91 ? 43  ALA B CB  1 
ATOM   985  N N   . LYS B 1 46 ? 0.111   6.412   16.088  1.00 14.51 ? 44  LYS B N   1 
ATOM   986  C CA  . LYS B 1 46 ? 1.032   7.241   15.277  1.00 15.38 ? 44  LYS B CA  1 
ATOM   987  C C   . LYS B 1 46 ? 0.608   7.218   13.820  1.00 14.64 ? 44  LYS B C   1 
ATOM   988  O O   . LYS B 1 46 ? 0.810   8.195   13.068  1.00 16.79 ? 44  LYS B O   1 
ATOM   989  C CB  . LYS B 1 46 ? 2.476   6.718   15.419  1.00 16.13 ? 44  LYS B CB  1 
ATOM   990  C CG  . LYS B 1 46 ? 3.138   7.069   16.747  1.00 18.42 ? 44  LYS B CG  1 
ATOM   991  C CD  . LYS B 1 46 ? 4.603   6.578   16.797  1.00 23.79 ? 44  LYS B CD  1 
ATOM   992  C CE  . LYS B 1 46 ? 5.466   7.360   17.793  1.00 28.36 ? 44  LYS B CE  1 
ATOM   993  N NZ  . LYS B 1 46 ? 5.630   6.715   19.125  1.00 28.16 ? 44  LYS B NZ  1 
ATOM   994  N N   . VAL B 1 47 ? 0.072   6.094   13.376  1.00 14.45 ? 45  VAL B N   1 
ATOM   995  C CA  . VAL B 1 47 ? -0.439  5.990   12.000  1.00 13.94 ? 45  VAL B CA  1 
ATOM   996  C C   . VAL B 1 47 ? -1.636  6.965   11.845  1.00 14.97 ? 45  VAL B C   1 
ATOM   997  O O   . VAL B 1 47 ? -1.761  7.688   10.857  1.00 16.29 ? 45  VAL B O   1 
ATOM   998  C CB  . VAL B 1 47 ? -0.875  4.517   11.609  1.00 13.83 ? 45  VAL B CB  1 
ATOM   999  C CG1 . VAL B 1 47 ? -1.735  4.507   10.327  1.00 13.82 ? 45  VAL B CG1 1 
ATOM   1000 C CG2 . VAL B 1 47 ? 0.323   3.604   11.440  1.00 14.20 ? 45  VAL B CG2 1 
ATOM   1001 N N   . GLU B 1 48 ? -2.481  7.020   12.853  1.00 16.44 ? 46  GLU B N   1 
ATOM   1002 C CA  . GLU B 1 48 ? -3.705  7.789   12.724  1.00 16.86 ? 46  GLU B CA  1 
ATOM   1003 C C   . GLU B 1 48 ? -3.412  9.283   12.932  1.00 18.92 ? 46  GLU B C   1 
ATOM   1004 O O   . GLU B 1 48 ? -4.224  10.122  12.536  1.00 19.32 ? 46  GLU B O   1 
ATOM   1005 C CB  . GLU B 1 48 ? -4.775  7.311   13.690  1.00 16.56 ? 46  GLU B CB  1 
ATOM   1006 C CG  . GLU B 1 48 ? -5.250  5.900   13.409  1.00 15.88 ? 46  GLU B CG  1 
ATOM   1007 C CD  . GLU B 1 48 ? -6.479  5.471   14.243  1.00 14.57 ? 46  GLU B CD  1 
ATOM   1008 O OE1 . GLU B 1 48 ? -6.821  6.066   15.297  1.00 15.71 ? 46  GLU B OE1 1 
ATOM   1009 O OE2 . GLU B 1 48 ? -7.092  4.480   13.849  1.00 14.66 ? 46  GLU B OE2 1 
ATOM   1010 N N   . THR B 1 49 ? -2.279  9.610   13.545  1.00 19.53 ? 47  THR B N   1 
ATOM   1011 C CA  . THR B 1 49 ? -1.845  11.010  13.637  1.00 20.51 ? 47  THR B CA  1 
ATOM   1012 C C   . THR B 1 49 ? -0.881  11.424  12.531  1.00 20.91 ? 47  THR B C   1 
ATOM   1013 O O   . THR B 1 49 ? -0.343  12.562  12.539  1.00 22.17 ? 47  THR B O   1 
ATOM   1014 C CB  . THR B 1 49 ? -1.201  11.317  14.982  1.00 20.27 ? 47  THR B CB  1 
ATOM   1015 O OG1 . THR B 1 49 ? -0.014  10.526  15.138  1.00 18.36 ? 47  THR B OG1 1 
ATOM   1016 C CG2 . THR B 1 49 ? -2.172  11.025  16.126  1.00 22.08 ? 47  THR B CG2 1 
ATOM   1017 N N   . ARG B 1 50 ? -0.663  10.532  11.581  1.00 21.67 ? 48  ARG B N   1 
ATOM   1018 C CA  . ARG B 1 50 ? 0.222   10.750  10.442  1.00 23.28 ? 48  ARG B CA  1 
ATOM   1019 C C   . ARG B 1 50 ? 1.697   10.871  10.821  1.00 23.80 ? 48  ARG B C   1 
ATOM   1020 O O   . ARG B 1 50 ? 2.501   11.422  10.051  1.00 25.77 ? 48  ARG B O   1 
ATOM   1021 C CB  . ARG B 1 50 ? -0.241  11.939  9.590   1.00 24.36 ? 48  ARG B CB  1 
ATOM   1022 C CG  . ARG B 1 50 ? -1.307  11.531  8.608   1.00 29.24 ? 48  ARG B CG  1 
ATOM   1023 C CD  . ARG B 1 50 ? -1.809  12.652  7.751   1.00 33.15 ? 48  ARG B CD  1 
ATOM   1024 N NE  . ARG B 1 50 ? -2.603  13.555  8.567   1.00 36.97 ? 48  ARG B NE  1 
ATOM   1025 C CZ  . ARG B 1 50 ? -2.200  14.756  8.983   1.00 37.01 ? 48  ARG B CZ  1 
ATOM   1026 N NH1 . ARG B 1 50 ? -1.006  15.269  8.653   1.00 35.05 ? 48  ARG B NH1 1 
ATOM   1027 N NH2 . ARG B 1 50 ? -3.019  15.450  9.738   1.00 40.07 ? 48  ARG B NH2 1 
ATOM   1028 N N   . GLU B 1 51 ? 2.058   10.412  12.002  1.00 23.07 ? 49  GLU B N   1 
ATOM   1029 C CA  . GLU B 1 51 ? 3.460   10.361  12.379  1.00 24.03 ? 49  GLU B CA  1 
ATOM   1030 C C   . GLU B 1 51 ? 4.172   9.134   11.788  1.00 24.31 ? 49  GLU B C   1 
ATOM   1031 O O   . GLU B 1 51 ? 5.391   9.064   11.810  1.00 25.43 ? 49  GLU B O   1 
ATOM   1032 C CB  . GLU B 1 51 ? 3.618   10.320  13.877  1.00 24.23 ? 49  GLU B CB  1 
ATOM   1033 C CG  . GLU B 1 51 ? 2.957   11.441  14.627  1.00 28.13 ? 49  GLU B CG  1 
ATOM   1034 C CD  . GLU B 1 51 ? 3.028   11.170  16.109  1.00 32.80 ? 49  GLU B CD  1 
ATOM   1035 O OE1 . GLU B 1 51 ? 4.170   11.029  16.613  1.00 34.35 ? 49  GLU B OE1 1 
ATOM   1036 O OE2 . GLU B 1 51 ? 1.954   11.045  16.756  1.00 36.50 ? 49  GLU B OE2 1 
ATOM   1037 N N   . ARG B 1 52 ? 3.419   8.170   11.295  1.00 23.49 ? 50  ARG B N   1 
ATOM   1038 C CA  . ARG B 1 52 ? 3.981   6.915   10.804  1.00 24.74 ? 50  ARG B CA  1 
ATOM   1039 C C   . ARG B 1 52 ? 3.269   6.637   9.508   1.00 24.78 ? 50  ARG B C   1 
ATOM   1040 O O   . ARG B 1 52 ? 2.027   6.561   9.479   1.00 26.74 ? 50  ARG B O   1 
ATOM   1041 C CB  . ARG B 1 52 ? 3.739   5.800   11.842  1.00 24.43 ? 50  ARG B CB  1 
ATOM   1042 C CG  . ARG B 1 52 ? 4.070   4.322   11.412  1.00 26.28 ? 50  ARG B CG  1 
ATOM   1043 C CD  . ARG B 1 52 ? 5.562   4.079   11.255  1.00 28.01 ? 50  ARG B CD  1 
ATOM   1044 N NE  . ARG B 1 52 ? 5.901   2.653   11.392  1.00 27.81 ? 50  ARG B NE  1 
ATOM   1045 C CZ  . ARG B 1 52 ? 5.668   1.711   10.463  1.00 29.71 ? 50  ARG B CZ  1 
ATOM   1046 N NH1 . ARG B 1 52 ? 5.082   2.003   9.278   1.00 24.37 ? 50  ARG B NH1 1 
ATOM   1047 N NH2 . ARG B 1 52 ? 6.015   0.422   10.731  1.00 26.71 ? 50  ARG B NH2 1 
ATOM   1048 N N   . ARG B 1 53 ? 4.021   6.509   8.420   1.00 25.36 ? 51  ARG B N   1 
ATOM   1049 C CA  . ARG B 1 53 ? 3.422   6.193   7.089   1.00 25.68 ? 51  ARG B CA  1 
ATOM   1050 C C   . ARG B 1 53 ? 3.385   4.691   6.962   1.00 23.80 ? 51  ARG B C   1 
ATOM   1051 O O   . ARG B 1 53 ? 4.348   4.031   7.367   1.00 24.87 ? 51  ARG B O   1 
ATOM   1052 C CB  . ARG B 1 53 ? 4.300   6.743   5.923   1.00 26.67 ? 51  ARG B CB  1 
ATOM   1053 C CG  . ARG B 1 53 ? 4.296   8.247   5.618   1.00 34.26 ? 51  ARG B CG  1 
ATOM   1054 C CD  . ARG B 1 53 ? 5.330   8.468   4.478   1.00 40.56 ? 51  ARG B CD  1 
ATOM   1055 N NE  . ARG B 1 53 ? 5.016   9.541   3.518   1.00 46.85 ? 51  ARG B NE  1 
ATOM   1056 C CZ  . ARG B 1 53 ? 5.642   10.726  3.453   1.00 50.00 ? 51  ARG B CZ  1 
ATOM   1057 N NH1 . ARG B 1 53 ? 5.298   11.621  2.521   1.00 53.13 ? 51  ARG B NH1 1 
ATOM   1058 N NH2 . ARG B 1 53 ? 6.617   11.045  4.305   1.00 52.75 ? 51  ARG B NH2 1 
ATOM   1059 N N   . LEU B 1 54 ? 2.303   4.135   6.433   1.00 22.32 ? 52  LEU B N   1 
ATOM   1060 C CA  . LEU B 1 54 ? 2.219   2.696   6.220   1.00 21.65 ? 52  LEU B CA  1 
ATOM   1061 C C   . LEU B 1 54 ? 2.841   2.315   4.908   1.00 21.02 ? 52  LEU B C   1 
ATOM   1062 O O   . LEU B 1 54 ? 2.670   3.032   3.916   1.00 22.69 ? 52  LEU B O   1 
ATOM   1063 C CB  . LEU B 1 54 ? 0.755   2.245   6.139   1.00 21.65 ? 52  LEU B CB  1 
ATOM   1064 C CG  . LEU B 1 54 ? -0.098  2.283   7.390   1.00 21.88 ? 52  LEU B CG  1 
ATOM   1065 C CD1 . LEU B 1 54 ? -1.482  1.670   7.121   1.00 22.29 ? 52  LEU B CD1 1 
ATOM   1066 C CD2 . LEU B 1 54 ? 0.578   1.649   8.509   1.00 23.46 ? 52  LEU B CD2 1 
ATOM   1067 N N   . ASP B 1 55 ? 3.472   1.150   4.847   1.00 19.62 ? 53  ASP B N   1 
ATOM   1068 C CA  . ASP B 1 55 ? 3.663   0.532   3.540   1.00 19.05 ? 53  ASP B CA  1 
ATOM   1069 C C   . ASP B 1 55 ? 2.465   -0.236  3.110   1.00 19.85 ? 53  ASP B C   1 
ATOM   1070 O O   . ASP B 1 55 ? 1.450   -0.348  3.840   1.00 18.44 ? 53  ASP B O   1 
ATOM   1071 C CB  . ASP B 1 55 ? 5.003   -0.261  3.481   1.00 21.10 ? 53  ASP B CB  1 
ATOM   1072 C CG  . ASP B 1 55 ? 4.979   -1.555  4.257   1.00 20.59 ? 53  ASP B CG  1 
ATOM   1073 O OD1 . ASP B 1 55 ? 3.924   -2.158  4.506   1.00 18.95 ? 53  ASP B OD1 1 
ATOM   1074 O OD2 . ASP B 1 55 ? 6.089   -2.035  4.591   1.00 25.37 ? 53  ASP B OD2 1 
ATOM   1075 N N   . VAL B 1 56 ? 2.534   -0.833  1.917   1.00 20.31 ? 54  VAL B N   1 
ATOM   1076 C CA  . VAL B 1 56 ? 1.407   -1.594  1.399   1.00 19.62 ? 54  VAL B CA  1 
ATOM   1077 C C   . VAL B 1 56 ? 1.017   -2.830  2.158   1.00 19.53 ? 54  VAL B C   1 
ATOM   1078 O O   . VAL B 1 56 ? -0.194  -3.192  2.256   1.00 19.47 ? 54  VAL B O   1 
ATOM   1079 C CB  . VAL B 1 56 ? 1.629   -2.005  -0.069  1.00 19.44 ? 54  VAL B CB  1 
ATOM   1080 C CG1 . VAL B 1 56 ? 0.519   -2.922  -0.511  1.00 19.96 ? 54  VAL B CG1 1 
ATOM   1081 C CG2 . VAL B 1 56 ? 1.799   -0.731  -0.928  1.00 20.68 ? 54  VAL B CG2 1 
ATOM   1082 N N   . ILE B 1 57 ? 2.023   -3.502  2.705   1.00 19.12 ? 55  ILE B N   1 
ATOM   1083 C CA  . ILE B 1 57 ? 1.790   -4.699  3.448   1.00 18.70 ? 55  ILE B CA  1 
ATOM   1084 C C   . ILE B 1 57 ? 1.080   -4.335  4.753   1.00 17.75 ? 55  ILE B C   1 
ATOM   1085 O O   . ILE B 1 57 ? 0.080   -4.968  5.101   1.00 15.81 ? 55  ILE B O   1 
ATOM   1086 C CB  . ILE B 1 57 ? 3.113   -5.463  3.711   1.00 19.05 ? 55  ILE B CB  1 
ATOM   1087 C CG1 . ILE B 1 57 ? 3.603   -6.180  2.445   1.00 23.77 ? 55  ILE B CG1 1 
ATOM   1088 C CG2 . ILE B 1 57 ? 2.891   -6.536  4.673   1.00 19.45 ? 55  ILE B CG2 1 
ATOM   1089 C CD1 . ILE B 1 57 ? 3.550   -5.392  1.288   1.00 27.55 ? 55  ILE B CD1 1 
ATOM   1090 N N   . GLU B 1 58 ? 1.562   -3.286  5.419   1.00 16.93 ? 56  GLU B N   1 
ATOM   1091 C CA  . GLU B 1 58 ? 0.912   -2.829  6.658   1.00 17.03 ? 56  GLU B CA  1 
ATOM   1092 C C   . GLU B 1 58 ? -0.564  -2.363  6.402   1.00 15.42 ? 56  GLU B C   1 
ATOM   1093 O O   . GLU B 1 58 ? -1.500  -2.681  7.153   1.00 13.91 ? 56  GLU B O   1 
ATOM   1094 C CB  . GLU B 1 58 ? 1.755   -1.721  7.284   1.00 17.39 ? 56  GLU B CB  1 
ATOM   1095 C CG  . GLU B 1 58 ? 3.069   -2.210  7.809   1.00 16.14 ? 56  GLU B CG  1 
ATOM   1096 C CD  . GLU B 1 58 ? 4.016   -1.102  8.128   1.00 19.78 ? 56  GLU B CD  1 
ATOM   1097 O OE1 . GLU B 1 58 ? 3.921   -0.026  7.551   1.00 17.38 ? 56  GLU B OE1 1 
ATOM   1098 O OE2 . GLU B 1 58 ? 4.920   -1.317  8.940   1.00 18.66 ? 56  GLU B OE2 1 
ATOM   1099 N N   . PHE B 1 59 ? -0.741  -1.640  5.289   1.00 16.52 ? 57  PHE B N   1 
ATOM   1100 C CA  . PHE B 1 59 ? -2.039  -1.238  4.799   1.00 15.53 ? 57  PHE B CA  1 
ATOM   1101 C C   . PHE B 1 59 ? -2.989  -2.447  4.624   1.00 15.50 ? 57  PHE B C   1 
ATOM   1102 O O   . PHE B 1 59 ? -4.111  -2.444  5.133   1.00 14.13 ? 57  PHE B O   1 
ATOM   1103 C CB  . PHE B 1 59 ? -1.892  -0.439  3.505   1.00 16.26 ? 57  PHE B CB  1 
ATOM   1104 C CG  . PHE B 1 59 ? -3.198  -0.050  2.875   1.00 14.71 ? 57  PHE B CG  1 
ATOM   1105 C CD1 . PHE B 1 59 ? -4.024  0.859   3.479   1.00 17.08 ? 57  PHE B CD1 1 
ATOM   1106 C CD2 . PHE B 1 59 ? -3.632  -0.662  1.697   1.00 17.74 ? 57  PHE B CD2 1 
ATOM   1107 C CE1 . PHE B 1 59 ? -5.282  1.211   2.862   1.00 16.55 ? 57  PHE B CE1 1 
ATOM   1108 C CE2 . PHE B 1 59 ? -4.847  -0.251  1.063   1.00 17.71 ? 57  PHE B CE2 1 
ATOM   1109 C CZ  . PHE B 1 59 ? -5.653  0.655   1.629   1.00 18.84 ? 57  PHE B CZ  1 
ATOM   1110 N N   . ALA B 1 60 ? -2.540  -3.472  3.918   1.00 14.36 ? 58  ALA B N   1 
ATOM   1111 C CA  . ALA B 1 60 ? -3.289  -4.714  3.750   1.00 15.55 ? 58  ALA B CA  1 
ATOM   1112 C C   . ALA B 1 60 ? -3.718  -5.371  5.073   1.00 15.42 ? 58  ALA B C   1 
ATOM   1113 O O   . ALA B 1 60 ? -4.883  -5.777  5.268   1.00 15.98 ? 58  ALA B O   1 
ATOM   1114 C CB  . ALA B 1 60 ? -2.464  -5.700  2.919   1.00 16.03 ? 58  ALA B CB  1 
ATOM   1115 N N   . LYS B 1 61 ? -2.754  -5.496  5.988   1.00 15.18 ? 59  LYS B N   1 
ATOM   1116 C CA  . LYS B 1 61 ? -3.010  -6.075  7.255   1.00 15.14 ? 59  LYS B CA  1 
ATOM   1117 C C   . LYS B 1 61 ? -4.001  -5.246  8.060   1.00 14.02 ? 59  LYS B C   1 
ATOM   1118 O O   . LYS B 1 61 ? -4.939  -5.812  8.650   1.00 15.05 ? 59  LYS B O   1 
ATOM   1119 C CB  . LYS B 1 61 ? -1.736  -6.328  8.025   1.00 16.29 ? 59  LYS B CB  1 
ATOM   1120 C CG  . LYS B 1 61 ? -0.826  -7.383  7.365   1.00 21.78 ? 59  LYS B CG  1 
ATOM   1121 C CD  . LYS B 1 61 ? 0.523   -7.450  8.065   1.00 28.57 ? 59  LYS B CD  1 
ATOM   1122 C CE  . LYS B 1 61 ? 1.495   -8.520  7.479   1.00 33.20 ? 59  LYS B CE  1 
ATOM   1123 N NZ  . LYS B 1 61 ? 2.834   -8.500  8.204   1.00 35.32 ? 59  LYS B NZ  1 
ATOM   1124 N N   . TRP B 1 62 ? -3.864  -3.919  8.028   1.00 14.90 ? 60  TRP B N   1 
ATOM   1125 C CA  . TRP B 1 62 ? -4.755  -3.013  8.775   1.00 14.65 ? 60  TRP B CA  1 
ATOM   1126 C C   . TRP B 1 62 ? -6.190  -3.122  8.262   1.00 14.26 ? 60  TRP B C   1 
ATOM   1127 O O   . TRP B 1 62 ? -7.158  -3.331  9.010   1.00 15.25 ? 60  TRP B O   1 
ATOM   1128 C CB  . TRP B 1 62 ? -4.224  -1.583  8.657   1.00 13.98 ? 60  TRP B CB  1 
ATOM   1129 C CG  . TRP B 1 62 ? -4.953  -0.492  9.330   1.00 14.47 ? 60  TRP B CG  1 
ATOM   1130 C CD1 . TRP B 1 62 ? -6.215  -0.090  9.117   1.00 13.43 ? 60  TRP B CD1 1 
ATOM   1131 C CD2 . TRP B 1 62 ? -4.399  0.410   10.291  1.00 14.85 ? 60  TRP B CD2 1 
ATOM   1132 N NE1 . TRP B 1 62 ? -6.537  0.975   9.940   1.00 13.49 ? 60  TRP B NE1 1 
ATOM   1133 C CE2 . TRP B 1 62 ? -5.434  1.312   10.663  1.00 15.38 ? 60  TRP B CE2 1 
ATOM   1134 C CE3 . TRP B 1 62 ? -3.154  0.495   10.929  1.00 14.86 ? 60  TRP B CE3 1 
ATOM   1135 C CZ2 . TRP B 1 62 ? -5.250  2.327   11.621  1.00 17.04 ? 60  TRP B CZ2 1 
ATOM   1136 C CZ3 . TRP B 1 62 ? -2.947  1.547   11.845  1.00 12.50 ? 60  TRP B CZ3 1 
ATOM   1137 C CH2 . TRP B 1 62 ? -3.983  2.428   12.188  1.00 14.73 ? 60  TRP B CH2 1 
ATOM   1138 N N   . MET B 1 63 ? -6.355  -3.001  6.947   1.00 14.84 ? 61  MET B N   1 
ATOM   1139 C CA  . MET B 1 63 ? -7.676  -3.087  6.381   1.00 15.07 ? 61  MET B CA  1 
ATOM   1140 C C   . MET B 1 63 ? -8.303  -4.495  6.595   1.00 16.22 ? 61  MET B C   1 
ATOM   1141 O O   . MET B 1 63 ? -9.480  -4.611  6.891   1.00 16.33 ? 61  MET B O   1 
ATOM   1142 C CB  . MET B 1 63 ? -7.604  -2.683  4.921   1.00 14.50 ? 61  MET B CB  1 
ATOM   1143 C CG  . MET B 1 63 ? -7.219  -1.254  4.705   1.00 14.44 ? 61  MET B CG  1 
ATOM   1144 S SD  . MET B 1 63 ? -8.196  0.029   5.546   1.00 9.24  ? 61  MET B SD  1 
ATOM   1145 C CE  . MET B 1 63 ? -9.832  -0.265  4.812   1.00 17.51 ? 61  MET B CE  1 
ATOM   1146 N N   . ALA B 1 64 ? -7.506  -5.554  6.522   1.00 16.72 ? 62  ALA B N   1 
ATOM   1147 C CA  . ALA B 1 64 ? -8.054  -6.909  6.743   1.00 18.08 ? 62  ALA B CA  1 
ATOM   1148 C C   . ALA B 1 64 ? -8.511  -7.056  8.179   1.00 18.05 ? 62  ALA B C   1 
ATOM   1149 O O   . ALA B 1 64 ? -9.559  -7.663  8.426   1.00 18.21 ? 62  ALA B O   1 
ATOM   1150 C CB  . ALA B 1 64 ? -7.038  -7.982  6.394   1.00 17.90 ? 62  ALA B CB  1 
ATOM   1151 N N   . ALA B 1 65 ? -7.701  -6.534  9.113   1.00 17.92 ? 63  ALA B N   1 
ATOM   1152 C CA  . ALA B 1 65 ? -7.985  -6.565  10.562  1.00 18.29 ? 63  ALA B CA  1 
ATOM   1153 C C   . ALA B 1 65 ? -9.232  -5.747  10.915  1.00 18.73 ? 63  ALA B C   1 
ATOM   1154 O O   . ALA B 1 65 ? -9.942  -6.085  11.876  1.00 18.99 ? 63  ALA B O   1 
ATOM   1155 C CB  . ALA B 1 65 ? -6.759  -6.088  11.414  1.00 17.98 ? 63  ALA B CB  1 
ATOM   1156 N N   . CYS B 1 66 ? -9.518  -4.721  10.104  1.00 19.56 ? 64  CYS B N   1 
ATOM   1157 C CA  . CYS B 1 66 ? -10.734 -3.911  10.246  1.00 18.96 ? 64  CYS B CA  1 
ATOM   1158 C C   . CYS B 1 66 ? -11.932 -4.460  9.454   1.00 18.65 ? 64  CYS B C   1 
ATOM   1159 O O   . CYS B 1 66 ? -12.984 -3.813  9.414   1.00 18.31 ? 64  CYS B O   1 
ATOM   1160 C CB  . CYS B 1 66 ? -10.460 -2.468  9.820   1.00 19.76 ? 64  CYS B CB  1 
ATOM   1161 S SG  . CYS B 1 66 ? -9.297  -1.579  10.879  1.00 18.26 ? 64  CYS B SG  1 
ATOM   1162 N N   . GLU B 1 67 ? -11.748 -5.591  8.763   1.00 18.06 ? 65  GLU B N   1 
ATOM   1163 C CA  . GLU B 1 67 ? -12.839 -6.204  7.958   1.00 18.31 ? 65  GLU B CA  1 
ATOM   1164 C C   . GLU B 1 67 ? -13.288 -5.245  6.817   1.00 16.73 ? 65  GLU B C   1 
ATOM   1165 O O   . GLU B 1 67 ? -14.482 -5.133  6.504   1.00 15.92 ? 65  GLU B O   1 
ATOM   1166 C CB  . GLU B 1 67 ? -14.033 -6.600  8.865   1.00 19.59 ? 65  GLU B CB  1 
ATOM   1167 C CG  . GLU B 1 67 ? -13.601 -7.358  10.157  1.00 22.80 ? 65  GLU B CG  1 
ATOM   1168 C CD  . GLU B 1 67 ? -14.753 -8.079  10.796  1.00 29.29 ? 65  GLU B CD  1 
ATOM   1169 O OE1 . GLU B 1 67 ? -14.853 -9.329  10.678  1.00 36.11 ? 65  GLU B OE1 1 
ATOM   1170 O OE2 . GLU B 1 67 ? -15.605 -7.389  11.380  1.00 35.02 ? 65  GLU B OE2 1 
ATOM   1171 N N   . GLY B 1 68 ? -12.317 -4.552  6.241   1.00 15.54 ? 66  GLY B N   1 
ATOM   1172 C CA  . GLY B 1 68 ? -12.512 -3.503  5.260   1.00 15.15 ? 66  GLY B CA  1 
ATOM   1173 C C   . GLY B 1 68 ? -11.855 -3.819  3.940   1.00 16.08 ? 66  GLY B C   1 
ATOM   1174 O O   . GLY B 1 68 ? -11.555 -2.924  3.171   1.00 15.97 ? 66  GLY B O   1 
ATOM   1175 N N   . LEU B 1 69 ? -11.613 -5.089  3.645   1.00 16.74 ? 67  LEU B N   1 
ATOM   1176 C CA  . LEU B 1 69 ? -10.929 -5.391  2.408   1.00 17.53 ? 67  LEU B CA  1 
ATOM   1177 C C   . LEU B 1 69 ? -11.858 -4.996  1.249   1.00 18.29 ? 67  LEU B C   1 
ATOM   1178 O O   . LEU B 1 69 ? -11.372 -4.717  0.134   1.00 19.82 ? 67  LEU B O   1 
ATOM   1179 C CB  . LEU B 1 69 ? -10.514 -6.875  2.365   1.00 17.76 ? 67  LEU B CB  1 
ATOM   1180 C CG  . LEU B 1 69 ? -9.254  -7.256  3.146   1.00 17.83 ? 67  LEU B CG  1 
ATOM   1181 C CD1 . LEU B 1 69 ? -9.102  -8.812  3.098   1.00 20.76 ? 67  LEU B CD1 1 
ATOM   1182 C CD2 . LEU B 1 69 ? -8.020  -6.492  2.625   1.00 17.94 ? 67  LEU B CD2 1 
ATOM   1183 N N   . ASP B 1 70 ? -13.162 -4.907  1.525   1.00 17.87 ? 68  ASP B N   1 
ATOM   1184 C CA  . ASP B 1 70 ? -14.133 -4.466  0.519   1.00 18.18 ? 68  ASP B CA  1 
ATOM   1185 C C   . ASP B 1 70 ? -14.104 -2.983  0.131   1.00 17.83 ? 68  ASP B C   1 
ATOM   1186 O O   . ASP B 1 70 ? -14.753 -2.600  -0.865  1.00 18.84 ? 68  ASP B O   1 
ATOM   1187 C CB  . ASP B 1 70 ? -15.572 -4.896  0.873   1.00 17.89 ? 68  ASP B CB  1 
ATOM   1188 C CG  . ASP B 1 70 ? -16.066 -4.334  2.242   1.00 19.01 ? 68  ASP B CG  1 
ATOM   1189 O OD1 . ASP B 1 70 ? -15.230 -3.763  2.996   1.00 17.56 ? 68  ASP B OD1 1 
ATOM   1190 O OD2 . ASP B 1 70 ? -17.281 -4.490  2.557   1.00 22.56 ? 68  ASP B OD2 1 
ATOM   1191 N N   . VAL B 1 71 ? -13.455 -2.127  0.912   1.00 17.00 ? 69  VAL B N   1 
ATOM   1192 C CA  . VAL B 1 71 ? -13.374 -0.701  0.579   1.00 15.57 ? 69  VAL B CA  1 
ATOM   1193 C C   . VAL B 1 71 ? -11.955 -0.302  0.072   1.00 16.59 ? 69  VAL B C   1 
ATOM   1194 O O   . VAL B 1 71 ? -11.751 0.837   -0.262  1.00 17.42 ? 69  VAL B O   1 
ATOM   1195 C CB  . VAL B 1 71 ? -13.824 0.200   1.791   1.00 14.85 ? 69  VAL B CB  1 
ATOM   1196 C CG1 . VAL B 1 71 ? -15.354 -0.109  2.104   1.00 17.90 ? 69  VAL B CG1 1 
ATOM   1197 C CG2 . VAL B 1 71 ? -12.893 0.075   3.023   1.00 12.79 ? 69  VAL B CG2 1 
ATOM   1198 N N   . VAL B 1 72 ? -11.043 -1.265  0.004   1.00 16.42 ? 70  VAL B N   1 
ATOM   1199 C CA  . VAL B 1 72 ? -9.658  -1.049  -0.438  1.00 17.27 ? 70  VAL B CA  1 
ATOM   1200 C C   . VAL B 1 72 ? -9.593  -0.367  -1.822  1.00 17.40 ? 70  VAL B C   1 
ATOM   1201 O O   . VAL B 1 72 ? -8.888  0.686   -2.038  1.00 16.38 ? 70  VAL B O   1 
ATOM   1202 C CB  . VAL B 1 72 ? -8.845  -2.348  -0.394  1.00 16.25 ? 70  VAL B CB  1 
ATOM   1203 C CG1 . VAL B 1 72 ? -7.571  -2.219  -1.264  1.00 17.57 ? 70  VAL B CG1 1 
ATOM   1204 C CG2 . VAL B 1 72 ? -8.428  -2.645  1.048   1.00 17.96 ? 70  VAL B CG2 1 
ATOM   1205 N N   . SER B 1 73 ? -10.353 -0.934  -2.746  1.00 18.03 ? 71  SER B N   1 
ATOM   1206 C CA  . SER B 1 73 ? -10.345 -0.464  -4.130  1.00 19.20 ? 71  SER B CA  1 
ATOM   1207 C C   . SER B 1 73 ? -10.715 1.030   -4.249  1.00 18.60 ? 71  SER B C   1 
ATOM   1208 O O   . SER B 1 73 ? -10.004 1.801   -4.901  1.00 17.81 ? 71  SER B O   1 
ATOM   1209 C CB  . SER B 1 73 ? -11.234 -1.357  -4.998  1.00 20.06 ? 71  SER B CB  1 
ATOM   1210 O OG  . SER B 1 73 ? -11.077 -0.937  -6.345  1.00 25.21 ? 71  SER B OG  1 
ATOM   1211 N N   . GLU B 1 74 ? -11.748 1.428   -3.516  1.00 17.61 ? 72  GLU B N   1 
ATOM   1212 C CA  . GLU B 1 74 ? -12.249 2.803   -3.505  1.00 18.05 ? 72  GLU B CA  1 
ATOM   1213 C C   . GLU B 1 74 ? -11.234 3.782   -2.869  1.00 17.10 ? 72  GLU B C   1 
ATOM   1214 O O   . GLU B 1 74 ? -11.021 4.878   -3.407  1.00 17.31 ? 72  GLU B O   1 
ATOM   1215 C CB  . GLU B 1 74 ? -13.544 2.843   -2.701  1.00 18.77 ? 72  GLU B CB  1 
ATOM   1216 C CG  . GLU B 1 74 ? -14.134 4.235   -2.571  1.00 24.50 ? 72  GLU B CG  1 
ATOM   1217 C CD  . GLU B 1 74 ? -15.287 4.262   -1.578  1.00 30.29 ? 72  GLU B CD  1 
ATOM   1218 O OE1 . GLU B 1 74 ? -15.101 3.898   -0.388  1.00 33.20 ? 72  GLU B OE1 1 
ATOM   1219 O OE2 . GLU B 1 74 ? -16.394 4.615   -2.002  1.00 35.24 ? 72  GLU B OE2 1 
ATOM   1220 N N   . ILE B 1 75 ? -10.639 3.383   -1.735  1.00 16.91 ? 73  ILE B N   1 
ATOM   1221 C CA  . ILE B 1 75 ? -9.619  4.192   -1.041  1.00 17.25 ? 73  ILE B CA  1 
ATOM   1222 C C   . ILE B 1 75 ? -8.426  4.418   -1.996  1.00 16.84 ? 73  ILE B C   1 
ATOM   1223 O O   . ILE B 1 75 ? -8.005  5.520   -2.221  1.00 17.61 ? 73  ILE B O   1 
ATOM   1224 C CB  . ILE B 1 75 ? -9.135  3.505   0.258   1.00 16.72 ? 73  ILE B CB  1 
ATOM   1225 C CG1 . ILE B 1 75 ? -10.239 3.539   1.321   1.00 17.31 ? 73  ILE B CG1 1 
ATOM   1226 C CG2 . ILE B 1 75 ? -7.816  4.161   0.780   1.00 17.92 ? 73  ILE B CG2 1 
ATOM   1227 C CD1 . ILE B 1 75 ? -9.977  2.665   2.454   1.00 19.04 ? 73  ILE B CD1 1 
ATOM   1228 N N   . VAL B 1 76 ? -7.933  3.359   -2.627  1.00 17.71 ? 74  VAL B N   1 
ATOM   1229 C CA  . VAL B 1 76 ? -6.727  3.478   -3.453  1.00 17.10 ? 74  VAL B CA  1 
ATOM   1230 C C   . VAL B 1 76 ? -7.009  4.247   -4.753  1.00 18.55 ? 74  VAL B C   1 
ATOM   1231 O O   . VAL B 1 76 ? -6.180  5.106   -5.218  1.00 19.28 ? 74  VAL B O   1 
ATOM   1232 C CB  . VAL B 1 76 ? -6.135  2.066   -3.708  1.00 16.79 ? 74  VAL B CB  1 
ATOM   1233 C CG1 . VAL B 1 76 ? -5.065  2.116   -4.811  1.00 15.67 ? 74  VAL B CG1 1 
ATOM   1234 C CG2 . VAL B 1 76 ? -5.502  1.501   -2.451  1.00 16.47 ? 74  VAL B CG2 1 
ATOM   1235 N N   . ALA B 1 77 ? -8.179  3.992   -5.362  1.00 19.79 ? 75  ALA B N   1 
ATOM   1236 C CA  . ALA B 1 77 ? -8.615  4.748   -6.563  1.00 20.80 ? 75  ALA B CA  1 
ATOM   1237 C C   . ALA B 1 77 ? -8.773  6.240   -6.272  1.00 21.49 ? 75  ALA B C   1 
ATOM   1238 O O   . ALA B 1 77 ? -8.324  7.083   -7.044  1.00 22.05 ? 75  ALA B O   1 
ATOM   1239 C CB  . ALA B 1 77 ? -9.931  4.147   -7.200  1.00 19.78 ? 75  ALA B CB  1 
ATOM   1240 N N   . THR B 1 78 ? -9.328  6.566   -5.107  1.00 21.77 ? 76  THR B N   1 
ATOM   1241 C CA  . THR B 1 78 ? -9.548  7.970   -4.737  1.00 21.50 ? 76  THR B CA  1 
ATOM   1242 C C   . THR B 1 78 ? -8.204  8.664   -4.585  1.00 22.58 ? 76  THR B C   1 
ATOM   1243 O O   . THR B 1 78 ? -8.027  9.774   -5.110  1.00 24.62 ? 76  THR B O   1 
ATOM   1244 C CB  . THR B 1 78 ? -10.348 8.071   -3.460  1.00 21.44 ? 76  THR B CB  1 
ATOM   1245 O OG1 . THR B 1 78 ? -11.651 7.513   -3.690  1.00 19.17 ? 76  THR B OG1 1 
ATOM   1246 C CG2 . THR B 1 78 ? -10.481 9.503   -3.016  1.00 18.15 ? 76  THR B CG2 1 
ATOM   1247 N N   . ILE B 1 79 ? -7.256  8.005   -3.940  1.00 22.61 ? 77  ILE B N   1 
ATOM   1248 C CA  . ILE B 1 79 ? -5.915  8.525   -3.811  1.00 23.47 ? 77  ILE B CA  1 
ATOM   1249 C C   . ILE B 1 79 ? -5.281  8.735   -5.171  1.00 23.50 ? 77  ILE B C   1 
ATOM   1250 O O   . ILE B 1 79 ? -4.779  9.786   -5.468  1.00 23.79 ? 77  ILE B O   1 
ATOM   1251 C CB  . ILE B 1 79 ? -5.037  7.626   -2.951  1.00 23.62 ? 77  ILE B CB  1 
ATOM   1252 C CG1 . ILE B 1 79 ? -5.463  7.701   -1.495  1.00 25.47 ? 77  ILE B CG1 1 
ATOM   1253 C CG2 . ILE B 1 79 ? -3.610  7.988   -3.106  1.00 22.37 ? 77  ILE B CG2 1 
ATOM   1254 C CD1 . ILE B 1 79 ? -4.971  6.600   -0.680  1.00 23.51 ? 77  ILE B CD1 1 
ATOM   1255 N N   . ALA B 1 80 ? -5.349  7.725   -6.008  1.00 22.64 ? 78  ALA B N   1 
ATOM   1256 C CA  . ALA B 1 80 ? -4.696  7.765   -7.294  1.00 25.45 ? 78  ALA B CA  1 
ATOM   1257 C C   . ALA B 1 80 ? -5.225  8.875   -8.190  1.00 28.57 ? 78  ALA B C   1 
ATOM   1258 O O   . ALA B 1 80 ? -4.494  9.522   -8.883  1.00 29.18 ? 78  ALA B O   1 
ATOM   1259 C CB  . ALA B 1 80 ? -4.827  6.458   -7.960  1.00 24.11 ? 78  ALA B CB  1 
ATOM   1260 N N   . GLU B 1 81 ? -6.524  9.060   -8.171  1.00 32.28 ? 79  GLU B N   1 
ATOM   1261 C CA  . GLU B 1 81 ? -7.197  10.000  -9.058  1.00 36.43 ? 79  GLU B CA  1 
ATOM   1262 C C   . GLU B 1 81 ? -7.107  11.442  -8.666  1.00 38.59 ? 79  GLU B C   1 
ATOM   1263 O O   . GLU B 1 81 ? -7.689  12.252  -9.320  1.00 40.36 ? 79  GLU B O   1 
ATOM   1264 C CB  . GLU B 1 81 ? -8.677  9.688   -9.138  1.00 37.32 ? 79  GLU B CB  1 
ATOM   1265 C CG  . GLU B 1 81 ? -9.018  8.703   -10.201 1.00 41.72 ? 79  GLU B CG  1 
ATOM   1266 C CD  . GLU B 1 81 ? -10.305 7.976   -9.929  1.00 46.50 ? 79  GLU B CD  1 
ATOM   1267 O OE1 . GLU B 1 81 ? -11.304 8.625   -9.569  1.00 51.30 ? 79  GLU B OE1 1 
ATOM   1268 O OE2 . GLU B 1 81 ? -10.307 6.742   -10.055 1.00 47.39 ? 79  GLU B OE2 1 
ATOM   1269 N N   . GLY B 1 82 ? -6.420  11.787  -7.603  1.00 41.21 ? 80  GLY B N   1 
ATOM   1270 C CA  . GLY B 1 82 ? -6.397  13.173  -7.193  1.00 42.85 ? 80  GLY B CA  1 
ATOM   1271 C C   . GLY B 1 82 ? -7.647  13.736  -6.491  1.00 43.97 ? 80  GLY B C   1 
ATOM   1272 O O   . GLY B 1 82 ? -7.755  14.947  -6.311  1.00 45.10 ? 80  GLY B O   1 
ATOM   1273 N N   . ARG B 1 83 ? -8.564  12.865  -6.073  1.00 44.15 ? 81  ARG B N   1 
ATOM   1274 C CA  . ARG B 1 83 ? -9.808  13.260  -5.412  1.00 44.37 ? 81  ARG B CA  1 
ATOM   1275 C C   . ARG B 1 83 ? -9.727  13.115  -3.883  1.00 44.62 ? 81  ARG B C   1 
ATOM   1276 O O   . ARG B 1 83 ? -10.701 13.296  -3.159  1.00 44.05 ? 81  ARG B O   1 
ATOM   1277 C CB  . ARG B 1 83 ? -10.949 12.452  -5.993  1.00 44.45 ? 81  ARG B CB  1 
ATOM   1278 C CG  . ARG B 1 83 ? -11.218 12.794  -7.448  1.00 44.78 ? 81  ARG B CG  1 
ATOM   1279 C CD  . ARG B 1 83 ? -12.320 11.957  -7.992  1.00 45.31 ? 81  ARG B CD  1 
ATOM   1280 N NE  . ARG B 1 83 ? -12.947 11.242  -6.903  1.00 47.46 ? 81  ARG B NE  1 
ATOM   1281 C CZ  . ARG B 1 83 ? -12.865 9.934   -6.706  1.00 46.00 ? 81  ARG B CZ  1 
ATOM   1282 N NH1 . ARG B 1 83 ? -13.468 9.422   -5.672  1.00 46.58 ? 81  ARG B NH1 1 
ATOM   1283 N NH2 . ARG B 1 83 ? -12.203 9.153   -7.525  1.00 45.40 ? 81  ARG B NH2 1 
ATOM   1284 N N   . ALA B 1 84 ? -8.534  12.753  -3.424  1.00 44.24 ? 82  ALA B N   1 
ATOM   1285 C CA  . ALA B 1 84 ? -8.123  12.799  -2.029  1.00 44.35 ? 82  ALA B CA  1 
ATOM   1286 C C   . ALA B 1 84 ? -8.023  14.269  -1.620  1.00 44.73 ? 82  ALA B C   1 
ATOM   1287 O O   . ALA B 1 84 ? -9.003  14.878  -1.200  1.00 44.10 ? 82  ALA B O   1 
ATOM   1288 C CB  . ALA B 1 84 ? -6.783  12.115  -1.852  1.00 43.93 ? 82  ALA B CB  1 
HETATM 1289 O O   . HOH C 2 .  ? -6.764  1.661   -13.721 1.00 15.88 ? 85  HOH A O   1 
HETATM 1290 O O   . HOH C 2 .  ? -9.241  -6.774  -7.669  1.00 14.24 ? 86  HOH A O   1 
HETATM 1291 O O   . HOH C 2 .  ? -0.267  7.853   -11.502 1.00 17.01 ? 87  HOH A O   1 
HETATM 1292 O O   . HOH C 2 .  ? 4.913   5.212   -7.302  1.00 25.86 ? 88  HOH A O   1 
HETATM 1293 O O   . HOH C 2 .  ? 5.066   -1.516  0.227   1.00 21.80 ? 89  HOH A O   1 
HETATM 1294 O O   . HOH C 2 .  ? -0.189  -7.302  -11.023 1.00 19.32 ? 90  HOH A O   1 
HETATM 1295 O O   . HOH C 2 .  ? -9.435  -3.146  -7.154  1.00 21.98 ? 91  HOH A O   1 
HETATM 1296 O O   . HOH C 2 .  ? 1.578   9.767   -10.896 1.00 27.23 ? 92  HOH A O   1 
HETATM 1297 O O   . HOH C 2 .  ? 9.424   -10.605 -6.680  1.00 19.85 ? 93  HOH A O   1 
HETATM 1298 O O   . HOH C 2 .  ? 10.187  -2.695  -3.028  1.00 26.46 ? 94  HOH A O   1 
HETATM 1299 O O   . HOH C 2 .  ? -1.333  -3.354  -15.829 1.00 16.98 ? 95  HOH A O   1 
HETATM 1300 O O   . HOH C 2 .  ? -7.639  -11.659 2.282   1.00 30.16 ? 96  HOH A O   1 
HETATM 1301 O O   . HOH C 2 .  ? -1.206  -6.967  -13.792 1.00 15.18 ? 97  HOH A O   1 
HETATM 1302 O O   . HOH C 2 .  ? -5.639  4.222   -14.348 1.00 17.12 ? 98  HOH A O   1 
HETATM 1303 O O   . HOH C 2 .  ? -8.169  -6.711  -15.646 1.00 39.99 ? 99  HOH A O   1 
HETATM 1304 O O   . HOH C 2 .  ? 7.497   -10.902 -13.498 1.00 21.92 ? 100 HOH A O   1 
HETATM 1305 O O   . HOH C 2 .  ? 13.445  1.304   -19.141 1.00 20.36 ? 101 HOH A O   1 
HETATM 1306 O O   . HOH C 2 .  ? 12.453  -8.805  5.307   1.00 32.03 ? 102 HOH A O   1 
HETATM 1307 O O   . HOH C 2 .  ? -2.452  -4.688  -14.027 1.00 26.58 ? 103 HOH A O   1 
HETATM 1308 O O   . HOH C 2 .  ? 23.172  -4.791  5.352   1.00 19.44 ? 104 HOH A O   1 
HETATM 1309 O O   . HOH C 2 .  ? 3.743   10.076  -3.350  1.00 39.82 ? 105 HOH A O   1 
HETATM 1310 O O   . HOH C 2 .  ? -5.236  -4.589  -14.524 1.00 24.52 ? 106 HOH A O   1 
HETATM 1311 O O   . HOH C 2 .  ? 3.873   9.508   -0.642  1.00 36.72 ? 107 HOH A O   1 
HETATM 1312 O O   . HOH C 2 .  ? 4.229   9.859   -8.883  1.00 29.14 ? 108 HOH A O   1 
HETATM 1313 O O   . HOH C 2 .  ? 7.487   9.268   -4.235  1.00 34.36 ? 109 HOH A O   1 
HETATM 1314 O O   . HOH C 2 .  ? -11.089 -4.893  -15.245 1.00 15.46 ? 110 HOH A O   1 
HETATM 1315 O O   . HOH C 2 .  ? -4.493  -10.019 7.918   1.00 42.45 ? 111 HOH A O   1 
HETATM 1316 O O   . HOH C 2 .  ? -6.862  -18.064 2.945   1.00 37.10 ? 112 HOH A O   1 
HETATM 1317 O O   . HOH C 2 .  ? 4.923   8.136   -6.913  1.00 25.76 ? 113 HOH A O   1 
HETATM 1318 O O   . HOH C 2 .  ? 5.682   -14.475 -1.955  1.00 26.09 ? 114 HOH A O   1 
HETATM 1319 O O   . HOH C 2 .  ? -3.742  -14.751 7.789   1.00 52.35 ? 115 HOH A O   1 
HETATM 1320 O O   . HOH C 2 .  ? 5.480   -9.304  5.517   1.00 31.06 ? 116 HOH A O   1 
HETATM 1321 O O   . HOH C 2 .  ? 7.486   -16.185 -1.201  1.00 44.91 ? 117 HOH A O   1 
HETATM 1322 O O   . HOH C 2 .  ? 12.542  8.620   -15.849 1.00 36.23 ? 118 HOH A O   1 
HETATM 1323 O O   . HOH C 2 .  ? -7.869  -1.156  -14.018 1.00 34.86 ? 119 HOH A O   1 
HETATM 1324 O O   . HOH C 2 .  ? -6.628  6.593   -12.700 1.00 27.05 ? 120 HOH A O   1 
HETATM 1325 O O   . HOH C 2 .  ? 5.732   -12.822 6.566   1.00 29.77 ? 121 HOH A O   1 
HETATM 1326 O O   . HOH C 2 .  ? 15.420  8.507   -15.688 1.00 22.49 ? 122 HOH A O   1 
HETATM 1327 O O   . HOH C 2 .  ? 15.843  6.575   -7.562  1.00 33.27 ? 123 HOH A O   1 
HETATM 1328 O O   . HOH C 2 .  ? 23.264  -2.380  -4.958  1.00 33.73 ? 124 HOH A O   1 
HETATM 1329 O O   . HOH C 2 .  ? 23.209  -5.865  -6.149  1.00 24.97 ? 125 HOH A O   1 
HETATM 1330 O O   . HOH C 2 .  ? 2.375   -11.946 -11.151 1.00 20.65 ? 126 HOH A O   1 
HETATM 1331 O O   . HOH C 2 .  ? 10.468  6.485   -21.114 1.00 43.15 ? 127 HOH A O   1 
HETATM 1332 O O   . HOH C 2 .  ? 11.033  -8.532  -7.261  1.00 21.29 ? 128 HOH A O   1 
HETATM 1333 O O   . HOH C 2 .  ? 18.694  -2.191  -0.949  1.00 19.87 ? 129 HOH A O   1 
HETATM 1334 O O   . HOH C 2 .  ? -2.398  -9.135  -12.644 1.00 26.82 ? 130 HOH A O   1 
HETATM 1335 O O   . HOH C 2 .  ? -2.457  -13.276 -6.492  1.00 30.31 ? 131 HOH A O   1 
HETATM 1336 O O   . HOH C 2 .  ? 16.745  -7.958  -5.256  1.00 23.09 ? 132 HOH A O   1 
HETATM 1337 O O   . HOH C 2 .  ? 19.024  -8.275  -5.950  1.00 24.15 ? 133 HOH A O   1 
HETATM 1338 O O   . HOH C 2 .  ? -5.476  -16.678 -3.994  1.00 38.22 ? 134 HOH A O   1 
HETATM 1339 O O   . HOH C 2 .  ? 5.381   9.945   -5.208  1.00 41.61 ? 135 HOH A O   1 
HETATM 1340 O O   . HOH C 2 .  ? 21.173  -7.019  1.176   1.00 27.77 ? 136 HOH A O   1 
HETATM 1341 O O   . HOH D 2 .  ? -11.884 -3.440  -2.418  1.00 17.33 ? 85  HOH B O   1 
HETATM 1342 O O   . HOH D 2 .  ? -14.685 2.119   6.599   1.00 17.24 ? 86  HOH B O   1 
HETATM 1343 O O   . HOH D 2 .  ? -13.979 -0.573  -2.792  1.00 16.84 ? 87  HOH B O   1 
HETATM 1344 O O   . HOH D 2 .  ? -4.509  -8.365  9.694   1.00 17.20 ? 88  HOH B O   1 
HETATM 1345 O O   . HOH D 2 .  ? -12.373 -7.787  4.942   1.00 25.18 ? 89  HOH B O   1 
HETATM 1346 O O   . HOH D 2 .  ? -14.344 -1.487  9.041   1.00 18.10 ? 90  HOH B O   1 
HETATM 1347 O O   . HOH D 2 .  ? -12.582 3.770   5.832   1.00 17.87 ? 91  HOH B O   1 
HETATM 1348 O O   . HOH D 2 .  ? -4.044  8.429   17.396  1.00 25.54 ? 92  HOH B O   1 
HETATM 1349 O O   . HOH D 2 .  ? -14.318 -0.602  6.370   1.00 18.49 ? 93  HOH B O   1 
HETATM 1350 O O   . HOH D 2 .  ? -0.651  -2.442  9.886   1.00 18.82 ? 94  HOH B O   1 
HETATM 1351 O O   . HOH D 2 .  ? -8.150  0.680   -6.669  1.00 29.23 ? 95  HOH B O   1 
HETATM 1352 O O   . HOH D 2 .  ? -8.547  -5.613  -0.666  1.00 34.15 ? 96  HOH B O   1 
HETATM 1353 O O   . HOH D 2 .  ? 4.841   -7.205  16.199  1.00 24.96 ? 97  HOH B O   1 
HETATM 1354 O O   . HOH D 2 .  ? -15.966 -2.401  5.293   1.00 21.65 ? 98  HOH B O   1 
HETATM 1355 O O   . HOH D 2 .  ? 0.228   -7.219  11.384  1.00 32.20 ? 99  HOH B O   1 
HETATM 1356 O O   . HOH D 2 .  ? -12.103 10.380  4.406   1.00 47.46 ? 100 HOH B O   1 
HETATM 1357 O O   . HOH D 2 .  ? 1.246   -4.796  9.982   1.00 26.53 ? 101 HOH B O   1 
HETATM 1358 O O   . HOH D 2 .  ? -3.303  -6.058  23.975  1.00 21.83 ? 102 HOH B O   1 
HETATM 1359 O O   . HOH D 2 .  ? -0.295  7.563   8.455   1.00 26.67 ? 103 HOH B O   1 
HETATM 1360 O O   . HOH D 2 .  ? -6.968  2.032   22.811  1.00 17.41 ? 104 HOH B O   1 
HETATM 1361 O O   . HOH D 2 .  ? 2.078   -12.532 19.326  1.00 28.79 ? 105 HOH B O   1 
HETATM 1362 O O   . HOH D 2 .  ? 3.584   -5.878  7.990   1.00 34.08 ? 106 HOH B O   1 
HETATM 1363 O O   . HOH D 2 .  ? -13.472 8.739   6.424   1.00 33.32 ? 107 HOH B O   1 
HETATM 1364 O O   . HOH D 2 .  ? -2.086  -8.939  10.979  1.00 26.02 ? 108 HOH B O   1 
HETATM 1365 O O   . HOH D 2 .  ? -11.625 9.264   10.354  1.00 26.55 ? 109 HOH B O   1 
HETATM 1366 O O   . HOH D 2 .  ? 0.877   9.278   18.648  1.00 53.48 ? 110 HOH B O   1 
HETATM 1367 O O   . HOH D 2 .  ? -2.401  8.929   -10.330 1.00 30.12 ? 111 HOH B O   1 
HETATM 1368 O O   . HOH D 2 .  ? 1.368   5.241   3.028   1.00 29.98 ? 112 HOH B O   1 
HETATM 1369 O O   . HOH D 2 .  ? -16.310 2.465   17.137  1.00 29.46 ? 113 HOH B O   1 
HETATM 1370 O O   . HOH D 2 .  ? 0.888   14.458  6.737   1.00 44.71 ? 114 HOH B O   1 
HETATM 1371 O O   . HOH D 2 .  ? -18.942 -5.512  0.676   1.00 26.31 ? 115 HOH B O   1 
HETATM 1372 O O   . HOH D 2 .  ? -10.709 -9.336  6.602   1.00 27.49 ? 116 HOH B O   1 
HETATM 1373 O O   . HOH D 2 .  ? 8.207   -2.331  3.343   1.00 43.59 ? 117 HOH B O   1 
HETATM 1374 O O   . HOH D 2 .  ? 6.780   6.775   8.784   1.00 39.24 ? 118 HOH B O   1 
HETATM 1375 O O   . HOH D 2 .  ? -9.262  4.132   21.008  1.00 26.92 ? 119 HOH B O   1 
HETATM 1376 O O   . HOH D 2 .  ? -10.357 16.388  4.578   1.00 38.37 ? 120 HOH B O   1 
# 
